data_8T7D
#
_entry.id   8T7D
#
_cell.length_a   160.592
_cell.length_b   120.991
_cell.length_c   139.274
_cell.angle_alpha   90
_cell.angle_beta   119.39
_cell.angle_gamma   90
#
_symmetry.space_group_name_H-M   'C 1 2 1'
#
loop_
_entity.id
_entity.type
_entity.pdbx_description
1 polymer 'Isocitrate dehydrogenase [NADP] cytoplasmic'
2 non-polymer N-(4-tert-butylphenyl)-7,8-dimethyl-5,11-dihydro-6H-pyrido[2,3-b][1,5]benzodiazepine-6-carboxamide
#
_entity_poly.entity_id   1
_entity_poly.type   'polypeptide(L)'
_entity_poly.pdbx_seq_one_letter_code
;MSKKISGGSVVEMQGDEMTRIIWELIKEKLIFPYVELDLHSYDLGIENRDATNDQVTKDAAEAIKKHNVGVKCATITPDE
KRVEEFKLKQMWKSPNGTIRNILGGTVFREAIICKNIPRLVSGWVKPIIIGRHAYGDQYRATDFVVPGPGKVEITYTPSD
GTQKVTYLVHNFEEGGGVAMGMYNQDKSIEDFAHSSFQMALSKGWPLYLSTKNTILKKYDGRFKDIFQEIYDKQYKSQFE
AQKIWYEHRLIDDMVAQAMKSEGGFIWACKNYDGDVQSDSVAQGYGSLGMMTSVLVCPDGKTVEAEAAHGTVTRHYRMYQ
KGQETSTNPIASIFAWTRGLAHRAKLDNNKELAFFANALEEVSIETIEAGFMTKDLAACIKGLPNVQRSDYLNTFEFMDK
LGENLKIKLAQAKLLEHHHHHHHH
;
_entity_poly.pdbx_strand_id   A,B,C,D
#
loop_
_chem_comp.id
_chem_comp.type
_chem_comp.name
_chem_comp.formula
ZT3 non-polymer N-(4-tert-butylphenyl)-7,8-dimethyl-5,11-dihydro-6H-pyrido[2,3-b][1,5]benzodiazepine-6-carboxamide 'C25 H28 N4 O'
#
# COMPACT_ATOMS: atom_id res chain seq x y z
N LYS A 3 -20.78 17.77 4.24
CA LYS A 3 -20.06 19.00 3.94
C LYS A 3 -18.56 18.83 4.23
N LYS A 4 -18.00 17.67 3.89
CA LYS A 4 -16.60 17.37 4.12
C LYS A 4 -15.69 18.08 3.14
N ILE A 5 -14.50 18.46 3.63
CA ILE A 5 -13.55 19.15 2.76
C ILE A 5 -12.86 18.14 1.87
N SER A 6 -12.79 18.41 0.56
CA SER A 6 -12.11 17.53 -0.38
C SER A 6 -10.61 17.84 -0.36
N GLY A 7 -9.85 16.99 0.31
CA GLY A 7 -8.40 17.17 0.42
C GLY A 7 -7.63 16.96 -0.88
N GLY A 8 -7.73 15.75 -1.41
CA GLY A 8 -7.04 15.38 -2.64
C GLY A 8 -6.08 14.23 -2.38
N SER A 9 -5.10 14.09 -3.27
CA SER A 9 -4.11 13.05 -3.20
C SER A 9 -3.04 13.32 -2.15
N VAL A 10 -3.04 12.54 -1.06
CA VAL A 10 -2.03 12.66 -0.01
C VAL A 10 -1.48 11.28 0.29
N VAL A 11 -0.16 11.15 0.33
CA VAL A 11 0.48 9.86 0.63
C VAL A 11 0.72 9.80 2.13
N GLU A 12 0.11 8.85 2.83
CA GLU A 12 0.30 8.72 4.27
C GLU A 12 1.04 7.46 4.61
N MET A 13 1.91 7.55 5.61
CA MET A 13 2.66 6.38 6.03
C MET A 13 2.51 6.12 7.49
N GLN A 14 2.12 4.89 7.86
CA GLN A 14 2.01 4.53 9.26
C GLN A 14 3.42 4.26 9.78
N GLY A 15 3.58 4.48 11.05
CA GLY A 15 4.87 4.31 11.70
C GLY A 15 4.92 3.16 12.68
N ASP A 16 5.65 3.36 13.77
CA ASP A 16 5.84 2.33 14.76
C ASP A 16 5.65 2.81 16.20
N GLU A 17 5.35 1.85 17.11
CA GLU A 17 5.20 2.03 18.54
C GLU A 17 4.21 3.18 18.92
N MET A 18 4.55 4.02 19.92
CA MET A 18 3.70 5.11 20.38
C MET A 18 3.34 6.09 19.29
N THR A 19 4.27 6.35 18.36
CA THR A 19 3.99 7.27 17.24
C THR A 19 2.92 6.72 16.32
N ARG A 20 2.84 5.39 16.17
CA ARG A 20 1.83 4.74 15.35
C ARG A 20 0.45 4.92 16.01
N ILE A 21 0.40 4.76 17.35
CA ILE A 21 -0.81 4.93 18.14
C ILE A 21 -1.33 6.35 18.02
N ILE A 22 -0.46 7.35 18.20
CA ILE A 22 -0.88 8.74 18.10
C ILE A 22 -1.24 9.08 16.64
N TRP A 23 -0.57 8.45 15.65
CA TRP A 23 -0.85 8.67 14.22
C TRP A 23 -2.29 8.25 13.92
N GLU A 24 -2.72 7.09 14.46
CA GLU A 24 -4.09 6.61 14.28
C GLU A 24 -5.09 7.53 14.99
N LEU A 25 -4.70 8.08 16.15
CA LEU A 25 -5.53 9.00 16.92
C LEU A 25 -5.74 10.33 16.16
N ILE A 26 -4.68 10.87 15.53
CA ILE A 26 -4.81 12.12 14.77
C ILE A 26 -5.69 11.88 13.55
N LYS A 27 -5.50 10.75 12.87
CA LYS A 27 -6.32 10.43 11.70
C LYS A 27 -7.80 10.29 12.09
N GLU A 28 -8.13 9.43 13.05
CA GLU A 28 -9.50 9.19 13.48
C GLU A 28 -10.20 10.38 14.16
N LYS A 29 -9.46 11.21 14.91
CA LYS A 29 -10.09 12.33 15.62
C LYS A 29 -10.00 13.70 14.99
N LEU A 30 -8.89 14.03 14.32
CA LEU A 30 -8.71 15.37 13.75
C LEU A 30 -8.80 15.49 12.25
N ILE A 31 -8.24 14.53 11.50
CA ILE A 31 -8.23 14.64 10.04
C ILE A 31 -9.51 14.09 9.38
N PHE A 32 -9.83 12.79 9.57
CA PHE A 32 -10.99 12.13 8.94
C PHE A 32 -12.36 12.78 9.22
N PRO A 33 -12.74 13.20 10.45
CA PRO A 33 -14.09 13.79 10.62
C PRO A 33 -14.36 15.09 9.89
N TYR A 34 -13.32 15.75 9.36
CA TYR A 34 -13.51 17.03 8.64
C TYR A 34 -13.01 16.99 7.21
N VAL A 35 -11.99 16.17 6.92
CA VAL A 35 -11.40 16.10 5.60
C VAL A 35 -11.52 14.69 4.99
N GLU A 36 -11.98 14.64 3.72
CA GLU A 36 -12.17 13.46 2.89
C GLU A 36 -10.93 13.46 1.96
N LEU A 37 -10.05 12.45 2.04
CA LEU A 37 -8.85 12.41 1.20
C LEU A 37 -8.83 11.19 0.25
N ASP A 38 -8.04 11.33 -0.84
CA ASP A 38 -7.77 10.29 -1.85
C ASP A 38 -6.43 9.75 -1.35
N LEU A 39 -6.45 9.10 -0.16
CA LEU A 39 -5.29 8.56 0.53
C LEU A 39 -4.61 7.44 -0.20
N HIS A 40 -3.31 7.40 -0.03
CA HIS A 40 -2.47 6.37 -0.58
C HIS A 40 -1.70 5.93 0.66
N SER A 41 -2.32 5.05 1.45
CA SER A 41 -1.75 4.57 2.70
C SER A 41 -0.68 3.52 2.47
N TYR A 42 0.42 3.60 3.23
CA TYR A 42 1.51 2.65 3.17
C TYR A 42 1.93 2.36 4.60
N ASP A 43 1.91 1.10 4.99
CA ASP A 43 2.26 0.72 6.34
C ASP A 43 3.77 0.56 6.45
N LEU A 44 4.44 1.49 7.13
CA LEU A 44 5.89 1.38 7.30
C LEU A 44 6.30 0.73 8.63
N GLY A 45 5.41 -0.06 9.22
CA GLY A 45 5.69 -0.77 10.47
C GLY A 45 6.79 -1.79 10.24
N ILE A 46 7.67 -2.00 11.22
CA ILE A 46 8.81 -2.92 11.11
C ILE A 46 8.39 -4.32 10.70
N GLU A 47 7.18 -4.77 11.10
CA GLU A 47 6.69 -6.09 10.74
C GLU A 47 6.31 -6.11 9.25
N ASN A 48 5.65 -5.04 8.74
CA ASN A 48 5.28 -4.98 7.33
C ASN A 48 6.51 -4.78 6.45
N ARG A 49 7.46 -3.98 6.92
CA ARG A 49 8.70 -3.72 6.21
C ARG A 49 9.50 -5.03 6.10
N ASP A 50 9.46 -5.89 7.12
CA ASP A 50 10.16 -7.15 7.11
C ASP A 50 9.44 -8.13 6.17
N ALA A 51 8.10 -8.17 6.22
CA ALA A 51 7.29 -9.05 5.39
C ALA A 51 7.42 -8.77 3.88
N THR A 52 7.50 -7.50 3.51
CA THR A 52 7.63 -7.11 2.11
C THR A 52 9.07 -6.92 1.63
N ASN A 53 10.06 -7.18 2.50
CA ASN A 53 11.48 -7.04 2.18
C ASN A 53 11.84 -5.59 1.82
N ASP A 54 11.34 -4.66 2.63
CA ASP A 54 11.52 -3.21 2.51
C ASP A 54 11.02 -2.65 1.16
N GLN A 55 10.17 -3.39 0.45
CA GLN A 55 9.64 -2.93 -0.83
C GLN A 55 8.61 -1.81 -0.64
N VAL A 56 7.87 -1.84 0.48
CA VAL A 56 6.87 -0.84 0.80
C VAL A 56 7.46 0.57 0.91
N THR A 57 8.72 0.68 1.36
CA THR A 57 9.38 1.97 1.48
C THR A 57 9.64 2.55 0.10
N LYS A 58 10.13 1.72 -0.83
CA LYS A 58 10.41 2.15 -2.19
C LYS A 58 9.10 2.54 -2.90
N ASP A 59 8.02 1.78 -2.65
CA ASP A 59 6.72 2.04 -3.23
C ASP A 59 6.15 3.35 -2.72
N ALA A 60 6.33 3.63 -1.42
CA ALA A 60 5.85 4.86 -0.80
C ALA A 60 6.61 6.06 -1.35
N ALA A 61 7.93 5.90 -1.56
CA ALA A 61 8.76 6.96 -2.10
C ALA A 61 8.35 7.28 -3.54
N GLU A 62 8.04 6.24 -4.34
CA GLU A 62 7.60 6.42 -5.71
C GLU A 62 6.25 7.12 -5.73
N ALA A 63 5.34 6.76 -4.80
CA ALA A 63 4.03 7.35 -4.68
C ALA A 63 4.13 8.83 -4.31
N ILE A 64 5.14 9.21 -3.51
CA ILE A 64 5.35 10.61 -3.14
C ILE A 64 5.80 11.35 -4.38
N LYS A 65 6.76 10.79 -5.16
CA LYS A 65 7.27 11.41 -6.38
C LYS A 65 6.13 11.63 -7.38
N LYS A 66 5.12 10.76 -7.38
CA LYS A 66 3.99 10.86 -8.27
C LYS A 66 2.91 11.85 -7.80
N HIS A 67 2.60 11.84 -6.48
CA HIS A 67 1.55 12.67 -5.94
C HIS A 67 2.01 13.94 -5.18
N ASN A 68 3.32 14.18 -5.11
CA ASN A 68 4.03 15.33 -4.52
C ASN A 68 3.80 15.62 -3.04
N VAL A 69 2.89 14.91 -2.40
CA VAL A 69 2.63 15.18 -0.98
C VAL A 69 2.74 13.91 -0.14
N GLY A 70 3.60 13.94 0.85
CA GLY A 70 3.78 12.79 1.72
C GLY A 70 3.94 13.11 3.18
N VAL A 71 3.11 12.48 4.04
CA VAL A 71 3.20 12.65 5.48
C VAL A 71 3.72 11.35 6.09
N LYS A 72 4.78 11.43 6.88
CA LYS A 72 5.39 10.24 7.47
C LYS A 72 5.37 10.21 8.98
N CYS A 73 5.13 9.02 9.53
CA CYS A 73 5.12 8.80 10.97
C CYS A 73 6.50 8.27 11.39
N ALA A 74 6.87 8.40 12.67
CA ALA A 74 8.19 7.94 13.14
C ALA A 74 8.37 6.43 13.01
N THR A 75 9.47 6.01 12.39
CA THR A 75 9.77 4.58 12.20
C THR A 75 11.10 4.21 12.87
N ILE A 76 11.25 2.95 13.20
CA ILE A 76 12.48 2.48 13.83
C ILE A 76 13.56 2.13 12.85
N THR A 77 14.79 2.58 13.14
CA THR A 77 15.93 2.24 12.32
C THR A 77 16.51 1.00 12.97
N PRO A 78 16.53 -0.12 12.24
CA PRO A 78 17.02 -1.36 12.86
C PRO A 78 18.47 -1.32 13.33
N ASP A 79 18.72 -2.05 14.40
CA ASP A 79 20.01 -2.23 15.04
C ASP A 79 20.11 -3.68 15.55
N GLU A 80 21.26 -4.08 16.04
CA GLU A 80 21.54 -5.42 16.55
C GLU A 80 20.45 -5.99 17.49
N LYS A 81 20.07 -5.21 18.51
CA LYS A 81 19.07 -5.61 19.49
C LYS A 81 17.67 -5.65 18.88
N ARG A 82 17.39 -4.76 17.90
CA ARG A 82 16.10 -4.71 17.22
C ARG A 82 15.90 -5.93 16.33
N VAL A 83 16.98 -6.40 15.68
CA VAL A 83 16.92 -7.59 14.83
C VAL A 83 16.59 -8.81 15.70
N GLU A 84 17.15 -8.89 16.91
CA GLU A 84 16.89 -9.99 17.83
C GLU A 84 15.46 -9.91 18.39
N GLU A 85 14.98 -8.69 18.65
CA GLU A 85 13.64 -8.39 19.18
C GLU A 85 12.52 -8.73 18.21
N PHE A 86 12.71 -8.43 16.93
CA PHE A 86 11.67 -8.69 15.92
C PHE A 86 11.92 -9.88 15.00
N LYS A 87 13.08 -10.57 15.16
CA LYS A 87 13.48 -11.70 14.32
C LYS A 87 13.55 -11.26 12.87
N LEU A 88 14.20 -10.10 12.62
CA LEU A 88 14.30 -9.53 11.28
C LEU A 88 15.23 -10.34 10.42
N LYS A 89 14.84 -10.49 9.14
CA LYS A 89 15.56 -11.22 8.09
C LYS A 89 16.96 -10.63 7.96
N GLN A 90 17.06 -9.30 7.93
CA GLN A 90 18.30 -8.58 7.84
C GLN A 90 18.15 -7.17 8.42
N MET A 91 19.26 -6.51 8.73
CA MET A 91 19.22 -5.16 9.28
C MET A 91 18.89 -4.18 8.15
N TRP A 92 17.58 -3.91 7.90
CA TRP A 92 17.15 -2.99 6.83
C TRP A 92 17.67 -1.58 7.04
N LYS A 93 17.82 -0.83 5.94
CA LYS A 93 18.29 0.55 6.01
C LYS A 93 17.14 1.45 6.50
N SER A 94 17.50 2.63 7.02
CA SER A 94 16.51 3.58 7.54
C SER A 94 15.53 4.00 6.45
N PRO A 95 14.22 3.89 6.70
CA PRO A 95 13.24 4.28 5.67
C PRO A 95 13.37 5.73 5.25
N ASN A 96 13.71 6.61 6.20
CA ASN A 96 13.90 8.03 5.93
C ASN A 96 15.04 8.23 4.93
N GLY A 97 16.11 7.46 5.09
CA GLY A 97 17.27 7.51 4.22
C GLY A 97 16.89 7.11 2.81
N THR A 98 16.11 6.03 2.67
CA THR A 98 15.68 5.52 1.37
C THR A 98 14.80 6.52 0.64
N ILE A 99 13.84 7.10 1.36
CA ILE A 99 12.92 8.10 0.82
C ILE A 99 13.71 9.35 0.39
N ARG A 100 14.65 9.81 1.24
CA ARG A 100 15.48 10.98 0.95
C ARG A 100 16.37 10.74 -0.27
N ASN A 101 16.86 9.50 -0.45
CA ASN A 101 17.70 9.15 -1.58
C ASN A 101 16.90 9.16 -2.88
N ILE A 102 15.69 8.60 -2.84
CA ILE A 102 14.84 8.54 -4.03
C ILE A 102 14.32 9.92 -4.44
N LEU A 103 13.80 10.69 -3.49
CA LEU A 103 13.26 12.01 -3.79
C LEU A 103 14.31 13.09 -3.96
N GLY A 104 15.25 13.18 -3.03
CA GLY A 104 16.25 14.24 -3.07
C GLY A 104 15.63 15.56 -2.66
N GLY A 105 16.45 16.42 -2.07
CA GLY A 105 16.00 17.72 -1.60
C GLY A 105 16.64 18.14 -0.29
N THR A 106 16.22 19.28 0.25
CA THR A 106 16.79 19.80 1.49
C THR A 106 15.83 19.68 2.66
N VAL A 107 16.33 19.31 3.84
CA VAL A 107 15.50 19.19 5.03
C VAL A 107 15.52 20.49 5.81
N PHE A 108 14.35 21.02 6.11
CA PHE A 108 14.18 22.25 6.85
C PHE A 108 13.49 21.93 8.17
N ARG A 109 14.11 22.32 9.29
CA ARG A 109 13.52 22.05 10.60
C ARG A 109 12.85 23.28 11.18
N GLU A 110 11.55 23.18 11.45
CA GLU A 110 10.79 24.29 12.03
C GLU A 110 10.33 23.95 13.43
N ALA A 111 10.44 24.89 14.38
CA ALA A 111 9.99 24.61 15.75
C ALA A 111 8.62 25.20 16.02
N ILE A 112 7.85 24.61 16.95
CA ILE A 112 6.52 25.13 17.28
C ILE A 112 6.66 25.98 18.54
N ILE A 113 6.38 27.29 18.46
CA ILE A 113 6.52 28.18 19.61
C ILE A 113 5.18 28.61 20.21
N CYS A 114 5.08 28.47 21.55
CA CYS A 114 3.93 28.83 22.38
C CYS A 114 4.40 29.91 23.35
N LYS A 115 3.59 30.96 23.56
CA LYS A 115 3.94 32.07 24.45
C LYS A 115 4.41 31.64 25.82
N ASN A 116 3.66 30.76 26.50
CA ASN A 116 4.00 30.27 27.84
C ASN A 116 5.20 29.32 27.86
N ILE A 117 5.48 28.64 26.75
CA ILE A 117 6.63 27.73 26.68
C ILE A 117 7.90 28.56 26.69
N PRO A 118 8.85 28.23 27.58
CA PRO A 118 10.09 29.02 27.62
C PRO A 118 11.05 28.61 26.49
N ARG A 119 11.68 29.59 25.86
CA ARG A 119 12.63 29.31 24.78
C ARG A 119 13.91 30.14 24.95
N LEU A 120 14.98 29.79 24.21
CA LEU A 120 16.22 30.57 24.27
C LEU A 120 15.93 31.90 23.55
N VAL A 121 16.60 33.00 24.00
CA VAL A 121 16.42 34.36 23.46
C VAL A 121 15.15 35.00 24.05
N SER A 122 14.00 34.30 23.99
CA SER A 122 12.69 34.73 24.51
C SER A 122 12.04 35.90 23.76
N GLY A 123 12.76 36.47 22.80
CA GLY A 123 12.25 37.54 21.96
C GLY A 123 11.68 36.99 20.63
N TRP A 124 11.86 35.68 20.37
CA TRP A 124 11.42 34.99 19.18
C TRP A 124 9.95 34.53 19.22
N VAL A 125 9.04 35.44 18.89
CA VAL A 125 7.60 35.21 18.87
C VAL A 125 7.24 34.30 17.69
N LYS A 126 7.86 34.54 16.51
CA LYS A 126 7.61 33.75 15.33
C LYS A 126 8.64 32.63 15.18
N PRO A 127 8.22 31.46 14.66
CA PRO A 127 9.18 30.35 14.52
C PRO A 127 10.27 30.57 13.49
N ILE A 128 11.39 29.88 13.69
CA ILE A 128 12.55 29.97 12.81
C ILE A 128 12.71 28.66 12.01
N ILE A 129 13.02 28.76 10.71
CA ILE A 129 13.23 27.56 9.90
C ILE A 129 14.70 27.53 9.58
N ILE A 130 15.36 26.40 9.82
CA ILE A 130 16.75 26.27 9.49
C ILE A 130 16.94 25.10 8.58
N GLY A 131 17.73 25.34 7.56
CA GLY A 131 18.04 24.32 6.58
C GLY A 131 19.53 24.21 6.40
N ARG A 132 20.07 22.98 6.43
CA ARG A 132 21.50 22.77 6.24
C ARG A 132 21.70 21.96 4.95
N HIS A 133 22.71 22.31 4.10
CA HIS A 133 22.93 21.54 2.85
C HIS A 133 23.50 20.15 3.24
N ALA A 134 23.22 19.11 2.44
CA ALA A 134 23.71 17.76 2.75
C ALA A 134 23.97 16.91 1.42
N TYR A 135 24.18 15.56 1.48
CA TYR A 135 24.41 14.74 0.30
C TYR A 135 23.24 14.79 -0.70
N ALA A 141 33.93 13.49 0.62
CA ALA A 141 34.90 13.59 1.71
C ALA A 141 35.95 12.48 1.60
N THR A 142 37.23 12.84 1.44
CA THR A 142 38.29 11.84 1.33
C THR A 142 39.42 12.18 2.28
N ASP A 143 39.74 11.27 3.19
CA ASP A 143 40.79 11.49 4.17
C ASP A 143 41.94 10.50 4.09
N PHE A 144 43.06 10.85 4.71
CA PHE A 144 44.24 9.98 4.74
C PHE A 144 45.21 10.43 5.83
N VAL A 145 45.92 9.48 6.41
CA VAL A 145 46.89 9.78 7.44
C VAL A 145 48.26 10.09 6.84
N VAL A 146 48.91 11.17 7.32
CA VAL A 146 50.24 11.57 6.89
C VAL A 146 51.22 10.96 7.89
N PRO A 147 52.01 9.95 7.48
CA PRO A 147 52.89 9.25 8.43
C PRO A 147 54.03 10.08 9.06
N GLY A 148 54.73 10.89 8.28
CA GLY A 148 55.83 11.72 8.78
C GLY A 148 55.93 13.02 8.00
N PRO A 149 57.07 13.73 8.09
CA PRO A 149 57.21 14.99 7.34
C PRO A 149 57.08 14.79 5.84
N GLY A 150 56.48 15.78 5.18
CA GLY A 150 56.30 15.72 3.74
C GLY A 150 55.65 16.97 3.19
N LYS A 151 54.96 16.85 2.05
CA LYS A 151 54.27 17.97 1.43
C LYS A 151 52.95 17.52 0.85
N VAL A 152 51.84 17.98 1.44
CA VAL A 152 50.51 17.60 0.97
C VAL A 152 50.01 18.74 0.10
N GLU A 153 49.51 18.40 -1.09
CA GLU A 153 49.01 19.39 -2.03
C GLU A 153 47.82 18.85 -2.82
N ILE A 154 46.86 19.72 -3.15
CA ILE A 154 45.70 19.30 -3.90
C ILE A 154 45.82 19.77 -5.35
N THR A 155 45.59 18.86 -6.30
CA THR A 155 45.71 19.19 -7.72
C THR A 155 44.38 19.05 -8.44
N TYR A 156 44.23 19.79 -9.54
CA TYR A 156 43.04 19.72 -10.38
C TYR A 156 43.49 19.71 -11.83
N THR A 157 43.27 18.61 -12.54
CA THR A 157 43.64 18.48 -13.93
C THR A 157 42.36 18.51 -14.76
N PRO A 158 42.08 19.60 -15.50
CA PRO A 158 40.83 19.65 -16.28
C PRO A 158 40.79 18.59 -17.39
N SER A 159 39.62 17.99 -17.64
CA SER A 159 39.48 16.95 -18.66
C SER A 159 39.17 17.53 -20.04
N ASP A 160 39.89 18.58 -20.38
CA ASP A 160 39.83 19.31 -21.65
C ASP A 160 41.22 19.90 -21.94
N GLY A 161 42.27 19.18 -21.58
CA GLY A 161 43.66 19.63 -21.75
C GLY A 161 43.92 20.70 -20.70
N THR A 162 44.02 21.96 -21.15
CA THR A 162 44.20 23.13 -20.31
C THR A 162 45.51 22.94 -19.43
N GLN A 163 45.54 23.32 -18.15
CA GLN A 163 46.74 23.16 -17.33
C GLN A 163 46.37 22.75 -15.91
N LYS A 164 47.19 21.89 -15.31
CA LYS A 164 46.95 21.43 -13.95
C LYS A 164 47.25 22.55 -12.97
N VAL A 165 46.48 22.60 -11.88
CA VAL A 165 46.72 23.63 -10.87
C VAL A 165 47.04 22.97 -9.58
N THR A 166 48.21 23.30 -9.01
CA THR A 166 48.59 22.72 -7.73
C THR A 166 48.53 23.76 -6.62
N TYR A 167 47.72 23.46 -5.65
CA TYR A 167 47.62 24.25 -4.46
C TYR A 167 48.38 23.45 -3.39
N LEU A 168 49.00 24.16 -2.43
CA LEU A 168 49.79 23.49 -1.38
C LEU A 168 48.97 23.58 -0.10
N VAL A 169 48.25 22.52 0.30
CA VAL A 169 47.43 22.59 1.51
C VAL A 169 48.30 22.77 2.74
N HIS A 170 49.44 22.09 2.80
CA HIS A 170 50.36 22.21 3.92
C HIS A 170 51.69 21.53 3.63
N ASN A 171 52.73 21.95 4.36
CA ASN A 171 54.05 21.37 4.20
C ASN A 171 54.49 20.88 5.57
N PHE A 172 54.42 19.57 5.81
CA PHE A 172 54.81 18.98 7.09
C PHE A 172 56.34 18.96 7.25
N GLU A 173 56.86 19.66 8.25
CA GLU A 173 58.30 19.71 8.48
C GLU A 173 58.72 18.85 9.68
N GLU A 174 58.07 19.03 10.84
CA GLU A 174 58.39 18.20 12.00
C GLU A 174 57.17 17.42 12.43
N GLY A 175 57.16 16.12 12.18
CA GLY A 175 56.05 15.26 12.56
C GLY A 175 55.01 15.12 11.46
N GLY A 176 54.19 14.09 11.57
CA GLY A 176 53.14 13.87 10.60
C GLY A 176 51.81 14.39 11.09
N GLY A 177 50.75 13.70 10.72
CA GLY A 177 49.41 14.10 11.13
C GLY A 177 48.35 13.44 10.28
N VAL A 178 47.41 14.25 9.78
CA VAL A 178 46.33 13.73 8.95
C VAL A 178 45.82 14.84 8.01
N ALA A 179 45.37 14.46 6.81
CA ALA A 179 44.86 15.41 5.84
C ALA A 179 43.53 14.95 5.21
N MET A 180 42.76 15.89 4.66
CA MET A 180 41.45 15.61 4.08
C MET A 180 41.18 16.47 2.85
N GLY A 181 40.19 16.08 2.07
CA GLY A 181 39.81 16.83 0.88
C GLY A 181 38.34 16.60 0.55
N MET A 182 37.53 17.65 0.46
CA MET A 182 36.13 17.47 0.10
C MET A 182 35.77 18.23 -1.18
N TYR A 183 34.51 18.16 -1.54
CA TYR A 183 34.03 18.78 -2.76
C TYR A 183 32.51 19.00 -2.71
N ASN A 184 32.02 19.84 -3.62
CA ASN A 184 30.59 20.12 -3.74
C ASN A 184 30.30 20.43 -5.20
N GLN A 185 29.43 19.66 -5.83
CA GLN A 185 29.08 19.89 -7.24
C GLN A 185 28.21 21.13 -7.35
N ASP A 186 28.17 21.76 -8.55
CA ASP A 186 27.36 22.94 -8.75
C ASP A 186 25.88 22.63 -8.75
N LYS A 187 25.49 21.45 -9.28
CA LYS A 187 24.08 21.05 -9.31
C LYS A 187 23.50 20.90 -7.91
N SER A 188 24.28 20.39 -6.96
CA SER A 188 23.79 20.23 -5.58
C SER A 188 23.55 21.59 -4.94
N ILE A 189 24.41 22.58 -5.21
CA ILE A 189 24.26 23.93 -4.68
C ILE A 189 23.06 24.61 -5.33
N GLU A 190 22.87 24.41 -6.64
CA GLU A 190 21.75 24.96 -7.38
C GLU A 190 20.43 24.40 -6.81
N ASP A 191 20.38 23.08 -6.55
CA ASP A 191 19.19 22.42 -5.99
C ASP A 191 18.90 22.91 -4.58
N PHE A 192 19.96 23.16 -3.79
CA PHE A 192 19.82 23.67 -2.42
C PHE A 192 19.26 25.08 -2.48
N ALA A 193 19.74 25.91 -3.42
CA ALA A 193 19.27 27.27 -3.58
C ALA A 193 17.78 27.26 -3.98
N HIS A 194 17.40 26.44 -4.97
CA HIS A 194 16.01 26.32 -5.41
C HIS A 194 15.11 25.87 -4.28
N SER A 195 15.54 24.86 -3.49
CA SER A 195 14.75 24.36 -2.38
C SER A 195 14.55 25.44 -1.33
N SER A 196 15.60 26.21 -1.05
CA SER A 196 15.56 27.29 -0.07
C SER A 196 14.61 28.39 -0.50
N PHE A 197 14.68 28.81 -1.77
CA PHE A 197 13.79 29.85 -2.27
C PHE A 197 12.36 29.40 -2.32
N GLN A 198 12.11 28.13 -2.72
CA GLN A 198 10.74 27.62 -2.77
C GLN A 198 10.13 27.48 -1.40
N MET A 199 10.95 27.14 -0.39
CA MET A 199 10.48 27.03 0.98
C MET A 199 10.10 28.43 1.48
N ALA A 200 10.94 29.43 1.19
CA ALA A 200 10.70 30.80 1.57
C ALA A 200 9.40 31.33 0.92
N LEU A 201 9.10 30.92 -0.33
CA LEU A 201 7.90 31.35 -1.03
C LEU A 201 6.66 30.66 -0.45
N SER A 202 6.77 29.37 -0.13
CA SER A 202 5.66 28.61 0.44
C SER A 202 5.28 29.14 1.83
N LYS A 203 6.27 29.50 2.64
CA LYS A 203 6.01 30.03 3.98
C LYS A 203 5.76 31.54 4.01
N GLY A 204 6.17 32.26 2.96
CA GLY A 204 6.02 33.70 2.87
C GLY A 204 6.94 34.46 3.80
N TRP A 205 8.16 33.93 4.02
CA TRP A 205 9.14 34.55 4.91
C TRP A 205 10.46 34.90 4.24
N PRO A 206 11.16 35.94 4.75
CA PRO A 206 12.45 36.32 4.14
C PRO A 206 13.53 35.25 4.31
N LEU A 207 14.39 35.10 3.33
CA LEU A 207 15.47 34.12 3.37
C LEU A 207 16.79 34.79 3.66
N TYR A 208 17.66 34.12 4.42
CA TYR A 208 18.96 34.63 4.77
C TYR A 208 20.00 33.52 4.64
N LEU A 209 21.01 33.70 3.77
CA LEU A 209 22.05 32.69 3.59
C LEU A 209 23.21 33.07 4.49
N SER A 210 23.57 32.20 5.42
CA SER A 210 24.64 32.48 6.36
C SER A 210 25.83 31.62 6.10
N THR A 211 26.99 32.26 5.88
CA THR A 211 28.22 31.56 5.61
C THR A 211 29.45 32.41 5.94
N LYS A 212 30.54 31.75 6.32
CA LYS A 212 31.78 32.46 6.63
C LYS A 212 32.60 32.58 5.36
N ASN A 213 32.19 33.48 4.45
CA ASN A 213 32.91 33.67 3.18
C ASN A 213 34.28 34.36 3.36
N THR A 214 34.59 34.88 4.56
CA THR A 214 35.87 35.51 4.83
C THR A 214 36.96 34.45 4.90
N ILE A 215 36.69 33.31 5.54
CA ILE A 215 37.66 32.23 5.63
C ILE A 215 37.73 31.49 4.28
N LEU A 216 36.59 30.98 3.79
CA LEU A 216 36.56 30.26 2.54
C LEU A 216 36.11 31.20 1.42
N LYS A 217 37.01 32.10 1.01
CA LYS A 217 36.72 33.11 -0.02
C LYS A 217 36.22 32.53 -1.36
N LYS A 218 36.83 31.44 -1.82
CA LYS A 218 36.43 30.82 -3.09
C LYS A 218 35.32 29.80 -2.91
N TYR A 219 35.34 29.02 -1.82
CA TYR A 219 34.33 27.99 -1.55
C TYR A 219 32.98 28.62 -1.23
N ASP A 220 32.89 29.38 -0.13
CA ASP A 220 31.67 30.06 0.29
C ASP A 220 31.29 31.19 -0.64
N GLY A 221 32.26 31.80 -1.33
CA GLY A 221 32.03 32.84 -2.32
C GLY A 221 31.25 32.28 -3.49
N ARG A 222 31.51 31.00 -3.85
CA ARG A 222 30.81 30.31 -4.93
C ARG A 222 29.36 30.15 -4.51
N PHE A 223 29.10 29.62 -3.29
CA PHE A 223 27.76 29.44 -2.73
C PHE A 223 26.92 30.73 -2.84
N LYS A 224 27.51 31.88 -2.41
CA LYS A 224 26.88 33.19 -2.47
C LYS A 224 26.59 33.59 -3.90
N ASP A 225 27.54 33.34 -4.82
CA ASP A 225 27.39 33.67 -6.23
C ASP A 225 26.23 32.90 -6.87
N ILE A 226 26.15 31.56 -6.66
CA ILE A 226 25.06 30.76 -7.23
C ILE A 226 23.72 31.22 -6.68
N PHE A 227 23.63 31.40 -5.35
CA PHE A 227 22.41 31.86 -4.69
C PHE A 227 21.94 33.20 -5.25
N GLN A 228 22.86 34.16 -5.44
CA GLN A 228 22.51 35.46 -5.98
C GLN A 228 22.10 35.36 -7.44
N GLU A 229 22.75 34.48 -8.21
CA GLU A 229 22.43 34.30 -9.62
C GLU A 229 20.99 33.81 -9.81
N ILE A 230 20.59 32.79 -9.05
CA ILE A 230 19.25 32.24 -9.13
C ILE A 230 18.21 33.21 -8.60
N TYR A 231 18.55 33.95 -7.51
CA TYR A 231 17.66 34.93 -6.92
C TYR A 231 17.34 36.03 -7.92
N ASP A 232 18.35 36.56 -8.58
CA ASP A 232 18.17 37.64 -9.53
C ASP A 232 17.50 37.19 -10.82
N LYS A 233 17.75 35.96 -11.27
CA LYS A 233 17.19 35.47 -12.51
C LYS A 233 15.73 34.98 -12.47
N GLN A 234 15.24 34.35 -11.37
CA GLN A 234 13.84 33.90 -11.36
C GLN A 234 13.01 34.31 -10.17
N TYR A 235 13.59 34.23 -8.96
CA TYR A 235 12.78 34.50 -7.76
C TYR A 235 12.71 35.96 -7.30
N LYS A 236 13.43 36.90 -7.91
CA LYS A 236 13.43 38.30 -7.46
C LYS A 236 12.05 38.96 -7.53
N SER A 237 11.35 38.79 -8.65
CA SER A 237 10.04 39.39 -8.84
C SER A 237 9.02 38.83 -7.87
N GLN A 238 9.06 37.51 -7.64
CA GLN A 238 8.17 36.81 -6.73
C GLN A 238 8.39 37.26 -5.28
N PHE A 239 9.65 37.46 -4.89
CA PHE A 239 10.03 37.91 -3.56
C PHE A 239 9.55 39.35 -3.34
N GLU A 240 9.70 40.21 -4.35
CA GLU A 240 9.28 41.60 -4.25
C GLU A 240 7.75 41.73 -4.19
N ALA A 241 7.04 40.84 -4.89
CA ALA A 241 5.57 40.83 -4.94
C ALA A 241 4.98 40.49 -3.58
N GLN A 242 5.62 39.60 -2.82
CA GLN A 242 5.13 39.20 -1.49
C GLN A 242 5.80 39.94 -0.35
N LYS A 243 6.49 41.07 -0.64
CA LYS A 243 7.20 41.89 0.34
C LYS A 243 8.35 41.18 1.07
N ILE A 244 8.75 39.98 0.60
CA ILE A 244 9.86 39.25 1.19
C ILE A 244 11.18 39.62 0.49
N TRP A 245 12.32 39.28 1.10
CA TRP A 245 13.63 39.59 0.54
C TRP A 245 14.66 38.53 0.88
N TYR A 246 15.73 38.46 0.08
CA TYR A 246 16.83 37.54 0.34
C TYR A 246 18.07 38.37 0.59
N GLU A 247 18.75 38.14 1.72
CA GLU A 247 19.96 38.86 2.06
C GLU A 247 21.03 37.88 2.56
N HIS A 248 22.23 37.96 2.00
CA HIS A 248 23.34 37.11 2.43
C HIS A 248 23.91 37.76 3.68
N ARG A 249 24.43 36.93 4.59
CA ARG A 249 25.05 37.40 5.81
C ARG A 249 26.17 36.45 6.26
N LEU A 250 27.12 36.98 7.02
CA LEU A 250 28.23 36.20 7.54
C LEU A 250 27.79 35.42 8.78
N ILE A 251 28.38 34.24 9.07
CA ILE A 251 27.92 33.47 10.26
C ILE A 251 28.01 34.28 11.57
N ASP A 252 29.09 35.06 11.77
CA ASP A 252 29.25 35.86 12.99
C ASP A 252 28.26 37.02 13.04
N ASP A 253 27.97 37.62 11.89
CA ASP A 253 27.02 38.72 11.80
C ASP A 253 25.58 38.22 11.88
N MET A 254 25.31 37.04 11.32
CA MET A 254 24.02 36.41 11.29
C MET A 254 23.51 36.03 12.67
N VAL A 255 24.37 35.45 13.53
CA VAL A 255 23.92 35.09 14.87
C VAL A 255 23.62 36.33 15.70
N ALA A 256 24.39 37.41 15.52
CA ALA A 256 24.16 38.65 16.24
C ALA A 256 22.87 39.32 15.78
N GLN A 257 22.59 39.29 14.45
CA GLN A 257 21.39 39.87 13.85
C GLN A 257 20.14 39.11 14.30
N ALA A 258 20.20 37.76 14.27
CA ALA A 258 19.12 36.86 14.62
C ALA A 258 18.70 36.93 16.08
N MET A 259 19.68 37.06 16.99
CA MET A 259 19.44 37.13 18.44
C MET A 259 18.60 38.33 18.85
N LYS A 260 18.70 39.43 18.10
CA LYS A 260 17.93 40.65 18.40
C LYS A 260 16.77 40.88 17.36
N SER A 261 16.55 39.95 16.45
CA SER A 261 15.49 40.03 15.46
C SER A 261 14.18 39.41 16.00
N GLU A 262 13.08 39.63 15.27
CA GLU A 262 11.76 39.12 15.59
C GLU A 262 11.68 37.57 15.51
N GLY A 263 11.89 37.03 14.32
CA GLY A 263 11.84 35.62 13.95
C GLY A 263 11.14 35.52 12.60
N GLY A 264 10.53 34.36 12.29
CA GLY A 264 9.81 34.20 11.04
C GLY A 264 10.66 34.44 9.81
N PHE A 265 11.84 33.79 9.76
CA PHE A 265 12.80 33.89 8.65
C PHE A 265 13.37 32.52 8.32
N ILE A 266 13.60 32.31 7.05
CA ILE A 266 14.20 31.07 6.59
C ILE A 266 15.71 31.26 6.66
N TRP A 267 16.37 30.51 7.53
CA TRP A 267 17.82 30.59 7.68
C TRP A 267 18.39 29.39 6.93
N ALA A 268 19.20 29.61 5.87
CA ALA A 268 19.84 28.55 5.11
C ALA A 268 21.31 28.63 5.50
N CYS A 269 21.80 27.62 6.21
CA CYS A 269 23.19 27.60 6.64
C CYS A 269 23.96 26.46 6.00
N LYS A 270 25.27 26.68 5.90
CA LYS A 270 26.17 25.72 5.29
C LYS A 270 26.67 24.69 6.29
N ASN A 271 26.53 23.41 5.92
CA ASN A 271 27.01 22.33 6.77
C ASN A 271 28.45 22.10 6.35
N TYR A 272 29.37 22.85 6.99
CA TYR A 272 30.82 22.86 6.79
C TYR A 272 31.24 22.65 5.33
N TYR A 285 19.28 15.40 18.45
CA TYR A 285 18.83 16.77 18.19
C TYR A 285 17.85 17.26 19.29
N GLY A 286 17.13 18.36 19.05
CA GLY A 286 16.16 18.89 20.00
C GLY A 286 14.88 18.08 19.91
N SER A 287 14.94 16.82 20.36
CA SER A 287 13.87 15.85 20.34
C SER A 287 12.90 16.03 21.52
N LEU A 288 12.43 17.26 21.73
CA LEU A 288 11.47 17.56 22.79
C LEU A 288 10.00 17.38 22.31
N GLY A 289 9.81 16.96 21.05
CA GLY A 289 8.49 16.76 20.45
C GLY A 289 7.87 18.05 19.96
N MET A 290 8.69 19.07 19.68
CA MET A 290 8.19 20.37 19.21
C MET A 290 8.94 20.84 17.96
N MET A 291 9.18 19.90 17.02
CA MET A 291 9.89 20.25 15.80
C MET A 291 9.47 19.39 14.62
N THR A 292 9.48 19.97 13.42
CA THR A 292 9.14 19.25 12.20
C THR A 292 10.42 18.99 11.36
N SER A 293 10.35 18.17 10.31
CA SER A 293 11.50 17.83 9.48
C SER A 293 11.03 17.81 8.01
N VAL A 294 10.60 18.96 7.50
CA VAL A 294 10.05 19.04 6.15
C VAL A 294 11.11 18.94 5.04
N LEU A 295 11.01 17.90 4.20
CA LEU A 295 11.93 17.70 3.10
C LEU A 295 11.36 18.39 1.88
N VAL A 296 12.05 19.42 1.37
CA VAL A 296 11.61 20.16 0.20
C VAL A 296 12.45 19.83 -1.00
N CYS A 297 11.83 19.33 -2.07
CA CYS A 297 12.55 18.96 -3.27
C CYS A 297 12.86 20.20 -4.12
N PRO A 298 13.95 20.20 -4.91
CA PRO A 298 14.27 21.41 -5.72
C PRO A 298 13.18 21.87 -6.68
N ASP A 299 12.30 20.98 -7.14
CA ASP A 299 11.20 21.37 -8.04
C ASP A 299 10.15 22.28 -7.38
N GLY A 300 10.08 22.27 -6.06
CA GLY A 300 9.14 23.08 -5.29
C GLY A 300 7.69 22.61 -5.33
N LYS A 301 7.50 21.35 -5.71
CA LYS A 301 6.19 20.74 -5.82
C LYS A 301 6.09 19.50 -4.95
N THR A 302 7.19 18.74 -4.78
CA THR A 302 7.19 17.55 -3.95
C THR A 302 7.70 17.85 -2.53
N VAL A 303 6.90 17.48 -1.53
CA VAL A 303 7.22 17.70 -0.12
C VAL A 303 7.15 16.36 0.65
N GLU A 304 7.78 16.31 1.82
CA GLU A 304 7.80 15.13 2.67
C GLU A 304 7.88 15.63 4.10
N ALA A 305 6.74 15.64 4.78
CA ALA A 305 6.68 16.15 6.14
C ALA A 305 6.68 15.03 7.16
N GLU A 306 7.43 15.21 8.26
CA GLU A 306 7.52 14.24 9.37
C GLU A 306 7.92 14.94 10.67
N ALA A 307 7.74 14.25 11.81
CA ALA A 307 8.09 14.82 13.11
C ALA A 307 9.59 14.59 13.39
N ALA A 308 10.25 15.51 14.09
CA ALA A 308 11.67 15.37 14.40
C ALA A 308 11.98 14.27 15.42
N HIS A 309 11.10 14.10 16.43
CA HIS A 309 11.27 13.10 17.48
C HIS A 309 11.29 11.64 16.96
N GLY A 310 11.69 10.73 17.84
CA GLY A 310 11.75 9.32 17.52
C GLY A 310 10.43 8.61 17.75
N THR A 311 10.48 7.27 17.82
CA THR A 311 9.27 6.44 17.99
C THR A 311 8.66 6.46 19.40
N VAL A 312 9.38 7.04 20.37
CA VAL A 312 8.96 7.13 21.77
C VAL A 312 8.74 5.70 22.32
N THR A 313 9.83 4.90 22.35
CA THR A 313 9.78 3.52 22.83
C THR A 313 9.47 3.44 24.31
N ARG A 314 10.01 4.36 25.09
CA ARG A 314 9.80 4.43 26.55
C ARG A 314 8.31 4.46 26.89
N HIS A 315 7.53 5.30 26.20
CA HIS A 315 6.09 5.39 26.44
C HIS A 315 5.35 4.17 25.89
N TYR A 316 5.85 3.58 24.80
CA TYR A 316 5.25 2.41 24.22
C TYR A 316 5.33 1.22 25.17
N ARG A 317 6.44 1.11 25.93
CA ARG A 317 6.59 0.02 26.89
C ARG A 317 5.57 0.17 28.02
N MET A 318 5.33 1.42 28.46
CA MET A 318 4.34 1.70 29.48
C MET A 318 2.95 1.39 28.94
N TYR A 319 2.68 1.72 27.67
CA TYR A 319 1.41 1.46 27.01
C TYR A 319 1.14 -0.04 26.98
N GLN A 320 2.19 -0.85 26.68
CA GLN A 320 2.10 -2.31 26.65
C GLN A 320 1.80 -2.85 28.04
N LYS A 321 2.39 -2.25 29.08
CA LYS A 321 2.18 -2.66 30.46
C LYS A 321 0.84 -2.16 31.03
N GLY A 322 0.13 -1.31 30.32
CA GLY A 322 -1.14 -0.75 30.76
C GLY A 322 -1.00 0.51 31.62
N GLN A 323 0.19 1.09 31.68
CA GLN A 323 0.46 2.30 32.46
C GLN A 323 0.01 3.55 31.71
N GLU A 324 -0.26 4.62 32.46
CA GLU A 324 -0.68 5.90 31.90
C GLU A 324 0.49 6.55 31.17
N THR A 325 0.25 7.08 29.96
CA THR A 325 1.29 7.72 29.18
C THR A 325 0.90 9.16 28.83
N SER A 326 1.89 10.07 28.79
CA SER A 326 1.63 11.45 28.43
C SER A 326 2.56 11.83 27.29
N THR A 327 2.15 11.52 26.06
CA THR A 327 2.97 11.80 24.88
C THR A 327 2.51 13.05 24.12
N ASN A 328 3.47 13.81 23.61
CA ASN A 328 3.17 15.03 22.85
C ASN A 328 2.92 14.75 21.40
N PRO A 329 1.69 14.99 20.93
CA PRO A 329 1.39 14.72 19.52
C PRO A 329 1.55 15.93 18.60
N ILE A 330 1.90 17.10 19.15
CA ILE A 330 2.05 18.35 18.38
C ILE A 330 2.94 18.19 17.15
N ALA A 331 4.14 17.59 17.28
CA ALA A 331 5.02 17.42 16.11
C ALA A 331 4.33 16.58 15.01
N SER A 332 3.63 15.50 15.40
CA SER A 332 2.95 14.65 14.45
C SER A 332 1.75 15.36 13.79
N ILE A 333 1.04 16.19 14.56
CA ILE A 333 -0.09 16.95 14.05
C ILE A 333 0.42 17.98 13.06
N PHE A 334 1.49 18.69 13.41
CA PHE A 334 2.08 19.70 12.55
C PHE A 334 2.64 19.11 11.26
N ALA A 335 3.06 17.82 11.28
CA ALA A 335 3.55 17.12 10.11
C ALA A 335 2.38 16.94 9.11
N TRP A 336 1.16 16.70 9.61
CA TRP A 336 -0.05 16.55 8.83
C TRP A 336 -0.45 17.92 8.28
N THR A 337 -0.47 18.97 9.14
CA THR A 337 -0.86 20.31 8.73
C THR A 337 0.03 20.88 7.64
N ARG A 338 1.33 20.63 7.68
CA ARG A 338 2.24 21.14 6.66
C ARG A 338 2.01 20.45 5.32
N GLY A 339 1.78 19.14 5.36
CA GLY A 339 1.51 18.37 4.16
C GLY A 339 0.20 18.79 3.52
N LEU A 340 -0.81 19.00 4.37
CA LEU A 340 -2.13 19.42 3.91
C LEU A 340 -2.11 20.83 3.39
N ALA A 341 -1.28 21.72 3.97
CA ALA A 341 -1.14 23.10 3.52
C ALA A 341 -0.48 23.12 2.14
N HIS A 342 0.52 22.25 1.93
CA HIS A 342 1.21 22.18 0.65
C HIS A 342 0.28 21.61 -0.42
N ARG A 343 -0.57 20.64 -0.05
CA ARG A 343 -1.54 20.04 -0.97
C ARG A 343 -2.53 21.12 -1.40
N ALA A 344 -3.00 21.92 -0.45
CA ALA A 344 -3.94 23.00 -0.67
C ALA A 344 -3.32 24.07 -1.55
N LYS A 345 -2.04 24.38 -1.36
CA LYS A 345 -1.34 25.38 -2.16
C LYS A 345 -1.23 24.89 -3.61
N LEU A 346 -0.96 23.60 -3.82
CA LEU A 346 -0.83 23.02 -5.16
C LEU A 346 -2.20 23.01 -5.87
N ASP A 347 -3.24 22.45 -5.24
CA ASP A 347 -4.57 22.35 -5.83
C ASP A 347 -5.46 23.57 -5.67
N ASN A 348 -4.92 24.68 -5.14
CA ASN A 348 -5.70 25.90 -4.88
C ASN A 348 -6.97 25.66 -4.06
N ASN A 349 -6.85 24.89 -2.96
CA ASN A 349 -7.99 24.58 -2.09
C ASN A 349 -8.02 25.52 -0.90
N LYS A 350 -8.84 26.58 -0.97
CA LYS A 350 -8.94 27.58 0.09
C LYS A 350 -9.43 26.97 1.40
N GLU A 351 -10.38 26.03 1.30
CA GLU A 351 -10.96 25.37 2.46
C GLU A 351 -9.95 24.47 3.19
N LEU A 352 -9.13 23.72 2.44
CA LEU A 352 -8.13 22.83 3.02
C LEU A 352 -7.01 23.64 3.68
N ALA A 353 -6.63 24.77 3.07
CA ALA A 353 -5.58 25.64 3.61
C ALA A 353 -6.07 26.26 4.92
N PHE A 354 -7.35 26.66 4.98
CA PHE A 354 -7.94 27.22 6.19
C PHE A 354 -7.96 26.16 7.26
N PHE A 355 -8.34 24.92 6.91
CA PHE A 355 -8.42 23.80 7.83
C PHE A 355 -7.06 23.51 8.46
N ALA A 356 -5.98 23.52 7.65
CA ALA A 356 -4.65 23.25 8.16
C ALA A 356 -4.23 24.33 9.14
N ASN A 357 -4.51 25.61 8.83
CA ASN A 357 -4.18 26.71 9.72
C ASN A 357 -4.99 26.66 10.99
N ALA A 358 -6.28 26.27 10.88
CA ALA A 358 -7.17 26.16 12.02
C ALA A 358 -6.67 25.10 12.97
N LEU A 359 -6.19 23.96 12.44
CA LEU A 359 -5.67 22.88 13.26
C LEU A 359 -4.38 23.31 14.00
N GLU A 360 -3.50 24.09 13.35
CA GLU A 360 -2.29 24.58 13.99
C GLU A 360 -2.66 25.55 15.11
N GLU A 361 -3.65 26.43 14.87
CA GLU A 361 -4.09 27.39 15.85
C GLU A 361 -4.75 26.71 17.03
N VAL A 362 -5.60 25.69 16.80
CA VAL A 362 -6.24 24.97 17.92
C VAL A 362 -5.18 24.28 18.77
N SER A 363 -4.14 23.73 18.13
CA SER A 363 -3.05 23.08 18.84
C SER A 363 -2.32 24.08 19.75
N ILE A 364 -1.84 25.20 19.20
CA ILE A 364 -1.14 26.25 19.94
C ILE A 364 -1.99 26.83 21.07
N GLU A 365 -3.24 27.24 20.77
CA GLU A 365 -4.14 27.80 21.76
C GLU A 365 -4.44 26.84 22.90
N THR A 366 -4.55 25.54 22.61
CA THR A 366 -4.84 24.55 23.66
C THR A 366 -3.66 24.47 24.63
N ILE A 367 -2.42 24.51 24.11
CA ILE A 367 -1.24 24.47 24.95
C ILE A 367 -1.17 25.75 25.80
N GLU A 368 -1.39 26.91 25.16
CA GLU A 368 -1.36 28.21 25.81
C GLU A 368 -2.46 28.38 26.88
N ALA A 369 -3.60 27.72 26.71
CA ALA A 369 -4.70 27.80 27.67
C ALA A 369 -4.44 27.09 29.01
N GLY A 370 -3.43 26.23 29.05
CA GLY A 370 -3.10 25.50 30.26
C GLY A 370 -3.21 23.99 30.12
N PHE A 371 -3.79 23.52 29.01
CA PHE A 371 -3.95 22.10 28.75
C PHE A 371 -2.74 21.65 27.97
N MET A 372 -1.87 20.89 28.61
CA MET A 372 -0.66 20.39 27.97
C MET A 372 -0.24 19.04 28.55
N THR A 373 0.71 18.39 27.89
CA THR A 373 1.22 17.10 28.34
C THR A 373 2.33 17.29 29.42
N LYS A 374 2.76 16.18 30.04
CA LYS A 374 3.77 16.22 31.09
C LYS A 374 5.09 16.85 30.63
N ASP A 375 5.56 16.52 29.43
CA ASP A 375 6.81 17.06 28.89
C ASP A 375 6.78 18.58 28.76
N LEU A 376 5.63 19.16 28.40
CA LEU A 376 5.51 20.61 28.28
C LEU A 376 5.41 21.26 29.66
N ALA A 377 4.65 20.63 30.56
CA ALA A 377 4.46 21.11 31.93
C ALA A 377 5.77 21.04 32.75
N ALA A 378 6.72 20.16 32.35
CA ALA A 378 8.02 20.01 33.00
C ALA A 378 8.88 21.27 32.82
N CYS A 379 8.64 22.07 31.77
CA CYS A 379 9.39 23.30 31.53
C CYS A 379 8.88 24.42 32.42
N ILE A 380 7.55 24.60 32.51
CA ILE A 380 6.95 25.67 33.31
C ILE A 380 7.04 25.44 34.84
N LYS A 381 6.67 24.24 35.31
CA LYS A 381 6.67 23.95 36.75
C LYS A 381 7.94 23.27 37.28
N GLY A 382 8.79 22.76 36.41
CA GLY A 382 10.01 22.07 36.85
C GLY A 382 9.79 20.57 36.84
N LEU A 383 10.68 19.81 36.17
CA LEU A 383 10.58 18.35 36.01
C LEU A 383 10.17 17.58 37.31
N PRO A 384 10.81 17.77 38.49
CA PRO A 384 10.37 17.01 39.67
C PRO A 384 9.11 17.57 40.34
N ASN A 385 8.89 18.89 40.23
CA ASN A 385 7.73 19.55 40.82
C ASN A 385 6.41 19.38 40.01
N VAL A 386 6.41 18.55 38.97
CA VAL A 386 5.23 18.31 38.12
C VAL A 386 4.22 17.43 38.82
N GLN A 387 3.04 17.98 39.09
CA GLN A 387 1.98 17.22 39.75
C GLN A 387 1.00 16.67 38.68
N ARG A 388 0.19 15.69 39.03
CA ARG A 388 -0.75 15.08 38.09
C ARG A 388 -1.84 16.04 37.57
N SER A 389 -2.33 16.96 38.41
CA SER A 389 -3.36 17.92 38.01
C SER A 389 -2.90 18.92 36.94
N ASP A 390 -1.58 19.19 36.88
CA ASP A 390 -0.97 20.14 35.94
C ASP A 390 -0.98 19.67 34.48
N TYR A 391 -1.00 18.35 34.26
CA TYR A 391 -0.99 17.82 32.89
C TYR A 391 -2.11 16.80 32.63
N LEU A 392 -2.27 16.43 31.35
CA LEU A 392 -3.25 15.43 30.93
C LEU A 392 -2.52 14.31 30.18
N ASN A 393 -3.04 13.09 30.26
CA ASN A 393 -2.45 11.97 29.55
C ASN A 393 -2.73 12.09 28.02
N THR A 394 -2.11 11.24 27.21
CA THR A 394 -2.25 11.29 25.75
C THR A 394 -3.69 11.37 25.25
N PHE A 395 -4.58 10.51 25.74
CA PHE A 395 -5.97 10.46 25.29
C PHE A 395 -6.79 11.68 25.70
N GLU A 396 -6.61 12.20 26.93
CA GLU A 396 -7.35 13.39 27.38
C GLU A 396 -6.95 14.61 26.55
N PHE A 397 -5.66 14.72 26.21
CA PHE A 397 -5.13 15.83 25.43
C PHE A 397 -5.69 15.78 24.00
N MET A 398 -5.76 14.58 23.42
CA MET A 398 -6.28 14.41 22.08
C MET A 398 -7.77 14.70 22.06
N ASP A 399 -8.51 14.31 23.11
CA ASP A 399 -9.94 14.56 23.22
C ASP A 399 -10.20 16.06 23.37
N LYS A 400 -9.35 16.76 24.13
CA LYS A 400 -9.47 18.20 24.30
C LYS A 400 -9.21 18.90 22.98
N LEU A 401 -8.20 18.44 22.22
CA LEU A 401 -7.85 18.97 20.92
C LEU A 401 -9.02 18.80 19.94
N GLY A 402 -9.67 17.65 19.97
CA GLY A 402 -10.80 17.36 19.10
C GLY A 402 -11.98 18.24 19.41
N GLU A 403 -12.26 18.44 20.71
CA GLU A 403 -13.36 19.26 21.21
C GLU A 403 -13.15 20.70 20.77
N ASN A 404 -11.95 21.24 20.98
CA ASN A 404 -11.60 22.61 20.63
C ASN A 404 -11.58 22.81 19.13
N LEU A 405 -11.19 21.77 18.36
CA LEU A 405 -11.16 21.84 16.90
C LEU A 405 -12.58 21.96 16.38
N LYS A 406 -13.51 21.14 16.93
CA LYS A 406 -14.91 21.17 16.52
C LYS A 406 -15.51 22.53 16.77
N ILE A 407 -15.20 23.12 17.93
CA ILE A 407 -15.68 24.43 18.32
C ILE A 407 -15.15 25.47 17.35
N LYS A 408 -13.85 25.43 17.04
CA LYS A 408 -13.22 26.37 16.14
C LYS A 408 -13.81 26.37 14.75
N LEU A 409 -14.05 25.16 14.19
CA LEU A 409 -14.62 25.04 12.86
C LEU A 409 -16.10 25.46 12.84
N ALA A 410 -16.83 25.20 13.95
CA ALA A 410 -18.23 25.59 14.05
C ALA A 410 -18.33 27.11 14.07
N GLN A 411 -17.44 27.78 14.84
CA GLN A 411 -17.39 29.23 14.93
C GLN A 411 -16.92 29.88 13.63
N ALA A 412 -16.12 29.17 12.84
CA ALA A 412 -15.60 29.67 11.58
C ALA A 412 -16.63 29.65 10.44
N LYS A 413 -17.79 28.98 10.63
CA LYS A 413 -18.83 28.94 9.60
C LYS A 413 -19.69 30.21 9.69
N LEU A 414 -19.03 31.38 9.76
CA LEU A 414 -19.67 32.69 9.87
C LEU A 414 -19.06 33.70 8.90
N LYS B 3 42.37 38.52 59.44
CA LYS B 3 43.39 37.92 58.58
C LYS B 3 42.75 37.35 57.32
N LYS B 4 43.11 37.89 56.18
CA LYS B 4 42.58 37.44 54.90
C LYS B 4 43.29 36.15 54.43
N ILE B 5 42.61 35.37 53.60
CA ILE B 5 43.14 34.14 52.98
C ILE B 5 44.26 34.55 52.02
N SER B 6 45.35 33.80 52.01
CA SER B 6 46.49 34.06 51.16
C SER B 6 46.25 33.49 49.76
N GLY B 7 45.80 34.31 48.82
CA GLY B 7 45.53 33.85 47.47
C GLY B 7 46.75 33.42 46.67
N GLY B 8 47.62 34.38 46.40
CA GLY B 8 48.83 34.13 45.64
C GLY B 8 48.89 34.99 44.38
N SER B 9 49.73 34.60 43.42
CA SER B 9 49.91 35.34 42.17
C SER B 9 48.77 35.14 41.14
N VAL B 10 47.94 36.16 40.92
CA VAL B 10 46.85 36.07 39.96
C VAL B 10 46.89 37.26 38.98
N VAL B 11 46.83 36.99 37.67
CA VAL B 11 46.84 38.06 36.66
C VAL B 11 45.42 38.49 36.37
N GLU B 12 45.09 39.76 36.61
CA GLU B 12 43.75 40.26 36.37
C GLU B 12 43.77 41.27 35.21
N MET B 13 42.83 41.14 34.26
CA MET B 13 42.76 42.04 33.12
C MET B 13 41.47 42.81 33.11
N GLN B 14 41.54 44.13 33.38
CA GLN B 14 40.39 45.06 33.42
C GLN B 14 39.74 45.12 32.03
N GLY B 15 38.42 45.21 32.00
CA GLY B 15 37.70 45.22 30.75
C GLY B 15 37.11 46.56 30.36
N ASP B 16 35.96 46.52 29.70
CA ASP B 16 35.28 47.69 29.21
C ASP B 16 33.79 47.72 29.50
N GLU B 17 33.24 48.93 29.45
CA GLU B 17 31.81 49.23 29.64
C GLU B 17 31.17 48.61 30.94
N MET B 18 29.95 48.04 30.86
CA MET B 18 29.27 47.44 32.01
C MET B 18 30.07 46.34 32.67
N THR B 19 30.80 45.55 31.87
CA THR B 19 31.62 44.47 32.42
C THR B 19 32.74 45.01 33.29
N ARG B 20 33.29 46.19 32.97
CA ARG B 20 34.33 46.82 33.74
C ARG B 20 33.74 47.27 35.09
N ILE B 21 32.52 47.84 35.07
CA ILE B 21 31.82 48.29 36.27
C ILE B 21 31.59 47.12 37.22
N ILE B 22 31.03 45.99 36.70
CA ILE B 22 30.79 44.83 37.54
C ILE B 22 32.09 44.19 37.98
N TRP B 23 33.14 44.26 37.18
CA TRP B 23 34.45 43.70 37.52
C TRP B 23 35.01 44.42 38.75
N GLU B 24 34.90 45.76 38.80
CA GLU B 24 35.36 46.55 39.94
C GLU B 24 34.51 46.23 41.17
N LEU B 25 33.20 46.00 40.99
CA LEU B 25 32.28 45.67 42.05
C LEU B 25 32.62 44.32 42.66
N ILE B 26 32.94 43.30 41.84
CA ILE B 26 33.30 41.98 42.34
C ILE B 26 34.60 42.07 43.11
N LYS B 27 35.60 42.79 42.59
CA LYS B 27 36.88 42.93 43.27
C LYS B 27 36.69 43.60 44.64
N GLU B 28 36.09 44.79 44.68
CA GLU B 28 35.90 45.54 45.91
C GLU B 28 34.95 44.89 46.93
N LYS B 29 33.88 44.23 46.49
CA LYS B 29 32.90 43.63 47.42
C LYS B 29 33.06 42.14 47.74
N LEU B 30 33.46 41.32 46.78
CA LEU B 30 33.50 39.87 47.01
C LEU B 30 34.91 39.24 47.12
N ILE B 31 35.91 39.71 46.36
CA ILE B 31 37.23 39.10 46.41
C ILE B 31 38.17 39.73 47.47
N PHE B 32 38.43 41.05 47.38
CA PHE B 32 39.37 41.75 48.28
C PHE B 32 39.01 41.68 49.79
N PRO B 33 37.74 41.82 50.25
CA PRO B 33 37.48 41.77 51.71
C PRO B 33 37.80 40.44 52.40
N TYR B 34 38.00 39.36 51.63
CA TYR B 34 38.29 38.05 52.24
C TYR B 34 39.61 37.45 51.76
N VAL B 35 40.03 37.79 50.54
CA VAL B 35 41.25 37.23 49.98
C VAL B 35 42.29 38.31 49.66
N GLU B 36 43.55 38.08 50.07
CA GLU B 36 44.66 38.99 49.78
C GLU B 36 45.46 38.37 48.65
N LEU B 37 45.52 39.05 47.50
CA LEU B 37 46.22 38.55 46.33
C LEU B 37 47.41 39.36 45.94
N ASP B 38 48.28 38.67 45.23
CA ASP B 38 49.47 39.17 44.61
C ASP B 38 48.92 39.45 43.19
N LEU B 39 48.22 40.57 43.04
CA LEU B 39 47.64 40.92 41.76
C LEU B 39 48.64 41.50 40.76
N HIS B 40 48.38 41.23 39.48
CA HIS B 40 49.18 41.73 38.39
C HIS B 40 48.13 42.29 37.46
N SER B 41 47.68 43.51 37.76
CA SER B 41 46.63 44.19 37.01
C SER B 41 47.10 44.74 35.66
N TYR B 42 46.26 44.58 34.65
CA TYR B 42 46.53 45.08 33.30
C TYR B 42 45.24 45.66 32.77
N ASP B 43 45.25 46.93 32.37
CA ASP B 43 44.04 47.55 31.84
C ASP B 43 43.86 47.21 30.37
N LEU B 44 42.91 46.32 30.02
CA LEU B 44 42.67 46.02 28.60
C LEU B 44 41.57 46.90 27.98
N GLY B 45 41.39 48.10 28.55
CA GLY B 45 40.42 49.08 28.09
C GLY B 45 40.78 49.53 26.69
N ILE B 46 39.77 49.86 25.88
CA ILE B 46 40.02 50.27 24.50
C ILE B 46 40.91 51.54 24.43
N GLU B 47 40.78 52.45 25.41
CA GLU B 47 41.60 53.66 25.45
C GLU B 47 43.06 53.32 25.79
N ASN B 48 43.28 52.42 26.77
CA ASN B 48 44.63 52.01 27.15
C ASN B 48 45.26 51.16 26.05
N ARG B 49 44.46 50.30 25.41
CA ARG B 49 44.91 49.45 24.31
C ARG B 49 45.34 50.33 23.13
N ASP B 50 44.64 51.43 22.88
CA ASP B 50 44.96 52.34 21.81
C ASP B 50 46.24 53.12 22.16
N ALA B 51 46.35 53.61 23.40
CA ALA B 51 47.51 54.37 23.87
C ALA B 51 48.81 53.56 23.83
N THR B 52 48.75 52.28 24.20
CA THR B 52 49.96 51.44 24.19
C THR B 52 50.19 50.66 22.88
N ASN B 53 49.33 50.87 21.87
CA ASN B 53 49.43 50.18 20.57
C ASN B 53 49.28 48.67 20.72
N ASP B 54 48.28 48.25 21.52
CA ASP B 54 47.91 46.88 21.83
C ASP B 54 49.06 46.08 22.48
N GLN B 55 50.07 46.77 23.04
CA GLN B 55 51.19 46.11 23.69
C GLN B 55 50.78 45.53 25.03
N VAL B 56 49.81 46.16 25.72
CA VAL B 56 49.32 45.70 27.02
C VAL B 56 48.73 44.30 26.94
N THR B 57 48.13 43.93 25.80
CA THR B 57 47.56 42.60 25.61
C THR B 57 48.66 41.56 25.60
N LYS B 58 49.75 41.84 24.87
CA LYS B 58 50.87 40.94 24.78
C LYS B 58 51.57 40.81 26.14
N ASP B 59 51.66 41.92 26.88
CA ASP B 59 52.29 41.91 28.20
C ASP B 59 51.44 41.11 29.19
N ALA B 60 50.10 41.21 29.09
CA ALA B 60 49.19 40.47 29.95
C ALA B 60 49.28 38.98 29.65
N ALA B 61 49.40 38.61 28.36
CA ALA B 61 49.50 37.23 27.93
C ALA B 61 50.82 36.63 28.45
N GLU B 62 51.91 37.41 28.43
CA GLU B 62 53.21 36.98 28.92
C GLU B 62 53.16 36.79 30.43
N ALA B 63 52.43 37.68 31.14
CA ALA B 63 52.26 37.61 32.57
C ALA B 63 51.45 36.35 32.95
N ILE B 64 50.51 35.93 32.09
CA ILE B 64 49.74 34.71 32.32
C ILE B 64 50.69 33.52 32.18
N LYS B 65 51.50 33.49 31.11
CA LYS B 65 52.46 32.43 30.88
C LYS B 65 53.46 32.30 32.07
N LYS B 66 53.76 33.41 32.74
CA LYS B 66 54.69 33.44 33.86
C LYS B 66 54.03 33.05 35.19
N HIS B 67 52.79 33.49 35.43
CA HIS B 67 52.13 33.24 36.70
C HIS B 67 51.04 32.14 36.67
N ASN B 68 50.86 31.51 35.53
CA ASN B 68 49.98 30.38 35.24
C ASN B 68 48.47 30.65 35.50
N VAL B 69 48.05 31.80 36.05
CA VAL B 69 46.63 32.07 36.33
C VAL B 69 46.20 33.46 35.82
N GLY B 70 45.17 33.50 35.00
CA GLY B 70 44.67 34.75 34.46
C GLY B 70 43.18 34.87 34.41
N VAL B 71 42.63 35.95 34.93
CA VAL B 71 41.19 36.19 34.90
C VAL B 71 40.95 37.41 34.00
N LYS B 72 40.11 37.26 33.00
CA LYS B 72 39.85 38.34 32.05
C LYS B 72 38.42 38.85 32.04
N CYS B 73 38.29 40.17 31.92
CA CYS B 73 37.01 40.85 31.85
C CYS B 73 36.67 41.06 30.36
N ALA B 74 35.37 41.24 30.03
CA ALA B 74 34.98 41.43 28.63
C ALA B 74 35.54 42.70 28.01
N THR B 75 36.14 42.57 26.81
CA THR B 75 36.73 43.69 26.10
C THR B 75 36.09 43.89 24.68
N ILE B 76 36.20 45.10 24.08
CA ILE B 76 35.61 45.32 22.75
C ILE B 76 36.52 44.91 21.61
N THR B 77 35.95 44.28 20.56
CA THR B 77 36.71 43.90 19.39
C THR B 77 36.42 45.02 18.37
N PRO B 78 37.44 45.80 17.98
CA PRO B 78 37.18 46.92 17.08
C PRO B 78 36.58 46.54 15.74
N ASP B 79 35.76 47.48 15.24
CA ASP B 79 35.04 47.47 13.99
C ASP B 79 34.81 48.96 13.55
N GLU B 80 34.25 49.18 12.36
CA GLU B 80 34.01 50.50 11.78
C GLU B 80 33.37 51.50 12.74
N LYS B 81 32.26 51.13 13.43
CA LYS B 81 31.56 52.03 14.37
C LYS B 81 32.39 52.39 15.58
N ARG B 82 33.10 51.41 16.16
CA ARG B 82 33.93 51.61 17.34
C ARG B 82 35.11 52.51 17.00
N VAL B 83 35.72 52.32 15.81
CA VAL B 83 36.84 53.15 15.39
C VAL B 83 36.44 54.61 15.27
N GLU B 84 35.25 54.86 14.73
CA GLU B 84 34.74 56.21 14.55
C GLU B 84 34.35 56.84 15.87
N GLU B 85 33.74 56.06 16.79
CA GLU B 85 33.31 56.63 18.06
C GLU B 85 34.48 56.84 19.05
N PHE B 86 35.54 56.01 19.03
CA PHE B 86 36.69 56.19 19.92
C PHE B 86 37.90 56.86 19.29
N LYS B 87 37.86 57.15 17.96
CA LYS B 87 38.96 57.74 17.19
C LYS B 87 40.21 56.85 17.33
N LEU B 88 40.05 55.55 17.09
CA LEU B 88 41.16 54.61 17.21
C LEU B 88 42.22 54.87 16.17
N LYS B 89 43.47 54.57 16.54
CA LYS B 89 44.60 54.72 15.64
C LYS B 89 44.48 53.67 14.53
N GLN B 90 44.15 52.43 14.89
CA GLN B 90 43.97 51.33 13.95
C GLN B 90 43.06 50.27 14.57
N MET B 91 42.25 49.59 13.74
CA MET B 91 41.40 48.53 14.28
C MET B 91 42.25 47.33 14.60
N TRP B 92 42.55 47.22 15.88
CA TRP B 92 43.36 46.20 16.52
C TRP B 92 42.73 44.82 16.41
N LYS B 93 43.54 43.77 16.58
CA LYS B 93 43.00 42.41 16.55
C LYS B 93 42.33 42.11 17.90
N SER B 94 41.45 41.12 17.94
CA SER B 94 40.74 40.73 19.16
C SER B 94 41.75 40.36 20.26
N PRO B 95 41.63 40.94 21.48
CA PRO B 95 42.58 40.61 22.55
C PRO B 95 42.59 39.13 22.88
N ASN B 96 41.42 38.49 22.81
CA ASN B 96 41.28 37.06 23.06
C ASN B 96 42.11 36.25 22.04
N GLY B 97 42.12 36.68 20.78
CA GLY B 97 42.88 36.03 19.74
C GLY B 97 44.37 36.13 20.00
N THR B 98 44.83 37.32 20.44
CA THR B 98 46.25 37.53 20.76
C THR B 98 46.71 36.66 21.93
N ILE B 99 45.90 36.62 22.98
CA ILE B 99 46.17 35.83 24.18
C ILE B 99 46.16 34.33 23.83
N ARG B 100 45.19 33.89 23.00
CA ARG B 100 45.07 32.51 22.56
C ARG B 100 46.28 32.11 21.70
N ASN B 101 46.81 33.03 20.90
CA ASN B 101 47.97 32.74 20.07
C ASN B 101 49.21 32.57 20.90
N ILE B 102 49.39 33.43 21.91
CA ILE B 102 50.56 33.39 22.78
C ILE B 102 50.54 32.17 23.71
N LEU B 103 49.42 31.92 24.37
CA LEU B 103 49.30 30.80 25.29
C LEU B 103 49.10 29.45 24.60
N GLY B 104 48.12 29.38 23.70
CA GLY B 104 47.71 28.16 23.03
C GLY B 104 46.61 27.53 23.87
N GLY B 105 46.34 26.26 23.63
CA GLY B 105 45.38 25.51 24.45
C GLY B 105 43.97 25.39 23.96
N THR B 106 43.15 24.67 24.72
CA THR B 106 41.76 24.44 24.33
C THR B 106 40.78 25.21 25.20
N VAL B 107 39.74 25.77 24.57
CA VAL B 107 38.73 26.51 25.29
C VAL B 107 37.59 25.59 25.68
N PHE B 108 37.23 25.56 26.96
CA PHE B 108 36.17 24.72 27.48
C PHE B 108 35.07 25.62 28.00
N ARG B 109 33.84 25.44 27.53
CA ARG B 109 32.73 26.26 27.95
C ARG B 109 31.85 25.53 28.95
N GLU B 110 31.68 26.10 30.14
CA GLU B 110 30.86 25.50 31.18
C GLU B 110 29.65 26.37 31.50
N ALA B 111 28.49 25.75 31.74
CA ALA B 111 27.27 26.49 32.07
C ALA B 111 27.02 26.49 33.59
N ILE B 112 26.33 27.52 34.09
CA ILE B 112 26.02 27.61 35.52
C ILE B 112 24.57 27.21 35.66
N ILE B 113 24.28 26.14 36.42
CA ILE B 113 22.90 25.63 36.55
C ILE B 113 22.21 25.97 37.89
N CYS B 114 20.97 26.47 37.80
CA CYS B 114 20.16 26.77 38.98
C CYS B 114 18.87 25.97 38.84
N LYS B 115 18.41 25.35 39.94
CA LYS B 115 17.19 24.52 39.91
C LYS B 115 15.98 25.23 39.33
N ASN B 116 15.71 26.47 39.74
CA ASN B 116 14.56 27.22 39.22
C ASN B 116 14.72 27.68 37.77
N ILE B 117 15.97 27.84 37.31
CA ILE B 117 16.24 28.27 35.93
C ILE B 117 15.90 27.10 35.01
N PRO B 118 15.08 27.35 33.97
CA PRO B 118 14.73 26.28 33.02
C PRO B 118 15.91 25.85 32.17
N ARG B 119 16.06 24.53 32.01
CA ARG B 119 17.16 23.93 31.26
C ARG B 119 16.74 23.48 29.86
N LEU B 120 17.73 23.38 28.96
CA LEU B 120 17.48 22.90 27.59
C LEU B 120 17.07 21.41 27.62
N VAL B 121 17.59 20.64 28.59
CA VAL B 121 17.31 19.25 28.85
C VAL B 121 16.85 19.20 30.31
N SER B 122 15.66 18.66 30.57
CA SER B 122 15.07 18.58 31.90
C SER B 122 15.91 17.77 32.88
N GLY B 123 16.50 16.69 32.39
CA GLY B 123 17.30 15.79 33.20
C GLY B 123 18.64 16.29 33.68
N TRP B 124 19.20 17.32 33.02
CA TRP B 124 20.50 17.86 33.41
C TRP B 124 20.47 18.70 34.68
N VAL B 125 20.98 18.13 35.78
CA VAL B 125 21.07 18.78 37.09
C VAL B 125 22.51 19.29 37.33
N LYS B 126 23.50 18.50 36.91
CA LYS B 126 24.90 18.89 37.02
C LYS B 126 25.37 19.49 35.68
N PRO B 127 26.27 20.51 35.73
CA PRO B 127 26.73 21.12 34.46
C PRO B 127 27.57 20.20 33.60
N ILE B 128 27.65 20.49 32.30
CA ILE B 128 28.49 19.72 31.39
C ILE B 128 29.42 20.68 30.71
N ILE B 129 30.68 20.30 30.61
CA ILE B 129 31.71 21.13 30.00
C ILE B 129 31.90 20.65 28.57
N ILE B 130 31.90 21.58 27.61
CA ILE B 130 32.08 21.25 26.19
C ILE B 130 33.35 21.90 25.69
N GLY B 131 34.21 21.10 25.08
CA GLY B 131 35.44 21.60 24.52
C GLY B 131 35.54 21.23 23.05
N ARG B 132 35.80 22.21 22.18
CA ARG B 132 35.94 21.94 20.75
C ARG B 132 37.34 22.23 20.29
N HIS B 133 37.78 21.51 19.29
CA HIS B 133 39.12 21.70 18.74
C HIS B 133 39.05 22.79 17.67
N ALA B 134 39.53 24.01 17.99
CA ALA B 134 39.51 25.12 17.04
C ALA B 134 40.91 25.46 16.51
N TYR B 135 40.98 25.99 15.28
CA TYR B 135 42.26 26.34 14.64
C TYR B 135 42.13 27.56 13.71
N THR B 142 42.50 25.01 2.70
CA THR B 142 42.80 25.61 1.38
C THR B 142 41.68 25.28 0.40
N ASP B 143 41.05 26.27 -0.18
CA ASP B 143 39.94 26.07 -1.10
C ASP B 143 40.18 26.64 -2.50
N PHE B 144 39.39 26.16 -3.48
CA PHE B 144 39.49 26.61 -4.86
C PHE B 144 38.27 26.23 -5.70
N VAL B 145 37.93 27.04 -6.70
CA VAL B 145 36.80 26.77 -7.57
C VAL B 145 37.21 25.88 -8.74
N VAL B 146 36.41 24.86 -9.04
CA VAL B 146 36.65 23.95 -10.15
C VAL B 146 35.81 24.48 -11.33
N PRO B 147 36.45 25.04 -12.37
CA PRO B 147 35.68 25.67 -13.46
C PRO B 147 34.80 24.73 -14.30
N GLY B 148 35.32 23.60 -14.74
CA GLY B 148 34.56 22.63 -15.55
C GLY B 148 34.93 21.21 -15.20
N PRO B 149 34.55 20.23 -16.05
CA PRO B 149 34.89 18.83 -15.76
C PRO B 149 36.39 18.59 -15.68
N GLY B 150 36.80 17.70 -14.80
CA GLY B 150 38.20 17.37 -14.60
C GLY B 150 38.41 16.32 -13.54
N LYS B 151 39.57 16.36 -12.88
CA LYS B 151 39.86 15.41 -11.84
C LYS B 151 40.61 16.07 -10.70
N VAL B 152 39.98 16.12 -9.54
CA VAL B 152 40.60 16.72 -8.35
C VAL B 152 41.17 15.58 -7.52
N GLU B 153 42.43 15.69 -7.13
CA GLU B 153 43.08 14.65 -6.36
C GLU B 153 44.06 15.26 -5.36
N ILE B 154 44.20 14.63 -4.20
CA ILE B 154 45.12 15.11 -3.17
C ILE B 154 46.38 14.23 -3.14
N THR B 155 47.55 14.85 -3.14
CA THR B 155 48.83 14.13 -3.17
C THR B 155 49.65 14.36 -1.90
N TYR B 156 50.55 13.43 -1.61
CA TYR B 156 51.42 13.53 -0.44
C TYR B 156 52.81 13.08 -0.85
N THR B 157 53.81 13.98 -0.82
CA THR B 157 55.18 13.61 -1.18
C THR B 157 56.00 13.58 0.12
N PRO B 158 56.41 12.39 0.60
CA PRO B 158 57.20 12.34 1.85
C PRO B 158 58.58 12.99 1.73
N SER B 159 59.09 13.57 2.82
CA SER B 159 60.40 14.22 2.84
C SER B 159 61.58 13.26 2.88
N ASP B 160 61.35 11.96 3.22
CA ASP B 160 62.42 10.98 3.28
C ASP B 160 62.79 10.32 1.94
N GLY B 161 62.07 10.66 0.87
CA GLY B 161 62.34 10.10 -0.43
C GLY B 161 61.42 8.99 -0.88
N THR B 162 60.51 8.50 -0.02
CA THR B 162 59.59 7.41 -0.42
C THR B 162 58.61 7.90 -1.52
N GLN B 163 57.80 6.99 -2.11
CA GLN B 163 56.88 7.37 -3.16
C GLN B 163 55.67 8.16 -2.69
N LYS B 164 55.31 9.14 -3.52
CA LYS B 164 54.18 10.01 -3.30
C LYS B 164 52.88 9.24 -3.45
N VAL B 165 51.99 9.39 -2.47
CA VAL B 165 50.70 8.70 -2.49
C VAL B 165 49.64 9.66 -2.98
N THR B 166 48.87 9.27 -4.00
CA THR B 166 47.82 10.12 -4.56
C THR B 166 46.44 9.53 -4.31
N TYR B 167 45.53 10.33 -3.77
CA TYR B 167 44.16 9.91 -3.50
C TYR B 167 43.22 10.74 -4.35
N LEU B 168 42.31 10.11 -5.09
CA LEU B 168 41.36 10.82 -5.92
C LEU B 168 40.19 11.28 -5.06
N VAL B 169 39.97 12.62 -4.92
CA VAL B 169 38.85 13.10 -4.12
C VAL B 169 37.55 13.11 -4.94
N HIS B 170 37.60 13.51 -6.25
CA HIS B 170 36.43 13.51 -7.13
C HIS B 170 36.81 13.76 -8.58
N ASN B 171 36.27 12.95 -9.50
CA ASN B 171 36.52 13.17 -10.92
C ASN B 171 35.27 13.93 -11.38
N PHE B 172 35.38 15.26 -11.49
CA PHE B 172 34.23 16.08 -11.87
C PHE B 172 33.62 15.66 -13.21
N GLU B 173 32.35 15.29 -13.11
CA GLU B 173 31.49 14.85 -14.20
C GLU B 173 31.05 16.12 -15.03
N GLU B 174 29.92 16.07 -15.72
CA GLU B 174 29.38 17.21 -16.48
C GLU B 174 29.16 18.38 -15.49
N GLY B 175 29.83 19.50 -15.72
CA GLY B 175 29.71 20.64 -14.82
C GLY B 175 30.74 20.61 -13.71
N GLY B 176 31.30 21.78 -13.40
CA GLY B 176 32.32 21.93 -12.38
C GLY B 176 31.74 22.08 -10.99
N GLY B 177 32.39 22.85 -10.15
CA GLY B 177 31.93 23.07 -8.79
C GLY B 177 32.99 23.75 -7.94
N VAL B 178 33.30 23.16 -6.78
CA VAL B 178 34.29 23.74 -5.86
C VAL B 178 34.91 22.63 -4.99
N ALA B 179 36.19 22.76 -4.64
CA ALA B 179 36.89 21.77 -3.83
C ALA B 179 37.76 22.43 -2.74
N MET B 180 38.20 21.65 -1.75
CA MET B 180 39.09 22.15 -0.72
C MET B 180 39.91 21.03 -0.09
N GLY B 181 40.94 21.40 0.62
CA GLY B 181 41.85 20.49 1.28
C GLY B 181 42.13 20.98 2.69
N MET B 182 41.86 20.12 3.67
CA MET B 182 42.08 20.43 5.08
C MET B 182 43.24 19.61 5.65
N TYR B 183 43.81 20.07 6.78
CA TYR B 183 44.91 19.34 7.41
C TYR B 183 44.89 19.52 8.92
N ASN B 184 45.64 18.67 9.63
CA ASN B 184 45.76 18.77 11.08
C ASN B 184 47.05 18.13 11.49
N GLN B 185 47.81 18.81 12.34
CA GLN B 185 49.09 18.28 12.81
C GLN B 185 48.90 17.35 14.02
N ASP B 186 49.88 16.48 14.27
CA ASP B 186 49.82 15.56 15.40
C ASP B 186 49.99 16.29 16.72
N LYS B 187 50.85 17.32 16.76
CA LYS B 187 51.09 18.10 17.96
C LYS B 187 49.83 18.79 18.46
N SER B 188 48.99 19.30 17.54
CA SER B 188 47.76 19.98 17.93
C SER B 188 46.79 19.00 18.60
N ILE B 189 46.72 17.77 18.06
CA ILE B 189 45.85 16.74 18.60
C ILE B 189 46.36 16.28 19.97
N GLU B 190 47.68 16.12 20.11
CA GLU B 190 48.32 15.72 21.35
C GLU B 190 48.04 16.76 22.43
N ASP B 191 48.18 18.05 22.08
CA ASP B 191 47.94 19.14 23.02
C ASP B 191 46.46 19.20 23.44
N PHE B 192 45.55 18.91 22.49
CA PHE B 192 44.11 18.90 22.74
C PHE B 192 43.79 17.76 23.70
N ALA B 193 44.41 16.59 23.50
CA ALA B 193 44.19 15.45 24.36
C ALA B 193 44.69 15.76 25.78
N HIS B 194 45.89 16.30 25.93
CA HIS B 194 46.45 16.67 27.22
C HIS B 194 45.57 17.69 27.95
N SER B 195 45.09 18.70 27.23
CA SER B 195 44.23 19.73 27.80
C SER B 195 42.91 19.13 28.29
N SER B 196 42.33 18.21 27.50
CA SER B 196 41.09 17.56 27.83
C SER B 196 41.23 16.70 29.08
N PHE B 197 42.32 15.93 29.18
CA PHE B 197 42.55 15.08 30.34
C PHE B 197 42.81 15.89 31.59
N GLN B 198 43.59 16.97 31.48
CA GLN B 198 43.88 17.82 32.62
C GLN B 198 42.63 18.54 33.13
N MET B 199 41.74 18.92 32.21
CA MET B 199 40.49 19.57 32.57
C MET B 199 39.61 18.57 33.34
N ALA B 200 39.53 17.32 32.84
CA ALA B 200 38.75 16.27 33.48
C ALA B 200 39.27 15.95 34.88
N LEU B 201 40.60 16.03 35.09
CA LEU B 201 41.21 15.77 36.38
C LEU B 201 40.93 16.94 37.34
N SER B 202 41.00 18.17 36.84
CA SER B 202 40.75 19.35 37.66
C SER B 202 39.29 19.44 38.12
N LYS B 203 38.34 19.03 37.26
CA LYS B 203 36.93 19.05 37.64
C LYS B 203 36.48 17.77 38.38
N GLY B 204 37.24 16.69 38.23
CA GLY B 204 36.93 15.41 38.87
C GLY B 204 35.76 14.71 38.19
N TRP B 205 35.61 14.90 36.87
CA TRP B 205 34.51 14.31 36.10
C TRP B 205 34.97 13.43 34.94
N PRO B 206 34.15 12.43 34.55
CA PRO B 206 34.55 11.54 33.45
C PRO B 206 34.62 12.27 32.10
N LEU B 207 35.59 11.88 31.25
CA LEU B 207 35.78 12.49 29.94
C LEU B 207 35.21 11.59 28.84
N TYR B 208 34.61 12.20 27.82
CA TYR B 208 34.02 11.48 26.72
C TYR B 208 34.39 12.14 25.40
N LEU B 209 35.09 11.41 24.52
CA LEU B 209 35.46 11.94 23.22
C LEU B 209 34.37 11.55 22.22
N SER B 210 33.74 12.52 21.59
CA SER B 210 32.67 12.24 20.66
C SER B 210 33.06 12.64 19.26
N THR B 211 32.92 11.72 18.29
CA THR B 211 33.25 11.99 16.90
C THR B 211 32.55 10.98 15.96
N LYS B 212 32.38 11.35 14.68
CA LYS B 212 31.75 10.46 13.70
C LYS B 212 32.85 9.79 12.87
N ASN B 213 33.58 8.85 13.51
CA ASN B 213 34.69 8.14 12.88
C ASN B 213 34.27 7.15 11.79
N THR B 214 32.97 6.84 11.66
CA THR B 214 32.52 5.88 10.64
C THR B 214 32.78 6.43 9.24
N ILE B 215 32.53 7.72 9.03
CA ILE B 215 32.76 8.37 7.77
C ILE B 215 34.27 8.67 7.66
N LEU B 216 34.83 9.28 8.71
CA LEU B 216 36.24 9.60 8.74
C LEU B 216 37.01 8.49 9.42
N LYS B 217 37.17 7.37 8.72
CA LYS B 217 37.88 6.23 9.30
C LYS B 217 39.33 6.55 9.62
N LYS B 218 40.04 7.25 8.73
CA LYS B 218 41.45 7.59 8.96
C LYS B 218 41.63 8.89 9.73
N TYR B 219 40.82 9.92 9.43
CA TYR B 219 40.92 11.22 10.10
C TYR B 219 40.51 11.13 11.56
N ASP B 220 39.25 10.81 11.83
CA ASP B 220 38.72 10.70 13.19
C ASP B 220 39.23 9.46 13.92
N GLY B 221 39.66 8.43 13.16
CA GLY B 221 40.25 7.24 13.73
C GLY B 221 41.59 7.60 14.36
N ARG B 222 42.32 8.58 13.76
CA ARG B 222 43.57 9.07 14.30
C ARG B 222 43.28 9.76 15.64
N PHE B 223 42.27 10.63 15.71
CA PHE B 223 41.85 11.32 16.95
C PHE B 223 41.61 10.33 18.09
N LYS B 224 40.87 9.25 17.81
CA LYS B 224 40.56 8.21 18.78
C LYS B 224 41.84 7.50 19.22
N ASP B 225 42.73 7.23 18.26
CA ASP B 225 44.00 6.56 18.53
C ASP B 225 44.90 7.38 19.45
N ILE B 226 45.10 8.68 19.16
CA ILE B 226 45.94 9.55 19.99
C ILE B 226 45.35 9.66 21.40
N PHE B 227 44.04 9.93 21.50
CA PHE B 227 43.34 10.03 22.79
C PHE B 227 43.37 8.72 23.58
N GLN B 228 43.42 7.58 22.89
CA GLN B 228 43.46 6.29 23.56
C GLN B 228 44.85 6.03 24.12
N GLU B 229 45.90 6.27 23.30
CA GLU B 229 47.27 6.01 23.73
C GLU B 229 47.78 6.98 24.84
N ILE B 230 47.49 8.31 24.82
CA ILE B 230 47.95 9.18 25.93
C ILE B 230 47.23 8.78 27.21
N TYR B 231 45.92 8.44 27.11
CA TYR B 231 45.16 8.01 28.27
C TYR B 231 45.73 6.72 28.82
N ASP B 232 45.98 5.71 27.98
CA ASP B 232 46.52 4.44 28.44
C ASP B 232 47.94 4.55 28.99
N LYS B 233 48.77 5.40 28.38
CA LYS B 233 50.16 5.52 28.81
C LYS B 233 50.41 6.37 30.05
N GLN B 234 49.70 7.49 30.19
CA GLN B 234 49.96 8.38 31.32
C GLN B 234 48.78 8.60 32.28
N TYR B 235 47.62 9.07 31.80
CA TYR B 235 46.50 9.43 32.68
C TYR B 235 45.59 8.27 33.17
N LYS B 236 45.81 7.02 32.76
CA LYS B 236 44.95 5.91 33.20
C LYS B 236 44.96 5.70 34.71
N SER B 237 46.16 5.72 35.33
CA SER B 237 46.28 5.52 36.76
C SER B 237 45.60 6.62 37.57
N GLN B 238 45.77 7.89 37.17
CA GLN B 238 45.16 9.03 37.85
C GLN B 238 43.64 8.99 37.72
N PHE B 239 43.14 8.59 36.53
CA PHE B 239 41.70 8.47 36.29
C PHE B 239 41.11 7.38 37.17
N GLU B 240 41.80 6.24 37.29
CA GLU B 240 41.33 5.13 38.10
C GLU B 240 41.37 5.44 39.60
N ALA B 241 42.36 6.23 40.02
CA ALA B 241 42.51 6.62 41.42
C ALA B 241 41.37 7.51 41.88
N GLN B 242 40.88 8.40 41.00
CA GLN B 242 39.78 9.29 41.34
C GLN B 242 38.40 8.80 40.89
N LYS B 243 38.28 7.52 40.50
CA LYS B 243 37.06 6.85 40.03
C LYS B 243 36.48 7.45 38.73
N ILE B 244 37.32 8.15 37.97
CA ILE B 244 36.99 8.79 36.70
C ILE B 244 37.36 7.87 35.53
N TRP B 245 36.64 7.97 34.42
CA TRP B 245 36.95 7.14 33.26
C TRP B 245 36.87 7.93 31.98
N TYR B 246 37.56 7.43 30.95
CA TYR B 246 37.52 8.04 29.64
C TYR B 246 36.93 7.01 28.68
N GLU B 247 35.87 7.38 27.96
CA GLU B 247 35.23 6.50 27.01
C GLU B 247 34.98 7.25 25.72
N HIS B 248 35.38 6.68 24.58
CA HIS B 248 35.15 7.29 23.29
C HIS B 248 33.82 6.78 22.75
N ARG B 249 32.96 7.68 22.27
CA ARG B 249 31.66 7.30 21.71
C ARG B 249 31.42 8.01 20.36
N LEU B 250 30.56 7.42 19.53
CA LEU B 250 30.18 8.00 18.22
C LEU B 250 29.18 9.14 18.51
N ILE B 251 29.16 10.19 17.70
CA ILE B 251 28.27 11.33 17.94
C ILE B 251 26.78 10.93 18.11
N ASP B 252 26.28 9.96 17.34
CA ASP B 252 24.88 9.57 17.46
C ASP B 252 24.60 8.76 18.74
N ASP B 253 25.58 8.01 19.21
CA ASP B 253 25.48 7.24 20.44
C ASP B 253 25.66 8.19 21.68
N MET B 254 26.53 9.19 21.54
CA MET B 254 26.83 10.17 22.57
C MET B 254 25.62 11.04 22.91
N VAL B 255 24.89 11.54 21.91
CA VAL B 255 23.72 12.37 22.18
C VAL B 255 22.64 11.55 22.88
N ALA B 256 22.47 10.26 22.51
CA ALA B 256 21.48 9.41 23.14
C ALA B 256 21.82 9.14 24.63
N GLN B 257 23.10 8.93 24.97
CA GLN B 257 23.47 8.68 26.37
C GLN B 257 23.40 9.97 27.18
N ALA B 258 23.89 11.09 26.60
CA ALA B 258 23.89 12.38 27.27
C ALA B 258 22.50 12.89 27.62
N MET B 259 21.52 12.67 26.72
CA MET B 259 20.12 13.09 26.94
C MET B 259 19.57 12.40 28.19
N LYS B 260 19.90 11.12 28.38
CA LYS B 260 19.47 10.34 29.54
C LYS B 260 20.59 10.32 30.58
N SER B 261 21.04 11.50 30.99
CA SER B 261 22.10 11.63 31.98
C SER B 261 21.88 12.87 32.84
N GLU B 262 22.33 12.83 34.10
CA GLU B 262 22.19 13.99 34.98
C GLU B 262 23.27 15.08 34.75
N GLY B 263 24.22 14.80 33.86
CA GLY B 263 25.30 15.71 33.53
C GLY B 263 26.56 15.36 34.30
N GLY B 264 27.38 16.36 34.56
CA GLY B 264 28.61 16.17 35.32
C GLY B 264 29.70 15.39 34.61
N PHE B 265 29.95 15.75 33.35
CA PHE B 265 30.98 15.07 32.56
C PHE B 265 31.66 16.08 31.61
N ILE B 266 32.85 15.74 31.14
CA ILE B 266 33.63 16.56 30.22
C ILE B 266 33.46 16.01 28.81
N TRP B 267 32.81 16.77 27.97
CA TRP B 267 32.58 16.38 26.58
C TRP B 267 33.58 17.07 25.66
N ALA B 268 34.44 16.29 24.98
CA ALA B 268 35.44 16.80 24.03
C ALA B 268 34.95 16.43 22.65
N CYS B 269 34.51 17.42 21.87
CA CYS B 269 34.04 17.17 20.51
C CYS B 269 35.01 17.79 19.48
N LYS B 270 35.13 17.17 18.30
CA LYS B 270 36.01 17.69 17.25
C LYS B 270 35.05 18.41 16.33
N ASN B 271 35.21 19.72 16.16
CA ASN B 271 34.30 20.50 15.32
C ASN B 271 34.38 20.08 13.86
N TYR B 272 33.44 19.20 13.43
CA TYR B 272 33.28 18.64 12.09
C TYR B 272 34.57 18.51 11.28
N GLY B 289 23.87 35.09 29.96
CA GLY B 289 25.01 35.36 30.82
C GLY B 289 25.24 34.30 31.88
N MET B 290 25.28 33.02 31.47
CA MET B 290 25.50 31.90 32.40
C MET B 290 26.56 30.94 31.85
N MET B 291 27.57 31.46 31.13
CA MET B 291 28.61 30.59 30.58
C MET B 291 30.00 31.11 30.87
N THR B 292 30.92 30.20 31.19
CA THR B 292 32.30 30.57 31.48
C THR B 292 33.23 29.90 30.47
N SER B 293 34.11 30.67 29.86
CA SER B 293 35.07 30.15 28.93
C SER B 293 36.42 30.07 29.63
N VAL B 294 36.89 28.85 29.82
CA VAL B 294 38.17 28.58 30.46
C VAL B 294 39.14 28.02 29.43
N LEU B 295 40.24 28.73 29.20
CA LEU B 295 41.28 28.30 28.27
C LEU B 295 42.28 27.45 29.05
N VAL B 296 42.39 26.17 28.70
CA VAL B 296 43.32 25.27 29.38
C VAL B 296 44.50 24.95 28.48
N CYS B 297 45.72 25.26 28.93
CA CYS B 297 46.92 24.98 28.17
C CYS B 297 47.32 23.51 28.33
N PRO B 298 47.99 22.94 27.31
CA PRO B 298 48.38 21.51 27.39
C PRO B 298 49.24 21.13 28.59
N ASP B 299 50.08 22.08 29.09
CA ASP B 299 50.96 21.85 30.25
C ASP B 299 50.19 21.55 31.55
N GLY B 300 48.93 21.94 31.62
CA GLY B 300 48.07 21.72 32.77
C GLY B 300 48.37 22.58 33.97
N LYS B 301 49.10 23.68 33.75
CA LYS B 301 49.49 24.63 34.77
C LYS B 301 48.94 26.02 34.45
N THR B 302 48.86 26.39 33.18
CA THR B 302 48.38 27.71 32.78
C THR B 302 46.90 27.67 32.38
N VAL B 303 46.06 28.48 33.04
CA VAL B 303 44.62 28.57 32.78
C VAL B 303 44.20 30.06 32.68
N GLU B 304 43.40 30.42 31.67
CA GLU B 304 42.90 31.77 31.53
C GLU B 304 41.39 31.68 31.53
N ALA B 305 40.74 32.18 32.57
CA ALA B 305 39.31 32.16 32.70
C ALA B 305 38.69 33.49 32.29
N GLU B 306 37.45 33.42 31.78
CA GLU B 306 36.71 34.62 31.38
C GLU B 306 35.23 34.32 31.15
N ALA B 307 34.41 35.36 31.17
CA ALA B 307 32.98 35.21 30.98
C ALA B 307 32.68 35.05 29.50
N ALA B 308 31.74 34.15 29.18
CA ALA B 308 31.37 33.89 27.80
C ALA B 308 30.20 34.76 27.35
N HIS B 309 30.41 36.07 27.40
CA HIS B 309 29.41 37.06 26.98
C HIS B 309 30.12 38.38 26.67
N GLY B 310 29.45 39.26 25.95
CA GLY B 310 30.04 40.51 25.54
C GLY B 310 30.19 41.55 26.62
N THR B 311 30.56 42.77 26.21
CA THR B 311 30.73 43.90 27.11
C THR B 311 29.42 44.47 27.68
N VAL B 312 28.26 44.04 27.15
CA VAL B 312 26.93 44.50 27.55
C VAL B 312 26.84 46.03 27.33
N THR B 313 26.96 46.44 26.05
CA THR B 313 26.89 47.85 25.66
C THR B 313 25.51 48.42 25.91
N ARG B 314 24.46 47.62 25.67
CA ARG B 314 23.06 47.97 25.86
C ARG B 314 22.75 48.51 27.27
N HIS B 315 23.36 47.93 28.31
CA HIS B 315 23.21 48.35 29.69
C HIS B 315 24.15 49.51 30.01
N TYR B 316 25.36 49.55 29.39
CA TYR B 316 26.32 50.63 29.62
C TYR B 316 25.78 51.96 29.13
N ARG B 317 25.04 51.95 28.01
CA ARG B 317 24.43 53.17 27.48
C ARG B 317 23.38 53.67 28.46
N MET B 318 22.60 52.76 29.08
CA MET B 318 21.60 53.12 30.07
C MET B 318 22.30 53.72 31.29
N TYR B 319 23.43 53.13 31.71
CA TYR B 319 24.23 53.60 32.84
C TYR B 319 24.71 55.01 32.60
N GLN B 320 25.15 55.31 31.37
CA GLN B 320 25.62 56.64 30.98
C GLN B 320 24.45 57.63 30.96
N LYS B 321 23.26 57.18 30.55
CA LYS B 321 22.07 58.03 30.54
C LYS B 321 21.44 58.21 31.93
N GLY B 322 21.94 57.49 32.94
CA GLY B 322 21.43 57.58 34.30
C GLY B 322 20.28 56.64 34.59
N GLN B 323 19.95 55.73 33.66
CA GLN B 323 18.86 54.77 33.84
C GLN B 323 19.29 53.59 34.74
N GLU B 324 18.32 52.96 35.41
CA GLU B 324 18.60 51.82 36.31
C GLU B 324 18.99 50.62 35.47
N THR B 325 20.02 49.88 35.91
CA THR B 325 20.47 48.71 35.15
C THR B 325 20.41 47.42 35.96
N SER B 326 20.08 46.31 35.30
CA SER B 326 20.00 45.01 35.95
C SER B 326 20.86 44.04 35.15
N THR B 327 22.19 44.05 35.41
CA THR B 327 23.14 43.20 34.71
C THR B 327 23.51 41.97 35.54
N ASN B 328 23.61 40.81 34.89
CA ASN B 328 23.97 39.57 35.57
C ASN B 328 25.48 39.42 35.72
N PRO B 329 25.98 39.43 36.96
CA PRO B 329 27.43 39.32 37.17
C PRO B 329 27.91 37.89 37.42
N ILE B 330 27.01 36.89 37.42
CA ILE B 330 27.34 35.49 37.69
C ILE B 330 28.46 34.97 36.79
N ALA B 331 28.42 35.20 35.48
CA ALA B 331 29.48 34.73 34.58
C ALA B 331 30.85 35.31 34.98
N SER B 332 30.88 36.61 35.32
CA SER B 332 32.12 37.27 35.74
C SER B 332 32.61 36.78 37.07
N ILE B 333 31.69 36.48 38.00
CA ILE B 333 32.05 35.97 39.32
C ILE B 333 32.63 34.57 39.15
N PHE B 334 31.98 33.73 38.35
CA PHE B 334 32.44 32.39 38.09
C PHE B 334 33.80 32.35 37.39
N ALA B 335 34.15 33.39 36.60
CA ALA B 335 35.47 33.45 35.96
C ALA B 335 36.54 33.62 37.07
N TRP B 336 36.23 34.43 38.10
CA TRP B 336 37.11 34.66 39.21
C TRP B 336 37.25 33.38 40.02
N THR B 337 36.13 32.70 40.33
CA THR B 337 36.15 31.47 41.09
C THR B 337 36.94 30.36 40.41
N ARG B 338 36.86 30.23 39.09
CA ARG B 338 37.60 29.19 38.37
C ARG B 338 39.09 29.46 38.41
N GLY B 339 39.47 30.72 38.25
CA GLY B 339 40.87 31.10 38.29
C GLY B 339 41.46 30.90 39.67
N LEU B 340 40.68 31.28 40.69
CA LEU B 340 41.09 31.14 42.09
C LEU B 340 41.17 29.66 42.48
N ALA B 341 40.27 28.80 41.93
CA ALA B 341 40.28 27.38 42.21
C ALA B 341 41.51 26.73 41.59
N HIS B 342 41.90 27.16 40.39
CA HIS B 342 43.07 26.64 39.72
C HIS B 342 44.33 27.08 40.47
N ARG B 343 44.35 28.32 40.99
CA ARG B 343 45.47 28.84 41.76
C ARG B 343 45.64 28.00 43.04
N ALA B 344 44.52 27.67 43.69
CA ALA B 344 44.51 26.86 44.89
C ALA B 344 44.99 25.44 44.60
N LYS B 345 44.62 24.88 43.45
CA LYS B 345 45.04 23.55 43.07
C LYS B 345 46.56 23.52 42.82
N LEU B 346 47.12 24.59 42.23
CA LEU B 346 48.56 24.68 41.97
C LEU B 346 49.35 24.83 43.28
N ASP B 347 48.96 25.79 44.13
CA ASP B 347 49.66 26.04 45.40
C ASP B 347 49.22 25.16 46.56
N ASN B 348 48.37 24.15 46.31
CA ASN B 348 47.85 23.23 47.33
C ASN B 348 47.22 23.99 48.50
N ASN B 349 46.47 25.03 48.18
CA ASN B 349 45.80 25.86 49.17
C ASN B 349 44.41 25.32 49.40
N LYS B 350 44.13 24.86 50.61
CA LYS B 350 42.82 24.32 50.94
C LYS B 350 41.80 25.43 51.24
N GLU B 351 42.26 26.51 51.88
CA GLU B 351 41.41 27.64 52.25
C GLU B 351 40.90 28.41 51.03
N LEU B 352 41.77 28.64 50.03
CA LEU B 352 41.38 29.36 48.81
C LEU B 352 40.42 28.52 47.97
N ALA B 353 40.65 27.19 47.92
CA ALA B 353 39.79 26.28 47.18
C ALA B 353 38.40 26.28 47.79
N PHE B 354 38.32 26.27 49.13
CA PHE B 354 37.06 26.30 49.82
C PHE B 354 36.36 27.63 49.55
N PHE B 355 37.11 28.76 49.58
CA PHE B 355 36.57 30.08 49.32
C PHE B 355 35.96 30.18 47.94
N ALA B 356 36.64 29.62 46.92
CA ALA B 356 36.14 29.68 45.56
C ALA B 356 34.83 28.90 45.44
N ASN B 357 34.78 27.71 46.07
CA ASN B 357 33.56 26.90 46.04
C ASN B 357 32.43 27.55 46.83
N ALA B 358 32.77 28.22 47.94
CA ALA B 358 31.80 28.92 48.77
C ALA B 358 31.19 30.07 47.99
N LEU B 359 31.99 30.81 47.20
CA LEU B 359 31.48 31.91 46.40
C LEU B 359 30.53 31.40 45.30
N GLU B 360 30.83 30.25 44.69
CA GLU B 360 29.96 29.66 43.66
C GLU B 360 28.63 29.26 44.30
N GLU B 361 28.69 28.66 45.48
CA GLU B 361 27.51 28.23 46.20
C GLU B 361 26.65 29.39 46.64
N VAL B 362 27.26 30.48 47.16
CA VAL B 362 26.49 31.66 47.57
C VAL B 362 25.79 32.26 46.33
N SER B 363 26.46 32.28 45.18
CA SER B 363 25.89 32.79 43.95
C SER B 363 24.65 31.97 43.54
N ILE B 364 24.79 30.64 43.41
CA ILE B 364 23.70 29.72 43.04
C ILE B 364 22.55 29.81 44.02
N GLU B 365 22.82 29.69 45.33
CA GLU B 365 21.79 29.75 46.37
C GLU B 365 21.04 31.07 46.38
N THR B 366 21.71 32.18 46.11
CA THR B 366 21.04 33.49 46.09
C THR B 366 20.04 33.54 44.93
N ILE B 367 20.42 32.99 43.76
CA ILE B 367 19.51 32.97 42.61
C ILE B 367 18.33 32.06 42.92
N GLU B 368 18.59 30.87 43.46
CA GLU B 368 17.56 29.90 43.82
C GLU B 368 16.61 30.38 44.91
N ALA B 369 17.08 31.24 45.82
CA ALA B 369 16.24 31.77 46.91
C ALA B 369 15.17 32.77 46.44
N GLY B 370 15.30 33.28 45.23
CA GLY B 370 14.36 34.25 44.69
C GLY B 370 14.97 35.60 44.35
N PHE B 371 16.22 35.83 44.78
CA PHE B 371 16.92 37.07 44.51
C PHE B 371 17.70 36.92 43.22
N MET B 372 17.28 37.59 42.17
CA MET B 372 17.94 37.51 40.88
C MET B 372 17.76 38.79 40.05
N THR B 373 18.48 38.91 38.92
CA THR B 373 18.39 40.07 38.05
C THR B 373 17.18 39.91 37.07
N LYS B 374 16.86 40.98 36.32
CA LYS B 374 15.71 40.98 35.41
C LYS B 374 15.78 39.87 34.35
N ASP B 375 16.96 39.64 33.76
CA ASP B 375 17.14 38.62 32.74
C ASP B 375 16.84 37.21 33.24
N LEU B 376 17.17 36.94 34.51
CA LEU B 376 16.90 35.62 35.09
C LEU B 376 15.43 35.49 35.44
N ALA B 377 14.83 36.57 35.98
CA ALA B 377 13.41 36.61 36.34
C ALA B 377 12.49 36.47 35.13
N ALA B 378 12.99 36.84 33.94
CA ALA B 378 12.26 36.72 32.70
C ALA B 378 12.00 35.26 32.31
N CYS B 379 12.84 34.33 32.76
CA CYS B 379 12.68 32.92 32.44
C CYS B 379 11.62 32.28 33.34
N ILE B 380 11.64 32.57 34.65
CA ILE B 380 10.68 32.00 35.60
C ILE B 380 9.26 32.59 35.49
N LYS B 381 9.13 33.93 35.47
CA LYS B 381 7.82 34.58 35.43
C LYS B 381 7.31 34.93 34.02
N GLY B 382 8.18 34.89 33.01
CA GLY B 382 7.80 35.25 31.64
C GLY B 382 8.20 36.67 31.36
N LEU B 383 8.98 36.94 30.27
CA LEU B 383 9.50 38.29 29.97
C LEU B 383 8.47 39.44 30.11
N PRO B 384 7.25 39.36 29.53
CA PRO B 384 6.30 40.47 29.69
C PRO B 384 5.62 40.51 31.06
N ASN B 385 5.64 39.41 31.83
CA ASN B 385 4.99 39.38 33.15
C ASN B 385 5.95 39.65 34.32
N VAL B 386 7.06 40.36 34.06
CA VAL B 386 8.04 40.68 35.11
C VAL B 386 7.82 42.07 35.67
N GLN B 387 7.56 42.14 36.96
CA GLN B 387 7.38 43.40 37.67
C GLN B 387 8.68 43.81 38.38
N ARG B 388 8.76 45.05 38.88
CA ARG B 388 9.95 45.53 39.56
C ARG B 388 10.31 44.70 40.80
N SER B 389 9.32 44.34 41.63
CA SER B 389 9.52 43.57 42.87
C SER B 389 10.16 42.20 42.67
N ASP B 390 9.97 41.60 41.49
CA ASP B 390 10.51 40.29 41.16
C ASP B 390 12.02 40.28 40.98
N TYR B 391 12.62 41.41 40.57
CA TYR B 391 14.07 41.47 40.37
C TYR B 391 14.75 42.60 41.14
N LEU B 392 16.09 42.58 41.18
CA LEU B 392 16.88 43.64 41.81
C LEU B 392 17.84 44.21 40.79
N ASN B 393 18.20 45.49 40.91
CA ASN B 393 19.17 46.09 40.00
C ASN B 393 20.61 45.57 40.31
N THR B 394 21.59 45.90 39.47
CA THR B 394 22.97 45.43 39.62
C THR B 394 23.53 45.60 41.04
N PHE B 395 23.40 46.79 41.64
CA PHE B 395 23.97 47.06 42.97
C PHE B 395 23.28 46.33 44.09
N GLU B 396 21.96 46.22 44.06
CA GLU B 396 21.23 45.52 45.12
C GLU B 396 21.61 44.03 45.12
N PHE B 397 21.78 43.45 43.92
CA PHE B 397 22.14 42.05 43.75
C PHE B 397 23.53 41.79 44.30
N MET B 398 24.48 42.71 44.01
CA MET B 398 25.86 42.60 44.49
C MET B 398 25.90 42.72 46.01
N ASP B 399 25.09 43.63 46.57
CA ASP B 399 25.01 43.83 48.02
C ASP B 399 24.44 42.59 48.69
N LYS B 400 23.41 41.97 48.09
CA LYS B 400 22.81 40.77 48.63
C LYS B 400 23.81 39.62 48.59
N LEU B 401 24.58 39.52 47.50
CA LEU B 401 25.60 38.50 47.34
C LEU B 401 26.70 38.66 48.39
N GLY B 402 27.10 39.90 48.65
CA GLY B 402 28.11 40.19 49.65
C GLY B 402 27.66 39.85 51.06
N GLU B 403 26.39 40.17 51.37
CA GLU B 403 25.79 39.88 52.68
C GLU B 403 25.72 38.38 52.92
N ASN B 404 25.24 37.64 51.92
CA ASN B 404 25.12 36.20 51.99
C ASN B 404 26.48 35.50 52.02
N LEU B 405 27.49 36.11 51.37
CA LEU B 405 28.85 35.57 51.34
C LEU B 405 29.45 35.70 52.74
N LYS B 406 29.25 36.85 53.41
CA LYS B 406 29.75 37.08 54.77
C LYS B 406 29.14 36.06 55.73
N ILE B 407 27.84 35.80 55.58
CA ILE B 407 27.10 34.85 56.39
C ILE B 407 27.67 33.45 56.15
N LYS B 408 27.89 33.08 54.90
CA LYS B 408 28.43 31.77 54.56
C LYS B 408 29.80 31.51 55.14
N LEU B 409 30.69 32.49 55.08
CA LEU B 409 32.03 32.33 55.63
C LEU B 409 32.01 32.31 57.17
N ALA B 410 31.07 33.06 57.78
CA ALA B 410 30.94 33.07 59.24
C ALA B 410 30.45 31.69 59.71
N GLN B 411 29.46 31.10 59.00
CA GLN B 411 28.94 29.78 59.32
C GLN B 411 29.96 28.67 59.07
N ALA B 412 30.88 28.88 58.11
CA ALA B 412 31.88 27.91 57.77
C ALA B 412 33.04 27.84 58.76
N LYS B 413 33.19 28.84 59.64
CA LYS B 413 34.27 28.81 60.63
C LYS B 413 33.92 27.89 61.82
N LEU B 414 33.40 26.68 61.53
CA LEU B 414 33.03 25.70 62.55
C LEU B 414 33.68 24.33 62.26
N LYS C 4 15.80 -20.48 0.98
CA LYS C 4 14.63 -19.64 0.71
C LYS C 4 14.58 -19.23 -0.76
N ILE C 5 13.50 -19.57 -1.46
CA ILE C 5 13.39 -19.27 -2.89
C ILE C 5 13.11 -17.80 -3.16
N SER C 6 13.86 -17.18 -4.07
CA SER C 6 13.62 -15.78 -4.40
C SER C 6 12.51 -15.67 -5.44
N GLY C 7 11.34 -15.29 -4.96
CA GLY C 7 10.16 -15.15 -5.78
C GLY C 7 10.19 -14.02 -6.78
N GLY C 8 10.33 -12.79 -6.30
CA GLY C 8 10.34 -11.61 -7.17
C GLY C 8 9.23 -10.64 -6.81
N SER C 9 8.96 -9.63 -7.66
CA SER C 9 7.90 -8.68 -7.35
C SER C 9 6.52 -9.19 -7.70
N VAL C 10 5.69 -9.46 -6.67
CA VAL C 10 4.32 -9.94 -6.82
C VAL C 10 3.37 -8.96 -6.14
N VAL C 11 2.25 -8.61 -6.78
CA VAL C 11 1.28 -7.71 -6.17
C VAL C 11 0.22 -8.54 -5.48
N GLU C 12 0.07 -8.41 -4.16
CA GLU C 12 -0.92 -9.18 -3.41
C GLU C 12 -2.01 -8.25 -2.89
N MET C 13 -3.27 -8.61 -3.07
CA MET C 13 -4.38 -7.79 -2.61
C MET C 13 -5.22 -8.51 -1.55
N GLN C 14 -5.16 -8.06 -0.29
CA GLN C 14 -5.94 -8.68 0.78
C GLN C 14 -7.43 -8.53 0.53
N GLY C 15 -8.19 -9.47 1.07
CA GLY C 15 -9.62 -9.48 0.86
C GLY C 15 -10.46 -9.21 2.09
N ASP C 16 -11.62 -9.86 2.14
CA ASP C 16 -12.57 -9.68 3.23
C ASP C 16 -13.13 -11.00 3.76
N GLU C 17 -13.64 -10.94 5.00
CA GLU C 17 -14.30 -12.02 5.72
C GLU C 17 -13.48 -13.33 5.74
N MET C 18 -14.11 -14.51 5.57
CA MET C 18 -13.44 -15.81 5.61
C MET C 18 -12.31 -15.91 4.63
N THR C 19 -12.47 -15.33 3.43
CA THR C 19 -11.41 -15.36 2.42
C THR C 19 -10.15 -14.64 2.89
N ARG C 20 -10.31 -13.56 3.67
CA ARG C 20 -9.19 -12.81 4.20
C ARG C 20 -8.45 -13.67 5.22
N ILE C 21 -9.19 -14.37 6.08
CA ILE C 21 -8.64 -15.24 7.10
C ILE C 21 -7.82 -16.36 6.48
N ILE C 22 -8.39 -17.05 5.46
CA ILE C 22 -7.67 -18.12 4.81
C ILE C 22 -6.48 -17.56 3.99
N TRP C 23 -6.59 -16.34 3.44
CA TRP C 23 -5.53 -15.68 2.68
C TRP C 23 -4.31 -15.48 3.60
N GLU C 24 -4.54 -15.03 4.84
CA GLU C 24 -3.48 -14.81 5.82
C GLU C 24 -2.85 -16.15 6.21
N LEU C 25 -3.67 -17.21 6.33
CA LEU C 25 -3.23 -18.55 6.67
C LEU C 25 -2.32 -19.12 5.57
N ILE C 26 -2.69 -18.92 4.28
CA ILE C 26 -1.88 -19.43 3.17
C ILE C 26 -0.54 -18.69 3.15
N LYS C 27 -0.56 -17.36 3.34
CA LYS C 27 0.66 -16.58 3.35
C LYS C 27 1.60 -17.03 4.47
N GLU C 28 1.12 -17.04 5.72
CA GLU C 28 1.94 -17.40 6.87
C GLU C 28 2.38 -18.88 6.93
N LYS C 29 1.55 -19.82 6.44
CA LYS C 29 1.91 -21.23 6.52
C LYS C 29 2.48 -21.88 5.25
N LEU C 30 2.05 -21.48 4.06
CA LEU C 30 2.53 -22.12 2.81
C LEU C 30 3.46 -21.30 1.94
N ILE C 31 3.22 -20.00 1.81
CA ILE C 31 4.05 -19.19 0.92
C ILE C 31 5.32 -18.65 1.60
N PHE C 32 5.19 -17.86 2.67
CA PHE C 32 6.33 -17.24 3.37
C PHE C 32 7.41 -18.20 3.91
N PRO C 33 7.12 -19.36 4.55
CA PRO C 33 8.21 -20.22 5.05
C PRO C 33 9.13 -20.81 3.99
N TYR C 34 8.75 -20.75 2.70
CA TYR C 34 9.59 -21.32 1.65
C TYR C 34 9.97 -20.30 0.58
N VAL C 35 9.14 -19.27 0.36
CA VAL C 35 9.39 -18.26 -0.67
C VAL C 35 9.51 -16.84 -0.11
N GLU C 36 10.52 -16.10 -0.59
CA GLU C 36 10.79 -14.71 -0.24
C GLU C 36 10.37 -13.83 -1.38
N LEU C 37 9.39 -12.99 -1.14
CA LEU C 37 8.86 -12.12 -2.20
C LEU C 37 9.05 -10.64 -1.96
N ASP C 38 9.01 -9.84 -3.05
CA ASP C 38 9.08 -8.37 -2.95
C ASP C 38 7.63 -7.95 -3.07
N LEU C 39 6.87 -8.33 -2.08
CA LEU C 39 5.46 -8.10 -2.06
C LEU C 39 5.06 -6.65 -2.12
N HIS C 40 4.01 -6.40 -2.90
CA HIS C 40 3.41 -5.09 -3.04
C HIS C 40 2.03 -5.35 -2.47
N SER C 41 1.91 -5.35 -1.11
CA SER C 41 0.65 -5.63 -0.42
C SER C 41 -0.28 -4.44 -0.48
N TYR C 42 -1.56 -4.70 -0.74
CA TYR C 42 -2.60 -3.69 -0.78
C TYR C 42 -3.81 -4.26 -0.06
N ASP C 43 -4.32 -3.56 0.94
CA ASP C 43 -5.50 -4.05 1.67
C ASP C 43 -6.76 -3.64 0.92
N LEU C 44 -7.44 -4.57 0.25
CA LEU C 44 -8.69 -4.23 -0.45
C LEU C 44 -9.95 -4.50 0.40
N GLY C 45 -9.80 -4.49 1.73
CA GLY C 45 -10.91 -4.70 2.65
C GLY C 45 -11.89 -3.56 2.56
N ILE C 46 -13.21 -3.82 2.71
CA ILE C 46 -14.26 -2.81 2.60
C ILE C 46 -14.02 -1.63 3.55
N GLU C 47 -13.41 -1.86 4.72
CA GLU C 47 -13.10 -0.78 5.66
C GLU C 47 -11.98 0.11 5.10
N ASN C 48 -10.91 -0.51 4.55
CA ASN C 48 -9.81 0.26 3.97
C ASN C 48 -10.23 0.96 2.68
N ARG C 49 -11.07 0.31 1.88
CA ARG C 49 -11.59 0.85 0.63
C ARG C 49 -12.46 2.07 0.96
N ASP C 50 -13.22 2.04 2.07
CA ASP C 50 -14.06 3.14 2.48
C ASP C 50 -13.18 4.28 2.98
N ALA C 51 -12.16 3.97 3.80
CA ALA C 51 -11.25 4.97 4.37
C ALA C 51 -10.45 5.71 3.31
N THR C 52 -10.00 5.01 2.27
CA THR C 52 -9.21 5.67 1.21
C THR C 52 -10.02 6.16 0.02
N ASN C 53 -11.36 6.04 0.06
CA ASN C 53 -12.24 6.48 -1.02
C ASN C 53 -11.97 5.71 -2.32
N ASP C 54 -11.81 4.39 -2.19
CA ASP C 54 -11.54 3.42 -3.27
C ASP C 54 -10.25 3.70 -4.03
N GLN C 55 -9.35 4.52 -3.47
CA GLN C 55 -8.06 4.87 -4.11
C GLN C 55 -7.10 3.69 -4.12
N VAL C 56 -7.17 2.84 -3.07
CA VAL C 56 -6.31 1.67 -2.93
C VAL C 56 -6.50 0.69 -4.08
N THR C 57 -7.72 0.60 -4.64
CA THR C 57 -8.00 -0.30 -5.77
C THR C 57 -7.29 0.18 -7.01
N LYS C 58 -7.33 1.50 -7.26
CA LYS C 58 -6.66 2.09 -8.41
C LYS C 58 -5.14 1.96 -8.26
N ASP C 59 -4.62 2.10 -7.03
CA ASP C 59 -3.21 1.97 -6.76
C ASP C 59 -2.74 0.54 -6.99
N ALA C 60 -3.56 -0.44 -6.58
CA ALA C 60 -3.26 -1.85 -6.76
C ALA C 60 -3.27 -2.22 -8.24
N ALA C 61 -4.22 -1.66 -9.00
CA ALA C 61 -4.32 -1.91 -10.43
C ALA C 61 -3.10 -1.33 -11.16
N GLU C 62 -2.65 -0.14 -10.75
CA GLU C 62 -1.48 0.49 -11.35
C GLU C 62 -0.23 -0.35 -11.04
N ALA C 63 -0.14 -0.87 -9.80
CA ALA C 63 0.97 -1.70 -9.37
C ALA C 63 1.00 -3.00 -10.18
N ILE C 64 -0.17 -3.54 -10.57
CA ILE C 64 -0.22 -4.76 -11.36
C ILE C 64 0.31 -4.45 -12.76
N LYS C 65 -0.12 -3.31 -13.34
CA LYS C 65 0.32 -2.90 -14.66
C LYS C 65 1.85 -2.71 -14.69
N LYS C 66 2.44 -2.28 -13.58
CA LYS C 66 3.86 -2.05 -13.46
C LYS C 66 4.67 -3.32 -13.20
N HIS C 67 4.14 -4.23 -12.36
CA HIS C 67 4.87 -5.45 -11.98
C HIS C 67 4.39 -6.75 -12.65
N ASN C 68 3.43 -6.66 -13.53
CA ASN C 68 2.87 -7.72 -14.38
C ASN C 68 2.26 -8.95 -13.63
N VAL C 69 2.32 -9.03 -12.28
CA VAL C 69 1.75 -10.20 -11.56
C VAL C 69 0.90 -9.72 -10.40
N GLY C 70 -0.35 -10.16 -10.35
CA GLY C 70 -1.25 -9.79 -9.26
C GLY C 70 -2.13 -10.92 -8.76
N VAL C 71 -2.11 -11.19 -7.45
CA VAL C 71 -2.94 -12.21 -6.86
C VAL C 71 -4.00 -11.53 -5.98
N LYS C 72 -5.27 -11.82 -6.21
CA LYS C 72 -6.34 -11.15 -5.47
C LYS C 72 -7.19 -12.06 -4.59
N CYS C 73 -7.56 -11.56 -3.43
CA CYS C 73 -8.42 -12.29 -2.51
C CYS C 73 -9.86 -11.78 -2.71
N ALA C 74 -10.87 -12.58 -2.34
CA ALA C 74 -12.28 -12.19 -2.53
C ALA C 74 -12.68 -10.96 -1.76
N THR C 75 -13.30 -9.98 -2.43
CA THR C 75 -13.74 -8.75 -1.78
C THR C 75 -15.26 -8.56 -1.89
N ILE C 76 -15.83 -7.80 -0.98
CA ILE C 76 -17.26 -7.54 -1.00
C ILE C 76 -17.58 -6.38 -1.91
N THR C 77 -18.59 -6.54 -2.76
CA THR C 77 -19.09 -5.46 -3.61
C THR C 77 -20.29 -4.97 -2.81
N PRO C 78 -20.31 -3.71 -2.41
CA PRO C 78 -21.40 -3.26 -1.55
C PRO C 78 -22.74 -2.92 -2.20
N ASP C 79 -23.81 -2.93 -1.38
CA ASP C 79 -25.20 -2.65 -1.75
C ASP C 79 -25.91 -2.02 -0.52
N GLU C 80 -27.22 -1.64 -0.64
CA GLU C 80 -27.97 -1.06 0.48
C GLU C 80 -27.77 -1.77 1.83
N LYS C 81 -27.76 -3.11 1.86
CA LYS C 81 -27.56 -3.87 3.09
C LYS C 81 -26.13 -3.78 3.64
N ARG C 82 -25.11 -3.87 2.75
CA ARG C 82 -23.71 -3.78 3.15
C ARG C 82 -23.37 -2.36 3.62
N VAL C 83 -23.98 -1.33 3.00
CA VAL C 83 -23.77 0.07 3.38
C VAL C 83 -24.30 0.30 4.81
N GLU C 84 -25.43 -0.31 5.16
CA GLU C 84 -26.00 -0.18 6.49
C GLU C 84 -25.15 -0.96 7.52
N GLU C 85 -24.61 -2.11 7.12
CA GLU C 85 -23.78 -2.97 7.94
C GLU C 85 -22.41 -2.37 8.26
N PHE C 86 -21.78 -1.69 7.30
CA PHE C 86 -20.45 -1.11 7.52
C PHE C 86 -20.43 0.41 7.68
N LYS C 87 -21.61 1.08 7.59
CA LYS C 87 -21.74 2.52 7.68
C LYS C 87 -20.87 3.19 6.60
N LEU C 88 -21.00 2.71 5.36
CA LEU C 88 -20.24 3.23 4.23
C LEU C 88 -20.78 4.60 3.77
N LYS C 89 -19.91 5.47 3.27
CA LYS C 89 -20.34 6.79 2.78
C LYS C 89 -20.84 6.71 1.34
N GLN C 90 -20.26 5.81 0.54
CA GLN C 90 -20.64 5.62 -0.85
C GLN C 90 -20.82 4.13 -1.17
N MET C 91 -21.33 3.85 -2.39
CA MET C 91 -21.51 2.48 -2.86
C MET C 91 -20.45 2.35 -3.93
N TRP C 92 -19.29 1.83 -3.54
CA TRP C 92 -18.15 1.68 -4.43
C TRP C 92 -18.40 0.63 -5.48
N LYS C 93 -17.83 0.83 -6.67
CA LYS C 93 -17.96 -0.16 -7.74
C LYS C 93 -17.14 -1.40 -7.37
N SER C 94 -17.44 -2.54 -7.99
CA SER C 94 -16.72 -3.78 -7.72
C SER C 94 -15.23 -3.62 -8.00
N PRO C 95 -14.35 -3.97 -7.04
CA PRO C 95 -12.90 -3.81 -7.27
C PRO C 95 -12.41 -4.62 -8.46
N ASN C 96 -12.99 -5.81 -8.69
CA ASN C 96 -12.65 -6.67 -9.83
C ASN C 96 -12.93 -5.94 -11.14
N GLY C 97 -14.05 -5.23 -11.19
CA GLY C 97 -14.45 -4.47 -12.36
C GLY C 97 -13.48 -3.35 -12.64
N THR C 98 -13.06 -2.62 -11.59
CA THR C 98 -12.11 -1.51 -11.71
C THR C 98 -10.77 -2.00 -12.22
N ILE C 99 -10.26 -3.10 -11.64
CA ILE C 99 -8.98 -3.69 -12.03
C ILE C 99 -9.04 -4.18 -13.47
N ARG C 100 -10.15 -4.83 -13.86
CA ARG C 100 -10.35 -5.33 -15.22
C ARG C 100 -10.43 -4.18 -16.22
N ASN C 101 -11.02 -3.04 -15.83
CA ASN C 101 -11.13 -1.89 -16.70
C ASN C 101 -9.79 -1.23 -16.92
N ILE C 102 -8.99 -1.11 -15.85
CA ILE C 102 -7.67 -0.48 -15.93
C ILE C 102 -6.69 -1.34 -16.75
N LEU C 103 -6.63 -2.64 -16.44
CA LEU C 103 -5.72 -3.57 -17.10
C LEU C 103 -6.17 -4.02 -18.48
N GLY C 104 -7.41 -4.48 -18.59
CA GLY C 104 -7.94 -4.97 -19.85
C GLY C 104 -7.39 -6.34 -20.15
N GLY C 105 -8.23 -7.20 -20.68
CA GLY C 105 -7.88 -8.57 -21.00
C GLY C 105 -9.06 -9.52 -20.87
N THR C 106 -8.81 -10.82 -21.10
CA THR C 106 -9.87 -11.83 -21.05
C THR C 106 -9.77 -12.70 -19.79
N VAL C 107 -10.92 -13.08 -19.24
CA VAL C 107 -11.00 -13.91 -18.04
C VAL C 107 -11.03 -15.40 -18.42
N PHE C 108 -10.17 -16.22 -17.78
CA PHE C 108 -10.15 -17.65 -18.04
C PHE C 108 -10.41 -18.40 -16.75
N ARG C 109 -11.41 -19.27 -16.73
CA ARG C 109 -11.74 -20.04 -15.53
C ARG C 109 -11.32 -21.50 -15.65
N GLU C 110 -10.51 -21.95 -14.69
CA GLU C 110 -9.99 -23.32 -14.67
C GLU C 110 -10.50 -24.04 -13.42
N ALA C 111 -10.87 -25.32 -13.53
CA ALA C 111 -11.35 -26.09 -12.39
C ALA C 111 -10.26 -26.96 -11.79
N ILE C 112 -10.35 -27.20 -10.47
CA ILE C 112 -9.38 -28.06 -9.79
C ILE C 112 -10.06 -29.40 -9.61
N ILE C 113 -9.49 -30.39 -10.23
CA ILE C 113 -10.03 -31.73 -10.21
C ILE C 113 -9.29 -32.65 -9.29
N CYS C 114 -10.05 -33.57 -8.74
CA CYS C 114 -9.56 -34.60 -7.85
C CYS C 114 -10.25 -35.91 -8.25
N LYS C 115 -9.51 -37.01 -8.33
CA LYS C 115 -10.05 -38.31 -8.74
C LYS C 115 -11.29 -38.73 -7.97
N ASN C 116 -11.27 -38.61 -6.64
CA ASN C 116 -12.42 -39.00 -5.80
C ASN C 116 -13.60 -38.03 -5.90
N ILE C 117 -13.36 -36.77 -6.26
CA ILE C 117 -14.42 -35.77 -6.39
C ILE C 117 -15.22 -36.13 -7.65
N PRO C 118 -16.56 -36.19 -7.56
CA PRO C 118 -17.35 -36.50 -8.76
C PRO C 118 -17.38 -35.32 -9.71
N ARG C 119 -17.01 -35.55 -10.95
CA ARG C 119 -17.00 -34.55 -11.99
C ARG C 119 -18.26 -34.75 -12.84
N LEU C 120 -18.64 -33.73 -13.64
CA LEU C 120 -19.81 -33.87 -14.50
C LEU C 120 -19.53 -34.94 -15.56
N VAL C 121 -18.34 -34.91 -16.15
CA VAL C 121 -17.93 -35.89 -17.15
C VAL C 121 -16.86 -36.79 -16.53
N SER C 122 -17.14 -38.10 -16.44
CA SER C 122 -16.23 -39.08 -15.85
C SER C 122 -14.94 -39.29 -16.63
N GLY C 123 -14.93 -38.99 -17.93
CA GLY C 123 -13.77 -39.16 -18.78
C GLY C 123 -12.75 -38.04 -18.76
N TRP C 124 -12.98 -36.97 -17.97
CA TRP C 124 -12.02 -35.87 -17.93
C TRP C 124 -10.92 -36.06 -16.90
N VAL C 125 -9.81 -36.60 -17.37
CA VAL C 125 -8.63 -36.84 -16.53
C VAL C 125 -7.95 -35.50 -16.22
N LYS C 126 -7.78 -34.64 -17.22
CA LYS C 126 -7.15 -33.35 -17.07
C LYS C 126 -8.22 -32.23 -17.03
N PRO C 127 -7.94 -31.09 -16.36
CA PRO C 127 -8.96 -30.01 -16.31
C PRO C 127 -9.15 -29.26 -17.63
N ILE C 128 -10.22 -28.45 -17.72
CA ILE C 128 -10.47 -27.65 -18.91
C ILE C 128 -10.56 -26.19 -18.53
N ILE C 129 -9.90 -25.30 -19.29
CA ILE C 129 -9.94 -23.87 -19.01
C ILE C 129 -10.78 -23.20 -20.08
N ILE C 130 -11.97 -22.68 -19.73
CA ILE C 130 -12.81 -22.05 -20.72
C ILE C 130 -12.85 -20.51 -20.54
N GLY C 131 -12.71 -19.80 -21.66
CA GLY C 131 -12.69 -18.34 -21.70
C GLY C 131 -13.77 -17.77 -22.58
N ARG C 132 -14.48 -16.77 -22.08
CA ARG C 132 -15.56 -16.15 -22.83
C ARG C 132 -15.24 -14.71 -23.17
N HIS C 133 -15.68 -14.30 -24.37
CA HIS C 133 -15.49 -12.96 -24.91
C HIS C 133 -16.29 -11.91 -24.11
N ALA C 134 -15.58 -11.07 -23.37
CA ALA C 134 -16.20 -10.04 -22.57
C ALA C 134 -15.88 -8.67 -23.16
N ALA C 141 -25.00 -2.33 -27.31
CA ALA C 141 -26.28 -2.68 -27.92
C ALA C 141 -27.37 -1.63 -27.70
N THR C 142 -28.18 -1.41 -28.74
CA THR C 142 -29.28 -0.46 -28.70
C THR C 142 -30.59 -1.17 -29.02
N ASP C 143 -31.57 -1.06 -28.12
CA ASP C 143 -32.88 -1.69 -28.28
C ASP C 143 -34.03 -0.69 -28.29
N PHE C 144 -35.14 -1.04 -28.96
CA PHE C 144 -36.35 -0.20 -29.06
C PHE C 144 -37.59 -1.08 -29.29
N VAL C 145 -38.74 -0.60 -28.85
CA VAL C 145 -39.99 -1.38 -28.90
C VAL C 145 -40.57 -1.62 -30.31
N VAL C 146 -40.56 -0.68 -31.27
CA VAL C 146 -41.19 -0.91 -32.60
C VAL C 146 -42.69 -1.15 -32.40
N PRO C 147 -43.45 -0.08 -32.17
CA PRO C 147 -44.89 -0.26 -31.97
C PRO C 147 -45.64 -0.29 -33.28
N GLY C 148 -46.39 -1.35 -33.51
CA GLY C 148 -47.17 -1.51 -34.73
C GLY C 148 -46.39 -1.90 -35.96
N PRO C 149 -47.13 -2.12 -37.05
CA PRO C 149 -46.48 -2.52 -38.30
C PRO C 149 -45.51 -1.47 -38.83
N GLY C 150 -44.49 -1.95 -39.52
CA GLY C 150 -43.46 -1.08 -40.10
C GLY C 150 -42.35 -1.87 -40.77
N LYS C 151 -41.18 -1.25 -40.91
CA LYS C 151 -40.03 -1.91 -41.54
C LYS C 151 -38.76 -1.49 -40.84
N VAL C 152 -38.14 -2.41 -40.12
CA VAL C 152 -36.91 -2.14 -39.39
C VAL C 152 -35.73 -2.55 -40.26
N GLU C 153 -34.76 -1.66 -40.43
CA GLU C 153 -33.59 -1.93 -41.25
C GLU C 153 -32.36 -1.25 -40.64
N ILE C 154 -31.20 -1.88 -40.77
CA ILE C 154 -29.97 -1.32 -40.24
C ILE C 154 -29.10 -0.74 -41.37
N THR C 155 -28.59 0.48 -41.18
CA THR C 155 -27.78 1.13 -42.20
C THR C 155 -26.32 1.35 -41.75
N TYR C 156 -25.41 1.44 -42.72
CA TYR C 156 -24.00 1.69 -42.43
C TYR C 156 -23.49 2.78 -43.35
N THR C 157 -23.12 3.93 -42.78
CA THR C 157 -22.60 5.05 -43.55
C THR C 157 -21.09 5.12 -43.39
N PRO C 158 -20.33 4.68 -44.42
CA PRO C 158 -18.86 4.75 -44.32
C PRO C 158 -18.43 6.20 -44.22
N SER C 159 -17.60 6.53 -43.21
CA SER C 159 -17.17 7.90 -42.97
C SER C 159 -16.06 8.37 -43.91
N ASP C 160 -16.31 8.25 -45.21
CA ASP C 160 -15.42 8.65 -46.29
C ASP C 160 -16.25 9.29 -47.44
N GLY C 161 -17.39 8.70 -47.73
CA GLY C 161 -18.27 9.17 -48.79
C GLY C 161 -18.96 8.04 -49.56
N THR C 162 -18.59 6.78 -49.29
CA THR C 162 -19.17 5.60 -49.94
C THR C 162 -20.66 5.50 -49.59
N GLN C 163 -21.46 4.95 -50.51
CA GLN C 163 -22.90 4.84 -50.30
C GLN C 163 -23.30 3.98 -49.11
N LYS C 164 -24.42 4.36 -48.48
CA LYS C 164 -24.96 3.68 -47.32
C LYS C 164 -25.36 2.25 -47.67
N VAL C 165 -24.93 1.30 -46.84
CA VAL C 165 -25.23 -0.12 -47.07
C VAL C 165 -26.37 -0.51 -46.14
N THR C 166 -27.60 -0.54 -46.66
CA THR C 166 -28.77 -0.87 -45.87
C THR C 166 -29.14 -2.35 -45.90
N TYR C 167 -29.28 -2.95 -44.72
CA TYR C 167 -29.66 -4.37 -44.55
C TYR C 167 -31.02 -4.40 -43.87
N LEU C 168 -31.94 -5.14 -44.45
CA LEU C 168 -33.27 -5.26 -43.87
C LEU C 168 -33.18 -6.27 -42.74
N VAL C 169 -33.64 -5.91 -41.52
CA VAL C 169 -33.64 -6.88 -40.42
C VAL C 169 -35.00 -7.60 -40.34
N HIS C 170 -36.11 -6.87 -40.55
CA HIS C 170 -37.46 -7.44 -40.56
C HIS C 170 -38.52 -6.41 -40.92
N ASN C 171 -39.53 -6.84 -41.66
CA ASN C 171 -40.65 -5.98 -42.05
C ASN C 171 -41.89 -6.50 -41.30
N PHE C 172 -42.28 -5.81 -40.22
CA PHE C 172 -43.46 -6.20 -39.45
C PHE C 172 -44.72 -5.93 -40.23
N GLU C 173 -45.28 -6.98 -40.84
CA GLU C 173 -46.49 -6.84 -41.64
C GLU C 173 -47.73 -6.59 -40.76
N GLU C 174 -48.08 -7.52 -39.86
CA GLU C 174 -49.23 -7.40 -38.99
C GLU C 174 -48.82 -7.50 -37.54
N GLY C 175 -49.09 -6.45 -36.79
CA GLY C 175 -48.78 -6.38 -35.37
C GLY C 175 -47.38 -5.87 -35.08
N GLY C 176 -47.19 -5.47 -33.83
CA GLY C 176 -45.92 -4.94 -33.34
C GLY C 176 -44.86 -5.98 -33.09
N GLY C 177 -43.79 -5.56 -32.42
CA GLY C 177 -42.68 -6.44 -32.10
C GLY C 177 -41.70 -5.77 -31.16
N VAL C 178 -40.42 -6.02 -31.38
CA VAL C 178 -39.29 -5.44 -30.66
C VAL C 178 -38.01 -5.63 -31.49
N ALA C 179 -37.10 -4.65 -31.49
CA ALA C 179 -35.89 -4.72 -32.28
C ALA C 179 -34.64 -4.37 -31.46
N MET C 180 -33.48 -4.87 -31.88
CA MET C 180 -32.21 -4.62 -31.20
C MET C 180 -31.07 -4.57 -32.22
N GLY C 181 -30.01 -3.86 -31.88
CA GLY C 181 -28.84 -3.71 -32.72
C GLY C 181 -27.57 -3.80 -31.91
N MET C 182 -26.72 -4.77 -32.28
CA MET C 182 -25.43 -5.07 -31.66
C MET C 182 -24.25 -4.73 -32.58
N TYR C 183 -23.04 -4.66 -32.00
CA TYR C 183 -21.80 -4.37 -32.74
C TYR C 183 -20.58 -4.94 -31.98
N ASN C 184 -19.46 -5.06 -32.68
CA ASN C 184 -18.21 -5.54 -32.12
C ASN C 184 -17.06 -4.87 -32.83
N GLN C 185 -16.06 -4.43 -32.07
CA GLN C 185 -14.88 -3.80 -32.66
C GLN C 185 -13.80 -4.84 -33.01
N ASP C 186 -12.93 -4.50 -33.97
CA ASP C 186 -11.85 -5.39 -34.39
C ASP C 186 -10.79 -5.53 -33.31
N LYS C 187 -10.49 -4.42 -32.60
CA LYS C 187 -9.48 -4.42 -31.55
C LYS C 187 -9.83 -5.36 -30.42
N SER C 188 -11.13 -5.44 -30.05
CA SER C 188 -11.58 -6.33 -28.97
C SER C 188 -11.34 -7.78 -29.35
N ILE C 189 -11.62 -8.13 -30.61
CA ILE C 189 -11.44 -9.50 -31.12
C ILE C 189 -9.96 -9.83 -31.19
N GLU C 190 -9.14 -8.88 -31.66
CA GLU C 190 -7.70 -9.06 -31.77
C GLU C 190 -7.09 -9.30 -30.39
N ASP C 191 -7.51 -8.51 -29.39
CA ASP C 191 -7.02 -8.65 -28.02
C ASP C 191 -7.45 -9.97 -27.41
N PHE C 192 -8.68 -10.43 -27.72
CA PHE C 192 -9.21 -11.70 -27.24
C PHE C 192 -8.40 -12.84 -27.84
N ALA C 193 -8.08 -12.75 -29.14
CA ALA C 193 -7.29 -13.76 -29.82
C ALA C 193 -5.89 -13.85 -29.19
N HIS C 194 -5.22 -12.70 -29.00
CA HIS C 194 -3.90 -12.66 -28.39
C HIS C 194 -3.91 -13.25 -26.98
N SER C 195 -4.92 -12.91 -26.17
CA SER C 195 -5.04 -13.41 -24.80
C SER C 195 -5.23 -14.93 -24.80
N SER C 196 -6.05 -15.44 -25.74
CA SER C 196 -6.31 -16.87 -25.86
C SER C 196 -5.06 -17.63 -26.24
N PHE C 197 -4.28 -17.12 -27.23
CA PHE C 197 -3.08 -17.79 -27.66
C PHE C 197 -2.00 -17.76 -26.59
N GLN C 198 -1.87 -16.63 -25.88
CA GLN C 198 -0.87 -16.53 -24.82
C GLN C 198 -1.20 -17.44 -23.65
N MET C 199 -2.50 -17.62 -23.35
CA MET C 199 -2.94 -18.52 -22.30
C MET C 199 -2.61 -19.95 -22.68
N ALA C 200 -2.85 -20.30 -23.96
CA ALA C 200 -2.57 -21.62 -24.52
C ALA C 200 -1.06 -21.93 -24.49
N LEU C 201 -0.21 -20.92 -24.67
CA LEU C 201 1.22 -21.08 -24.64
C LEU C 201 1.71 -21.24 -23.20
N SER C 202 1.16 -20.45 -22.27
CA SER C 202 1.55 -20.52 -20.86
C SER C 202 1.18 -21.87 -20.25
N LYS C 203 -0.01 -22.39 -20.58
CA LYS C 203 -0.47 -23.68 -20.06
C LYS C 203 0.04 -24.89 -20.86
N GLY C 204 0.45 -24.68 -22.10
CA GLY C 204 0.94 -25.76 -22.94
C GLY C 204 -0.15 -26.69 -23.42
N TRP C 205 -1.34 -26.16 -23.65
CA TRP C 205 -2.47 -26.98 -24.11
C TRP C 205 -3.04 -26.49 -25.46
N PRO C 206 -3.63 -27.41 -26.25
CA PRO C 206 -4.19 -26.99 -27.55
C PRO C 206 -5.41 -26.08 -27.41
N LEU C 207 -5.56 -25.11 -28.31
CA LEU C 207 -6.66 -24.17 -28.27
C LEU C 207 -7.72 -24.52 -29.31
N TYR C 208 -8.98 -24.39 -28.96
CA TYR C 208 -10.07 -24.58 -29.91
C TYR C 208 -11.03 -23.40 -29.76
N LEU C 209 -11.37 -22.77 -30.87
CA LEU C 209 -12.30 -21.66 -30.87
C LEU C 209 -13.71 -22.19 -31.21
N SER C 210 -14.70 -21.88 -30.33
CA SER C 210 -16.11 -22.27 -30.49
C SER C 210 -16.82 -21.16 -31.23
N THR C 211 -17.47 -21.51 -32.36
CA THR C 211 -18.14 -20.54 -33.23
C THR C 211 -19.36 -21.19 -33.94
N LYS C 212 -20.47 -20.46 -34.10
CA LYS C 212 -21.66 -20.98 -34.79
C LYS C 212 -21.90 -20.21 -36.10
N ASN C 213 -20.84 -20.08 -36.93
CA ASN C 213 -20.88 -19.33 -38.20
C ASN C 213 -21.74 -19.96 -39.30
N THR C 214 -22.44 -21.07 -39.01
CA THR C 214 -23.32 -21.70 -40.01
C THR C 214 -24.46 -20.74 -40.34
N ILE C 215 -25.05 -20.14 -39.30
CA ILE C 215 -26.14 -19.19 -39.41
C ILE C 215 -25.59 -17.75 -39.36
N LEU C 216 -24.74 -17.45 -38.37
CA LEU C 216 -24.13 -16.14 -38.19
C LEU C 216 -22.79 -16.14 -38.94
N LYS C 217 -22.87 -16.20 -40.26
CA LYS C 217 -21.75 -16.26 -41.20
C LYS C 217 -20.83 -15.05 -41.19
N LYS C 218 -21.37 -13.84 -41.03
CA LYS C 218 -20.55 -12.63 -41.02
C LYS C 218 -20.02 -12.30 -39.61
N TYR C 219 -20.84 -12.49 -38.56
CA TYR C 219 -20.43 -12.19 -37.17
C TYR C 219 -19.34 -13.14 -36.69
N ASP C 220 -19.65 -14.45 -36.60
CA ASP C 220 -18.67 -15.46 -36.17
C ASP C 220 -17.60 -15.74 -37.23
N GLY C 221 -17.89 -15.44 -38.49
CA GLY C 221 -16.92 -15.59 -39.56
C GLY C 221 -15.77 -14.62 -39.38
N ARG C 222 -16.04 -13.42 -38.81
CA ARG C 222 -15.01 -12.41 -38.53
C ARG C 222 -14.11 -12.89 -37.39
N PHE C 223 -14.67 -13.60 -36.40
CA PHE C 223 -13.91 -14.14 -35.27
C PHE C 223 -12.94 -15.18 -35.79
N LYS C 224 -13.43 -16.10 -36.65
CA LYS C 224 -12.62 -17.16 -37.21
C LYS C 224 -11.50 -16.60 -38.07
N ASP C 225 -11.81 -15.60 -38.90
CA ASP C 225 -10.84 -14.95 -39.78
C ASP C 225 -9.74 -14.28 -39.01
N ILE C 226 -10.06 -13.42 -38.02
CA ILE C 226 -9.05 -12.74 -37.22
C ILE C 226 -8.19 -13.75 -36.46
N PHE C 227 -8.83 -14.73 -35.80
CA PHE C 227 -8.11 -15.77 -35.05
C PHE C 227 -7.11 -16.51 -35.92
N GLN C 228 -7.52 -16.87 -37.16
CA GLN C 228 -6.63 -17.55 -38.08
C GLN C 228 -5.51 -16.63 -38.59
N GLU C 229 -5.82 -15.34 -38.82
CA GLU C 229 -4.85 -14.34 -39.28
C GLU C 229 -3.71 -14.14 -38.28
N ILE C 230 -4.02 -14.13 -36.98
CA ILE C 230 -3.00 -13.96 -35.95
C ILE C 230 -2.26 -15.27 -35.69
N TYR C 231 -2.98 -16.40 -35.75
CA TYR C 231 -2.37 -17.70 -35.54
C TYR C 231 -1.30 -17.98 -36.62
N ASP C 232 -1.60 -17.72 -37.91
CA ASP C 232 -0.65 -17.96 -39.02
C ASP C 232 0.48 -16.92 -39.11
N LYS C 233 0.27 -15.73 -38.55
CA LYS C 233 1.28 -14.67 -38.62
C LYS C 233 2.20 -14.55 -37.40
N GLN C 234 1.73 -14.95 -36.19
CA GLN C 234 2.54 -14.78 -34.99
C GLN C 234 2.77 -15.99 -34.09
N TYR C 235 1.77 -16.85 -33.92
CA TYR C 235 1.87 -17.97 -32.98
C TYR C 235 2.00 -19.38 -33.59
N LYS C 236 1.99 -19.53 -34.92
CA LYS C 236 2.08 -20.86 -35.53
C LYS C 236 3.37 -21.59 -35.18
N SER C 237 4.52 -20.89 -35.22
CA SER C 237 5.81 -21.48 -34.90
C SER C 237 5.91 -21.96 -33.45
N GLN C 238 5.43 -21.16 -32.48
CA GLN C 238 5.45 -21.55 -31.08
C GLN C 238 4.54 -22.73 -30.81
N PHE C 239 3.38 -22.76 -31.46
CA PHE C 239 2.43 -23.84 -31.29
C PHE C 239 3.03 -25.14 -31.82
N GLU C 240 3.69 -25.08 -32.98
CA GLU C 240 4.32 -26.24 -33.59
C GLU C 240 5.51 -26.75 -32.78
N ALA C 241 6.25 -25.82 -32.14
CA ALA C 241 7.41 -26.17 -31.33
C ALA C 241 7.02 -26.97 -30.09
N GLN C 242 5.86 -26.65 -29.49
CA GLN C 242 5.40 -27.38 -28.30
C GLN C 242 4.39 -28.48 -28.60
N LYS C 243 4.29 -28.92 -29.87
CA LYS C 243 3.35 -29.96 -30.33
C LYS C 243 1.87 -29.60 -30.11
N ILE C 244 1.56 -28.34 -29.78
CA ILE C 244 0.17 -27.90 -29.59
C ILE C 244 -0.40 -27.39 -30.92
N TRP C 245 -1.71 -27.26 -31.00
CA TRP C 245 -2.36 -26.81 -32.23
C TRP C 245 -3.62 -25.99 -31.94
N TYR C 246 -4.02 -25.18 -32.93
CA TYR C 246 -5.24 -24.38 -32.83
C TYR C 246 -6.13 -24.89 -33.95
N GLU C 247 -7.28 -25.41 -33.61
CA GLU C 247 -8.20 -25.92 -34.61
C GLU C 247 -9.57 -25.38 -34.26
N HIS C 248 -10.10 -24.46 -35.08
CA HIS C 248 -11.41 -23.90 -34.81
C HIS C 248 -12.49 -24.94 -35.09
N ARG C 249 -13.40 -25.11 -34.14
CA ARG C 249 -14.49 -26.05 -34.28
C ARG C 249 -15.83 -25.36 -34.18
N LEU C 250 -16.84 -25.95 -34.83
CA LEU C 250 -18.20 -25.43 -34.76
C LEU C 250 -18.79 -25.84 -33.38
N ILE C 251 -19.76 -25.10 -32.85
CA ILE C 251 -20.33 -25.41 -31.53
C ILE C 251 -20.86 -26.86 -31.43
N ASP C 252 -21.48 -27.40 -32.49
CA ASP C 252 -22.02 -28.77 -32.49
C ASP C 252 -20.90 -29.82 -32.43
N ASP C 253 -19.79 -29.55 -33.12
CA ASP C 253 -18.62 -30.44 -33.16
C ASP C 253 -17.85 -30.36 -31.83
N MET C 254 -17.77 -29.14 -31.26
CA MET C 254 -17.06 -28.84 -30.03
C MET C 254 -17.65 -29.53 -28.82
N VAL C 255 -18.98 -29.52 -28.67
CA VAL C 255 -19.61 -30.20 -27.55
C VAL C 255 -19.41 -31.71 -27.61
N ALA C 256 -19.43 -32.28 -28.82
CA ALA C 256 -19.22 -33.71 -29.01
C ALA C 256 -17.76 -34.08 -28.67
N GLN C 257 -16.82 -33.21 -29.07
CA GLN C 257 -15.40 -33.34 -28.85
C GLN C 257 -15.03 -33.20 -27.39
N ALA C 258 -15.74 -32.34 -26.62
CA ALA C 258 -15.44 -32.16 -25.20
C ALA C 258 -15.70 -33.46 -24.44
N MET C 259 -16.80 -34.15 -24.76
CA MET C 259 -17.16 -35.41 -24.12
C MET C 259 -16.20 -36.53 -24.58
N LYS C 260 -15.79 -36.50 -25.85
CA LYS C 260 -14.89 -37.47 -26.45
C LYS C 260 -13.46 -37.36 -25.91
N SER C 261 -13.00 -36.13 -25.69
CA SER C 261 -11.65 -35.86 -25.19
C SER C 261 -11.51 -36.14 -23.70
N GLU C 262 -10.26 -36.32 -23.24
CA GLU C 262 -9.96 -36.57 -21.84
C GLU C 262 -9.61 -35.29 -21.05
N GLY C 263 -9.81 -34.11 -21.64
CA GLY C 263 -9.49 -32.85 -21.02
C GLY C 263 -8.10 -32.35 -21.37
N GLY C 264 -7.71 -31.23 -20.77
CA GLY C 264 -6.41 -30.62 -20.99
C GLY C 264 -6.33 -29.77 -22.24
N PHE C 265 -7.29 -28.88 -22.43
CA PHE C 265 -7.29 -28.00 -23.60
C PHE C 265 -7.92 -26.62 -23.28
N ILE C 266 -7.66 -25.61 -24.11
CA ILE C 266 -8.16 -24.26 -23.93
C ILE C 266 -9.35 -24.04 -24.83
N TRP C 267 -10.52 -23.85 -24.22
CA TRP C 267 -11.76 -23.60 -24.98
C TRP C 267 -12.09 -22.13 -24.95
N ALA C 268 -12.00 -21.46 -26.10
CA ALA C 268 -12.35 -20.06 -26.22
C ALA C 268 -13.72 -20.03 -26.86
N CYS C 269 -14.75 -19.62 -26.13
CA CYS C 269 -16.11 -19.55 -26.67
C CYS C 269 -16.66 -18.12 -26.60
N LYS C 270 -17.85 -17.86 -27.16
CA LYS C 270 -18.45 -16.52 -27.10
C LYS C 270 -19.04 -16.19 -25.74
N GLY C 286 -17.66 -18.38 -10.59
CA GLY C 286 -17.50 -19.75 -10.12
C GLY C 286 -18.71 -20.61 -10.36
N SER C 287 -18.56 -21.94 -10.23
CA SER C 287 -19.66 -22.88 -10.41
C SER C 287 -20.03 -23.63 -9.13
N LEU C 288 -19.08 -24.38 -8.51
CA LEU C 288 -19.40 -25.10 -7.25
C LEU C 288 -18.69 -24.44 -6.04
N GLY C 289 -17.36 -24.55 -5.97
CA GLY C 289 -16.54 -24.02 -4.90
C GLY C 289 -15.04 -24.18 -5.15
N MET C 290 -14.64 -24.69 -6.33
CA MET C 290 -13.24 -24.88 -6.71
C MET C 290 -12.99 -24.47 -8.14
N MET C 291 -12.71 -23.19 -8.35
CA MET C 291 -12.44 -22.61 -9.66
C MET C 291 -11.52 -21.42 -9.51
N THR C 292 -10.64 -21.23 -10.49
CA THR C 292 -9.71 -20.10 -10.46
C THR C 292 -9.96 -19.21 -11.69
N SER C 293 -10.10 -17.91 -11.46
CA SER C 293 -10.33 -16.94 -12.52
C SER C 293 -9.05 -16.15 -12.73
N VAL C 294 -8.45 -16.23 -13.93
CA VAL C 294 -7.24 -15.47 -14.22
C VAL C 294 -7.51 -14.49 -15.33
N LEU C 295 -7.14 -13.23 -15.14
CA LEU C 295 -7.33 -12.21 -16.15
C LEU C 295 -6.04 -12.12 -16.92
N VAL C 296 -6.02 -12.61 -18.17
CA VAL C 296 -4.82 -12.54 -18.98
C VAL C 296 -4.91 -11.36 -19.92
N CYS C 297 -3.93 -10.46 -19.86
CA CYS C 297 -3.91 -9.27 -20.71
C CYS C 297 -3.40 -9.64 -22.12
N PRO C 298 -3.84 -8.90 -23.17
CA PRO C 298 -3.39 -9.21 -24.54
C PRO C 298 -1.88 -9.20 -24.74
N ASP C 299 -1.11 -8.42 -23.96
CA ASP C 299 0.36 -8.36 -24.06
C ASP C 299 1.06 -9.68 -23.68
N GLY C 300 0.38 -10.52 -22.90
CA GLY C 300 0.91 -11.81 -22.47
C GLY C 300 1.98 -11.74 -21.39
N LYS C 301 2.06 -10.59 -20.70
CA LYS C 301 3.02 -10.35 -19.62
C LYS C 301 2.31 -10.04 -18.31
N THR C 302 1.15 -9.37 -18.37
CA THR C 302 0.39 -9.03 -17.17
C THR C 302 -0.73 -10.04 -16.91
N VAL C 303 -0.73 -10.69 -15.73
CA VAL C 303 -1.74 -11.68 -15.34
C VAL C 303 -2.27 -11.38 -13.93
N GLU C 304 -3.60 -11.46 -13.74
CA GLU C 304 -4.21 -11.23 -12.43
C GLU C 304 -5.04 -12.44 -12.03
N ALA C 305 -4.53 -13.23 -11.09
CA ALA C 305 -5.21 -14.44 -10.64
C ALA C 305 -6.07 -14.20 -9.42
N GLU C 306 -7.14 -14.98 -9.29
CA GLU C 306 -8.04 -14.90 -8.14
C GLU C 306 -8.97 -16.11 -8.06
N ALA C 307 -9.54 -16.35 -6.87
CA ALA C 307 -10.46 -17.46 -6.65
C ALA C 307 -11.82 -17.05 -7.20
N ALA C 308 -12.52 -17.98 -7.87
CA ALA C 308 -13.83 -17.66 -8.45
C ALA C 308 -14.92 -17.49 -7.41
N HIS C 309 -14.80 -18.19 -6.28
CA HIS C 309 -15.78 -18.13 -5.19
C HIS C 309 -15.82 -16.78 -4.43
N GLY C 310 -16.99 -16.48 -3.85
CA GLY C 310 -17.24 -15.24 -3.11
C GLY C 310 -16.49 -15.16 -1.79
N THR C 311 -16.88 -14.19 -0.94
CA THR C 311 -16.21 -13.97 0.36
C THR C 311 -16.52 -15.03 1.43
N VAL C 312 -17.50 -15.92 1.19
CA VAL C 312 -17.94 -16.98 2.12
C VAL C 312 -18.39 -16.32 3.44
N THR C 313 -19.46 -15.51 3.36
CA THR C 313 -20.01 -14.80 4.53
C THR C 313 -20.61 -15.75 5.56
N ARG C 314 -21.30 -16.80 5.12
CA ARG C 314 -21.91 -17.78 6.01
C ARG C 314 -20.93 -18.38 7.01
N HIS C 315 -19.72 -18.73 6.56
CA HIS C 315 -18.69 -19.27 7.45
C HIS C 315 -18.08 -18.17 8.32
N TYR C 316 -17.98 -16.95 7.79
CA TYR C 316 -17.43 -15.83 8.53
C TYR C 316 -18.33 -15.51 9.73
N ARG C 317 -19.66 -15.67 9.59
CA ARG C 317 -20.59 -15.41 10.69
C ARG C 317 -20.33 -16.42 11.82
N MET C 318 -20.07 -17.68 11.47
CA MET C 318 -19.75 -18.72 12.43
C MET C 318 -18.43 -18.38 13.13
N TYR C 319 -17.44 -17.89 12.36
CA TYR C 319 -16.14 -17.50 12.88
C TYR C 319 -16.29 -16.37 13.90
N GLN C 320 -17.17 -15.40 13.61
CA GLN C 320 -17.46 -14.28 14.51
C GLN C 320 -18.11 -14.78 15.80
N LYS C 321 -19.00 -15.78 15.69
CA LYS C 321 -19.66 -16.37 16.84
C LYS C 321 -18.74 -17.35 17.64
N GLY C 322 -17.57 -17.67 17.11
CA GLY C 322 -16.63 -18.58 17.76
C GLY C 322 -16.84 -20.04 17.39
N GLN C 323 -17.75 -20.33 16.45
CA GLN C 323 -18.07 -21.68 16.00
C GLN C 323 -17.00 -22.25 15.09
N GLU C 324 -16.93 -23.59 15.02
CA GLU C 324 -15.99 -24.30 14.17
C GLU C 324 -16.41 -24.13 12.70
N THR C 325 -15.48 -23.84 11.80
CA THR C 325 -15.78 -23.65 10.39
C THR C 325 -14.96 -24.60 9.51
N SER C 326 -15.51 -25.04 8.37
CA SER C 326 -14.79 -25.91 7.44
C SER C 326 -14.84 -25.26 6.06
N THR C 327 -13.92 -24.35 5.79
CA THR C 327 -13.85 -23.63 4.51
C THR C 327 -12.77 -24.21 3.60
N ASN C 328 -13.08 -24.33 2.30
CA ASN C 328 -12.14 -24.85 1.30
C ASN C 328 -11.17 -23.79 0.83
N PRO C 329 -9.88 -23.94 1.13
CA PRO C 329 -8.90 -22.93 0.69
C PRO C 329 -8.21 -23.24 -0.63
N ILE C 330 -8.55 -24.37 -1.28
CA ILE C 330 -7.95 -24.80 -2.54
C ILE C 330 -8.00 -23.72 -3.63
N ALA C 331 -9.15 -23.07 -3.84
CA ALA C 331 -9.25 -22.02 -4.85
C ALA C 331 -8.26 -20.87 -4.58
N SER C 332 -8.15 -20.46 -3.31
CA SER C 332 -7.25 -19.38 -2.92
C SER C 332 -5.79 -19.78 -3.06
N ILE C 333 -5.47 -21.05 -2.74
CA ILE C 333 -4.11 -21.57 -2.86
C ILE C 333 -3.73 -21.60 -4.33
N PHE C 334 -4.62 -22.11 -5.18
CA PHE C 334 -4.38 -22.19 -6.61
C PHE C 334 -4.23 -20.81 -7.27
N ALA C 335 -4.87 -19.76 -6.72
CA ALA C 335 -4.71 -18.41 -7.27
C ALA C 335 -3.24 -17.96 -7.05
N TRP C 336 -2.68 -18.31 -5.89
CA TRP C 336 -1.30 -18.00 -5.55
C TRP C 336 -0.37 -18.79 -6.45
N THR C 337 -0.61 -20.11 -6.61
CA THR C 337 0.24 -20.95 -7.44
C THR C 337 0.28 -20.48 -8.89
N ARG C 338 -0.85 -20.01 -9.46
CA ARG C 338 -0.88 -19.55 -10.84
C ARG C 338 -0.11 -18.26 -11.02
N GLY C 339 -0.23 -17.36 -10.04
CA GLY C 339 0.48 -16.09 -10.10
C GLY C 339 1.98 -16.31 -9.97
N LEU C 340 2.36 -17.23 -9.07
CA LEU C 340 3.76 -17.57 -8.83
C LEU C 340 4.35 -18.28 -10.05
N ALA C 341 3.54 -19.12 -10.74
CA ALA C 341 3.99 -19.83 -11.94
C ALA C 341 4.23 -18.83 -13.08
N HIS C 342 3.37 -17.81 -13.20
CA HIS C 342 3.53 -16.78 -14.22
C HIS C 342 4.75 -15.93 -13.94
N ARG C 343 4.99 -15.63 -12.65
CA ARG C 343 6.15 -14.85 -12.23
C ARG C 343 7.43 -15.63 -12.58
N ALA C 344 7.44 -16.95 -12.33
CA ALA C 344 8.55 -17.81 -12.62
C ALA C 344 8.80 -17.90 -14.13
N LYS C 345 7.73 -17.93 -14.94
CA LYS C 345 7.84 -17.97 -16.39
C LYS C 345 8.46 -16.66 -16.92
N LEU C 346 8.07 -15.51 -16.33
CA LEU C 346 8.59 -14.22 -16.71
C LEU C 346 10.09 -14.09 -16.35
N ASP C 347 10.45 -14.37 -15.09
CA ASP C 347 11.83 -14.26 -14.61
C ASP C 347 12.72 -15.47 -14.86
N ASN C 348 12.22 -16.47 -15.59
CA ASN C 348 12.96 -17.71 -15.90
C ASN C 348 13.46 -18.41 -14.62
N ASN C 349 12.62 -18.43 -13.60
CA ASN C 349 12.96 -19.04 -12.33
C ASN C 349 12.49 -20.48 -12.34
N LYS C 350 13.42 -21.43 -12.26
CA LYS C 350 13.10 -22.86 -12.28
C LYS C 350 12.61 -23.33 -10.89
N GLU C 351 13.21 -22.78 -9.83
CA GLU C 351 12.89 -23.14 -8.45
C GLU C 351 11.47 -22.70 -8.04
N LEU C 352 11.09 -21.48 -8.43
CA LEU C 352 9.76 -20.95 -8.11
C LEU C 352 8.68 -21.71 -8.87
N ALA C 353 8.96 -22.06 -10.14
CA ALA C 353 8.02 -22.81 -10.97
C ALA C 353 7.80 -24.19 -10.39
N PHE C 354 8.88 -24.83 -9.90
CA PHE C 354 8.78 -26.13 -9.27
C PHE C 354 7.97 -26.03 -8.00
N PHE C 355 8.19 -24.98 -7.19
CA PHE C 355 7.49 -24.75 -5.94
C PHE C 355 6.00 -24.60 -6.17
N ALA C 356 5.60 -23.85 -7.20
CA ALA C 356 4.19 -23.66 -7.49
C ALA C 356 3.53 -24.97 -7.88
N ASN C 357 4.21 -25.79 -8.72
CA ASN C 357 3.67 -27.08 -9.12
C ASN C 357 3.60 -28.05 -7.95
N ALA C 358 4.62 -27.98 -7.06
CA ALA C 358 4.67 -28.83 -5.87
C ALA C 358 3.52 -28.51 -4.94
N LEU C 359 3.18 -27.22 -4.79
CA LEU C 359 2.07 -26.80 -3.93
C LEU C 359 0.72 -27.28 -4.50
N GLU C 360 0.56 -27.27 -5.82
CA GLU C 360 -0.68 -27.75 -6.45
C GLU C 360 -0.81 -29.25 -6.21
N GLU C 361 0.30 -29.99 -6.36
CA GLU C 361 0.33 -31.41 -6.17
C GLU C 361 0.05 -31.78 -4.72
N VAL C 362 0.66 -31.07 -3.74
CA VAL C 362 0.39 -31.36 -2.33
C VAL C 362 -1.10 -31.13 -2.00
N SER C 363 -1.68 -30.10 -2.56
CA SER C 363 -3.09 -29.80 -2.37
C SER C 363 -3.97 -30.94 -2.88
N ILE C 364 -3.83 -31.31 -4.16
CA ILE C 364 -4.59 -32.38 -4.80
C ILE C 364 -4.40 -33.72 -4.08
N GLU C 365 -3.16 -34.13 -3.82
CA GLU C 365 -2.88 -35.38 -3.13
C GLU C 365 -3.47 -35.45 -1.74
N THR C 366 -3.50 -34.33 -0.99
CA THR C 366 -4.07 -34.31 0.35
C THR C 366 -5.58 -34.56 0.28
N ILE C 367 -6.26 -33.97 -0.71
CA ILE C 367 -7.69 -34.16 -0.89
C ILE C 367 -7.96 -35.62 -1.26
N GLU C 368 -7.19 -36.15 -2.22
CA GLU C 368 -7.31 -37.52 -2.70
C GLU C 368 -7.02 -38.57 -1.63
N ALA C 369 -6.13 -38.25 -0.69
CA ALA C 369 -5.77 -39.16 0.41
C ALA C 369 -6.89 -39.41 1.41
N GLY C 370 -7.90 -38.55 1.46
CA GLY C 370 -9.00 -38.67 2.39
C GLY C 370 -9.14 -37.47 3.32
N PHE C 371 -8.18 -36.57 3.32
CA PHE C 371 -8.22 -35.37 4.15
C PHE C 371 -8.84 -34.27 3.34
N MET C 372 -10.06 -33.89 3.68
CA MET C 372 -10.76 -32.85 2.97
C MET C 372 -11.74 -32.10 3.90
N THR C 373 -12.29 -30.99 3.40
CA THR C 373 -13.23 -30.20 4.16
C THR C 373 -14.68 -30.74 4.01
N LYS C 374 -15.63 -30.20 4.79
CA LYS C 374 -17.02 -30.66 4.77
C LYS C 374 -17.69 -30.57 3.41
N ASP C 375 -17.47 -29.47 2.68
CA ASP C 375 -18.06 -29.27 1.36
C ASP C 375 -17.62 -30.34 0.36
N LEU C 376 -16.36 -30.79 0.45
CA LEU C 376 -15.85 -31.82 -0.46
C LEU C 376 -16.38 -33.19 -0.05
N ALA C 377 -16.41 -33.44 1.27
CA ALA C 377 -16.90 -34.71 1.80
C ALA C 377 -18.39 -34.91 1.53
N ALA C 378 -19.16 -33.80 1.36
CA ALA C 378 -20.59 -33.85 1.08
C ALA C 378 -20.88 -34.46 -0.29
N CYS C 379 -19.95 -34.35 -1.25
CA CYS C 379 -20.16 -34.93 -2.57
C CYS C 379 -19.87 -36.42 -2.56
N ILE C 380 -18.80 -36.81 -1.86
CA ILE C 380 -18.37 -38.18 -1.71
C ILE C 380 -19.32 -39.02 -0.80
N LYS C 381 -19.42 -38.67 0.50
CA LYS C 381 -20.24 -39.39 1.49
C LYS C 381 -21.73 -39.06 1.46
N GLY C 382 -22.16 -38.08 0.68
CA GLY C 382 -23.57 -37.72 0.61
C GLY C 382 -23.92 -36.63 1.58
N LEU C 383 -24.55 -35.57 1.06
CA LEU C 383 -24.94 -34.38 1.81
C LEU C 383 -25.55 -34.66 3.20
N PRO C 384 -26.59 -35.52 3.39
CA PRO C 384 -27.09 -35.73 4.74
C PRO C 384 -26.27 -36.71 5.59
N ASN C 385 -25.62 -37.66 4.93
CA ASN C 385 -24.85 -38.72 5.58
C ASN C 385 -23.49 -38.29 6.13
N VAL C 386 -23.05 -37.05 5.93
CA VAL C 386 -21.75 -36.61 6.47
C VAL C 386 -21.73 -36.57 7.99
N GLN C 387 -20.65 -37.05 8.59
CA GLN C 387 -20.46 -37.08 10.04
C GLN C 387 -19.14 -36.34 10.42
N ARG C 388 -19.03 -35.86 11.67
CA ARG C 388 -17.83 -35.15 12.11
C ARG C 388 -16.66 -36.11 12.47
N SER C 389 -16.22 -36.81 11.45
CA SER C 389 -15.12 -37.78 11.40
C SER C 389 -14.57 -37.88 9.96
N ASP C 390 -15.40 -37.62 8.94
CA ASP C 390 -15.01 -37.66 7.54
C ASP C 390 -14.21 -36.44 7.13
N TYR C 391 -14.42 -35.29 7.79
CA TYR C 391 -13.73 -34.06 7.41
C TYR C 391 -12.98 -33.37 8.54
N LEU C 392 -12.22 -32.34 8.17
CA LEU C 392 -11.44 -31.52 9.13
C LEU C 392 -11.87 -30.07 9.00
N ASN C 393 -11.73 -29.31 10.09
CA ASN C 393 -12.07 -27.89 10.06
C ASN C 393 -10.96 -27.10 9.30
N THR C 394 -11.20 -25.82 9.03
CA THR C 394 -10.25 -24.98 8.28
C THR C 394 -8.80 -25.04 8.75
N PHE C 395 -8.55 -24.88 10.06
CA PHE C 395 -7.19 -24.85 10.60
C PHE C 395 -6.49 -26.23 10.54
N GLU C 396 -7.21 -27.33 10.80
CA GLU C 396 -6.61 -28.67 10.74
C GLU C 396 -6.19 -28.99 9.32
N PHE C 397 -7.01 -28.59 8.33
CA PHE C 397 -6.75 -28.82 6.92
C PHE C 397 -5.52 -28.06 6.47
N MET C 398 -5.39 -26.79 6.93
CA MET C 398 -4.25 -25.96 6.60
C MET C 398 -2.97 -26.52 7.22
N ASP C 399 -3.07 -27.03 8.45
CA ASP C 399 -1.94 -27.62 9.16
C ASP C 399 -1.50 -28.90 8.45
N LYS C 400 -2.45 -29.71 7.97
CA LYS C 400 -2.14 -30.94 7.26
C LYS C 400 -1.46 -30.61 5.94
N LEU C 401 -1.94 -29.57 5.25
CA LEU C 401 -1.38 -29.12 3.99
C LEU C 401 0.06 -28.64 4.17
N GLY C 402 0.30 -27.90 5.26
CA GLY C 402 1.62 -27.40 5.57
C GLY C 402 2.60 -28.51 5.89
N GLU C 403 2.14 -29.52 6.65
CA GLU C 403 2.93 -30.69 7.05
C GLU C 403 3.34 -31.48 5.81
N ASN C 404 2.37 -31.75 4.92
CA ASN C 404 2.62 -32.50 3.71
C ASN C 404 3.49 -31.72 2.71
N LEU C 405 3.38 -30.37 2.71
CA LEU C 405 4.19 -29.52 1.85
C LEU C 405 5.63 -29.59 2.31
N LYS C 406 5.87 -29.53 3.64
CA LYS C 406 7.23 -29.62 4.20
C LYS C 406 7.87 -30.95 3.82
N ILE C 407 7.10 -32.03 3.91
CA ILE C 407 7.54 -33.38 3.56
C ILE C 407 7.89 -33.41 2.06
N LYS C 408 7.03 -32.86 1.20
CA LYS C 408 7.25 -32.83 -0.23
C LYS C 408 8.52 -32.09 -0.63
N LEU C 409 8.79 -30.94 0.00
CA LEU C 409 9.98 -30.17 -0.29
C LEU C 409 11.24 -30.85 0.24
N ALA C 410 11.13 -31.57 1.38
CA ALA C 410 12.25 -32.30 1.96
C ALA C 410 12.60 -33.47 1.02
N GLN C 411 11.59 -34.18 0.49
CA GLN C 411 11.80 -35.28 -0.43
C GLN C 411 12.32 -34.81 -1.79
N ALA C 412 12.00 -33.57 -2.19
CA ALA C 412 12.43 -32.99 -3.45
C ALA C 412 13.89 -32.55 -3.42
N LYS C 413 14.47 -32.36 -2.22
CA LYS C 413 15.88 -31.99 -2.07
C LYS C 413 16.81 -33.07 -2.66
N LEU C 414 16.31 -34.30 -2.87
CA LEU C 414 17.08 -35.38 -3.45
C LEU C 414 17.15 -35.22 -4.99
N SER D 2 -59.45 -57.42 -13.57
CA SER D 2 -58.07 -57.08 -13.89
C SER D 2 -57.98 -56.34 -15.23
N LYS D 3 -58.83 -55.32 -15.40
CA LYS D 3 -58.86 -54.52 -16.61
C LYS D 3 -57.64 -53.65 -16.76
N LYS D 4 -57.03 -53.63 -17.95
CA LYS D 4 -55.86 -52.79 -18.20
C LYS D 4 -56.36 -51.33 -18.22
N ILE D 5 -55.62 -50.38 -17.63
CA ILE D 5 -56.02 -48.97 -17.57
C ILE D 5 -56.31 -48.43 -18.98
N SER D 6 -57.37 -47.65 -19.12
CA SER D 6 -57.76 -47.08 -20.40
C SER D 6 -56.98 -45.80 -20.66
N GLY D 7 -55.89 -45.90 -21.43
CA GLY D 7 -55.02 -44.76 -21.71
C GLY D 7 -55.63 -43.67 -22.56
N GLY D 8 -56.01 -44.01 -23.78
CA GLY D 8 -56.59 -43.05 -24.70
C GLY D 8 -55.79 -42.89 -25.99
N SER D 9 -56.07 -41.82 -26.77
CA SER D 9 -55.35 -41.62 -28.04
C SER D 9 -53.95 -41.00 -27.93
N VAL D 10 -52.92 -41.82 -28.18
CA VAL D 10 -51.53 -41.35 -28.10
C VAL D 10 -50.80 -41.62 -29.43
N VAL D 11 -49.93 -40.70 -29.89
CA VAL D 11 -49.19 -40.89 -31.15
C VAL D 11 -47.75 -41.41 -30.94
N GLU D 12 -47.50 -42.70 -31.23
CA GLU D 12 -46.18 -43.31 -31.07
C GLU D 12 -45.30 -43.02 -32.29
N MET D 13 -44.00 -42.79 -32.07
CA MET D 13 -43.07 -42.54 -33.15
C MET D 13 -41.86 -43.42 -32.97
N GLN D 14 -41.72 -44.43 -33.83
CA GLN D 14 -40.60 -45.36 -33.75
C GLN D 14 -39.31 -44.64 -34.14
N GLY D 15 -38.22 -44.95 -33.45
CA GLY D 15 -36.94 -44.31 -33.74
C GLY D 15 -35.93 -45.15 -34.47
N ASP D 16 -34.66 -44.96 -34.13
CA ASP D 16 -33.57 -45.67 -34.77
C ASP D 16 -32.52 -46.19 -33.79
N GLU D 17 -31.74 -47.18 -34.24
CA GLU D 17 -30.63 -47.80 -33.54
C GLU D 17 -31.00 -48.28 -32.09
N MET D 18 -30.11 -48.08 -31.10
CA MET D 18 -30.33 -48.49 -29.72
C MET D 18 -31.59 -47.93 -29.13
N THR D 19 -31.93 -46.68 -29.47
CA THR D 19 -33.14 -46.03 -28.95
C THR D 19 -34.40 -46.75 -29.43
N ARG D 20 -34.38 -47.31 -30.65
CA ARG D 20 -35.50 -48.06 -31.19
C ARG D 20 -35.65 -49.36 -30.39
N ILE D 21 -34.54 -50.04 -30.09
CA ILE D 21 -34.53 -51.27 -29.33
C ILE D 21 -35.10 -51.05 -27.93
N ILE D 22 -34.63 -50.00 -27.22
CA ILE D 22 -35.13 -49.72 -25.89
C ILE D 22 -36.59 -49.24 -25.95
N TRP D 23 -37.00 -48.54 -27.02
CA TRP D 23 -38.37 -48.06 -27.22
C TRP D 23 -39.32 -49.25 -27.28
N GLU D 24 -38.94 -50.29 -28.03
CA GLU D 24 -39.75 -51.51 -28.15
C GLU D 24 -39.82 -52.23 -26.81
N LEU D 25 -38.71 -52.22 -26.04
CA LEU D 25 -38.63 -52.85 -24.73
C LEU D 25 -39.57 -52.15 -23.73
N ILE D 26 -39.60 -50.80 -23.74
CA ILE D 26 -40.47 -50.06 -22.83
C ILE D 26 -41.93 -50.35 -23.16
N LYS D 27 -42.27 -50.34 -24.46
CA LYS D 27 -43.62 -50.62 -24.89
C LYS D 27 -44.08 -52.03 -24.45
N GLU D 28 -43.33 -53.06 -24.85
CA GLU D 28 -43.66 -54.44 -24.54
C GLU D 28 -43.59 -54.82 -23.05
N LYS D 29 -42.66 -54.23 -22.26
CA LYS D 29 -42.53 -54.60 -20.85
C LYS D 29 -43.16 -53.68 -19.82
N LEU D 30 -43.19 -52.36 -20.05
CA LEU D 30 -43.72 -51.45 -19.03
C LEU D 30 -45.06 -50.79 -19.35
N ILE D 31 -45.28 -50.42 -20.62
CA ILE D 31 -46.52 -49.72 -20.97
C ILE D 31 -47.70 -50.66 -21.29
N PHE D 32 -47.55 -51.54 -22.30
CA PHE D 32 -48.62 -52.45 -22.76
C PHE D 32 -49.16 -53.41 -21.68
N PRO D 33 -48.36 -54.08 -20.82
CA PRO D 33 -48.97 -55.00 -19.83
C PRO D 33 -49.90 -54.38 -18.81
N TYR D 34 -49.91 -53.03 -18.69
CA TYR D 34 -50.77 -52.37 -17.70
C TYR D 34 -51.70 -51.34 -18.33
N VAL D 35 -51.32 -50.75 -19.46
CA VAL D 35 -52.12 -49.72 -20.11
C VAL D 35 -52.52 -50.11 -21.55
N GLU D 36 -53.81 -49.96 -21.88
CA GLU D 36 -54.37 -50.24 -23.19
C GLU D 36 -54.57 -48.89 -23.88
N LEU D 37 -53.86 -48.64 -24.98
CA LEU D 37 -53.92 -47.36 -25.69
C LEU D 37 -54.51 -47.46 -27.09
N ASP D 38 -55.03 -46.31 -27.62
CA ASP D 38 -55.51 -46.26 -29.00
C ASP D 38 -54.29 -45.63 -29.68
N LEU D 39 -53.26 -46.45 -29.92
CA LEU D 39 -52.02 -45.99 -30.53
C LEU D 39 -52.09 -45.64 -32.02
N HIS D 40 -51.29 -44.64 -32.40
CA HIS D 40 -51.16 -44.20 -33.78
C HIS D 40 -49.68 -44.18 -34.04
N SER D 41 -49.16 -45.34 -34.36
CA SER D 41 -47.75 -45.53 -34.61
C SER D 41 -47.28 -45.05 -36.01
N TYR D 42 -46.09 -44.44 -36.03
CA TYR D 42 -45.46 -43.92 -37.24
C TYR D 42 -44.00 -44.32 -37.20
N ASP D 43 -43.52 -45.00 -38.23
CA ASP D 43 -42.13 -45.43 -38.26
C ASP D 43 -41.25 -44.30 -38.71
N LEU D 44 -40.49 -43.69 -37.80
CA LEU D 44 -39.58 -42.61 -38.17
C LEU D 44 -38.15 -43.10 -38.37
N GLY D 45 -38.00 -44.37 -38.77
CA GLY D 45 -36.70 -44.94 -39.06
C GLY D 45 -36.16 -44.31 -40.34
N ILE D 46 -34.85 -44.10 -40.42
CA ILE D 46 -34.20 -43.48 -41.57
C ILE D 46 -34.53 -44.21 -42.89
N GLU D 47 -34.76 -45.54 -42.85
CA GLU D 47 -35.10 -46.30 -44.05
C GLU D 47 -36.53 -45.95 -44.49
N ASN D 48 -37.47 -45.87 -43.54
CA ASN D 48 -38.85 -45.51 -43.86
C ASN D 48 -38.97 -44.06 -44.29
N ARG D 49 -38.20 -43.18 -43.64
CA ARG D 49 -38.16 -41.77 -43.96
C ARG D 49 -37.62 -41.57 -45.37
N ASP D 50 -36.64 -42.38 -45.79
CA ASP D 50 -36.08 -42.30 -47.12
C ASP D 50 -37.10 -42.83 -48.16
N ALA D 51 -37.76 -43.95 -47.85
CA ALA D 51 -38.74 -44.55 -48.74
C ALA D 51 -39.95 -43.66 -48.98
N THR D 52 -40.44 -42.96 -47.94
CA THR D 52 -41.60 -42.09 -48.11
C THR D 52 -41.26 -40.64 -48.44
N ASN D 53 -39.97 -40.30 -48.65
CA ASN D 53 -39.52 -38.95 -48.97
C ASN D 53 -39.86 -37.97 -47.84
N ASP D 54 -39.61 -38.39 -46.60
CA ASP D 54 -39.84 -37.63 -45.38
C ASP D 54 -41.33 -37.23 -45.18
N GLN D 55 -42.26 -37.89 -45.89
CA GLN D 55 -43.70 -37.60 -45.78
C GLN D 55 -44.26 -38.11 -44.44
N VAL D 56 -43.70 -39.22 -43.91
CA VAL D 56 -44.12 -39.81 -42.64
C VAL D 56 -43.96 -38.83 -41.47
N THR D 57 -42.95 -37.93 -41.54
CA THR D 57 -42.73 -36.94 -40.50
C THR D 57 -43.86 -35.93 -40.49
N LYS D 58 -44.27 -35.46 -41.67
CA LYS D 58 -45.36 -34.51 -41.82
C LYS D 58 -46.69 -35.15 -41.36
N ASP D 59 -46.89 -36.44 -41.69
CA ASP D 59 -48.08 -37.18 -41.31
C ASP D 59 -48.15 -37.38 -39.80
N ALA D 60 -47.00 -37.64 -39.16
CA ALA D 60 -46.92 -37.82 -37.72
C ALA D 60 -47.20 -36.48 -37.02
N ALA D 61 -46.71 -35.35 -37.59
CA ALA D 61 -46.93 -34.01 -37.04
C ALA D 61 -48.42 -33.66 -37.12
N GLU D 62 -49.10 -34.04 -38.22
CA GLU D 62 -50.53 -33.82 -38.40
C GLU D 62 -51.33 -34.68 -37.41
N ALA D 63 -50.87 -35.92 -37.18
CA ALA D 63 -51.49 -36.83 -36.23
C ALA D 63 -51.37 -36.30 -34.80
N ILE D 64 -50.27 -35.59 -34.49
CA ILE D 64 -50.08 -34.99 -33.17
C ILE D 64 -51.08 -33.85 -33.03
N LYS D 65 -51.22 -33.00 -34.08
CA LYS D 65 -52.19 -31.91 -34.06
C LYS D 65 -53.64 -32.43 -33.87
N LYS D 66 -53.92 -33.66 -34.33
CA LYS D 66 -55.23 -34.27 -34.20
C LYS D 66 -55.47 -34.96 -32.85
N HIS D 67 -54.49 -35.73 -32.29
CA HIS D 67 -54.69 -36.44 -31.02
C HIS D 67 -54.10 -35.73 -29.78
N ASN D 68 -53.47 -34.56 -29.97
CA ASN D 68 -52.89 -33.67 -28.94
C ASN D 68 -51.71 -34.26 -28.10
N VAL D 69 -51.35 -35.55 -28.27
CA VAL D 69 -50.27 -36.17 -27.50
C VAL D 69 -49.33 -36.96 -28.42
N GLY D 70 -48.04 -36.67 -28.33
CA GLY D 70 -47.05 -37.36 -29.14
C GLY D 70 -45.77 -37.71 -28.38
N VAL D 71 -45.38 -39.00 -28.38
CA VAL D 71 -44.15 -39.43 -27.73
C VAL D 71 -43.19 -39.83 -28.86
N LYS D 72 -41.99 -39.23 -28.90
CA LYS D 72 -41.05 -39.53 -29.97
C LYS D 72 -39.78 -40.21 -29.50
N CYS D 73 -39.29 -41.15 -30.31
CA CYS D 73 -38.06 -41.87 -30.03
C CYS D 73 -36.92 -41.18 -30.82
N ALA D 74 -35.67 -41.34 -30.38
CA ALA D 74 -34.55 -40.68 -31.05
C ALA D 74 -34.36 -41.12 -32.50
N THR D 75 -34.22 -40.15 -33.41
CA THR D 75 -34.04 -40.46 -34.81
C THR D 75 -32.69 -39.92 -35.34
N ILE D 76 -32.18 -40.55 -36.40
CA ILE D 76 -30.90 -40.15 -36.99
C ILE D 76 -31.04 -38.91 -37.87
N THR D 77 -30.27 -37.87 -37.59
CA THR D 77 -30.26 -36.65 -38.39
C THR D 77 -29.13 -36.88 -39.38
N PRO D 78 -29.44 -36.86 -40.69
CA PRO D 78 -28.41 -37.14 -41.69
C PRO D 78 -27.22 -36.18 -41.69
N ASP D 79 -26.03 -36.73 -41.93
CA ASP D 79 -24.74 -36.04 -42.02
C ASP D 79 -23.87 -36.68 -43.11
N GLU D 80 -22.63 -36.20 -43.32
CA GLU D 80 -21.71 -36.70 -44.35
C GLU D 80 -21.60 -38.23 -44.43
N LYS D 81 -21.40 -38.91 -43.31
CA LYS D 81 -21.27 -40.38 -43.29
C LYS D 81 -22.59 -41.08 -43.49
N ARG D 82 -23.69 -40.49 -43.01
CA ARG D 82 -25.00 -41.14 -43.09
C ARG D 82 -25.51 -41.39 -44.50
N VAL D 83 -25.22 -40.48 -45.44
CA VAL D 83 -25.65 -40.69 -46.82
C VAL D 83 -24.90 -41.83 -47.48
N GLU D 84 -23.62 -42.03 -47.10
CA GLU D 84 -22.83 -43.11 -47.64
C GLU D 84 -23.28 -44.45 -47.04
N GLU D 85 -23.60 -44.45 -45.73
CA GLU D 85 -24.01 -45.59 -44.95
C GLU D 85 -25.37 -46.17 -45.36
N PHE D 86 -26.35 -45.30 -45.64
CA PHE D 86 -27.70 -45.75 -46.01
C PHE D 86 -28.04 -45.59 -47.50
N LYS D 87 -27.17 -44.94 -48.28
CA LYS D 87 -27.39 -44.67 -49.72
C LYS D 87 -28.73 -43.86 -49.86
N LEU D 88 -28.82 -42.78 -49.08
CA LEU D 88 -30.00 -41.90 -49.04
C LEU D 88 -30.37 -41.23 -50.34
N LYS D 89 -31.65 -41.20 -50.68
CA LYS D 89 -32.18 -40.54 -51.87
C LYS D 89 -31.96 -39.01 -51.76
N GLN D 90 -31.87 -38.45 -50.52
CA GLN D 90 -31.64 -37.03 -50.25
C GLN D 90 -31.23 -36.80 -48.79
N MET D 91 -30.44 -35.74 -48.51
CA MET D 91 -30.04 -35.42 -47.14
C MET D 91 -31.23 -34.75 -46.49
N TRP D 92 -32.00 -35.52 -45.75
CA TRP D 92 -33.22 -35.02 -45.13
C TRP D 92 -32.98 -34.14 -43.92
N LYS D 93 -33.91 -33.23 -43.66
CA LYS D 93 -33.83 -32.32 -42.52
C LYS D 93 -34.19 -33.07 -41.24
N SER D 94 -33.79 -32.52 -40.09
CA SER D 94 -34.08 -33.13 -38.78
C SER D 94 -35.58 -33.28 -38.58
N PRO D 95 -36.05 -34.49 -38.23
CA PRO D 95 -37.50 -34.69 -38.03
C PRO D 95 -38.06 -33.84 -36.90
N ASN D 96 -37.25 -33.63 -35.85
CA ASN D 96 -37.65 -32.80 -34.72
C ASN D 96 -37.87 -31.36 -35.17
N GLY D 97 -37.05 -30.88 -36.07
CA GLY D 97 -37.17 -29.54 -36.62
C GLY D 97 -38.46 -29.40 -37.41
N THR D 98 -38.79 -30.39 -38.24
CA THR D 98 -40.01 -30.38 -39.05
C THR D 98 -41.26 -30.38 -38.16
N ILE D 99 -41.29 -31.26 -37.13
CA ILE D 99 -42.40 -31.36 -36.19
C ILE D 99 -42.55 -30.07 -35.40
N ARG D 100 -41.44 -29.49 -34.95
CA ARG D 100 -41.44 -28.23 -34.19
C ARG D 100 -41.92 -27.07 -35.07
N ASN D 101 -41.60 -27.08 -36.37
CA ASN D 101 -42.03 -26.03 -37.28
C ASN D 101 -43.52 -26.13 -37.55
N ILE D 102 -44.04 -27.36 -37.73
CA ILE D 102 -45.46 -27.59 -37.99
C ILE D 102 -46.33 -27.28 -36.77
N LEU D 103 -45.96 -27.79 -35.59
CA LEU D 103 -46.72 -27.57 -34.38
C LEU D 103 -46.49 -26.22 -33.73
N GLY D 104 -45.23 -25.82 -33.55
CA GLY D 104 -44.90 -24.58 -32.89
C GLY D 104 -45.06 -24.77 -31.39
N GLY D 105 -44.24 -24.08 -30.63
CA GLY D 105 -44.28 -24.18 -29.17
C GLY D 105 -42.92 -24.02 -28.54
N THR D 106 -42.88 -24.12 -27.20
CA THR D 106 -41.62 -23.97 -26.48
C THR D 106 -41.12 -25.29 -25.93
N VAL D 107 -39.80 -25.52 -26.03
CA VAL D 107 -39.20 -26.74 -25.54
C VAL D 107 -38.72 -26.53 -24.12
N PHE D 108 -39.16 -27.39 -23.21
CA PHE D 108 -38.79 -27.31 -21.81
C PHE D 108 -37.99 -28.56 -21.48
N ARG D 109 -36.79 -28.39 -20.95
CA ARG D 109 -35.94 -29.51 -20.60
C ARG D 109 -36.00 -29.76 -19.10
N GLU D 110 -36.41 -30.97 -18.71
CA GLU D 110 -36.54 -31.34 -17.31
C GLU D 110 -35.56 -32.46 -16.98
N ALA D 111 -34.90 -32.37 -15.82
CA ALA D 111 -33.95 -33.40 -15.42
C ALA D 111 -34.53 -34.42 -14.45
N ILE D 112 -33.97 -35.63 -14.46
CA ILE D 112 -34.41 -36.68 -13.56
C ILE D 112 -33.36 -36.79 -12.48
N ILE D 113 -33.79 -36.55 -11.26
CA ILE D 113 -32.88 -36.61 -10.13
C ILE D 113 -33.05 -37.88 -9.31
N CYS D 114 -32.02 -38.19 -8.53
CA CYS D 114 -31.95 -39.32 -7.61
C CYS D 114 -30.76 -39.11 -6.68
N LYS D 115 -31.08 -39.15 -5.38
CA LYS D 115 -30.19 -38.88 -4.25
C LYS D 115 -28.79 -39.50 -4.35
N ASN D 116 -28.69 -40.74 -4.82
CA ASN D 116 -27.42 -41.46 -4.97
C ASN D 116 -26.55 -40.87 -6.11
N ILE D 117 -27.20 -40.37 -7.17
CA ILE D 117 -26.54 -39.78 -8.33
C ILE D 117 -26.11 -38.34 -7.93
N PRO D 118 -24.86 -37.97 -8.13
CA PRO D 118 -24.45 -36.61 -7.78
C PRO D 118 -24.95 -35.57 -8.75
N ARG D 119 -25.33 -34.38 -8.24
CA ARG D 119 -25.82 -33.29 -9.08
C ARG D 119 -24.80 -32.15 -9.08
N LEU D 120 -25.03 -31.14 -9.95
CA LEU D 120 -24.15 -29.96 -10.01
C LEU D 120 -24.20 -29.22 -8.67
N VAL D 121 -25.37 -29.16 -8.04
CA VAL D 121 -25.59 -28.56 -6.74
C VAL D 121 -26.04 -29.68 -5.81
N SER D 122 -25.31 -29.89 -4.70
CA SER D 122 -25.61 -30.95 -3.73
C SER D 122 -26.93 -30.76 -2.99
N GLY D 123 -27.36 -29.53 -2.82
CA GLY D 123 -28.60 -29.21 -2.12
C GLY D 123 -29.87 -29.36 -2.94
N TRP D 124 -29.76 -29.60 -4.24
CA TRP D 124 -30.95 -29.74 -5.10
C TRP D 124 -31.68 -31.05 -4.88
N VAL D 125 -32.91 -30.97 -4.40
CA VAL D 125 -33.74 -32.17 -4.17
C VAL D 125 -34.88 -32.29 -5.17
N LYS D 126 -35.32 -31.17 -5.79
CA LYS D 126 -36.42 -31.20 -6.76
C LYS D 126 -35.93 -30.77 -8.14
N PRO D 127 -36.51 -31.33 -9.22
CA PRO D 127 -36.03 -30.96 -10.56
C PRO D 127 -36.42 -29.55 -10.99
N ILE D 128 -35.66 -29.00 -11.95
CA ILE D 128 -35.92 -27.64 -12.46
C ILE D 128 -36.28 -27.73 -13.94
N ILE D 129 -37.49 -27.28 -14.34
CA ILE D 129 -37.88 -27.30 -15.76
C ILE D 129 -37.39 -25.98 -16.37
N ILE D 130 -36.39 -26.02 -17.26
CA ILE D 130 -35.87 -24.78 -17.87
C ILE D 130 -36.27 -24.67 -19.35
N GLY D 131 -36.83 -23.52 -19.73
CA GLY D 131 -37.30 -23.26 -21.09
C GLY D 131 -36.70 -22.00 -21.70
N ARG D 132 -36.18 -22.12 -22.91
CA ARG D 132 -35.57 -20.98 -23.58
C ARG D 132 -36.38 -20.59 -24.83
N HIS D 133 -36.27 -19.31 -25.22
CA HIS D 133 -36.98 -18.77 -26.39
C HIS D 133 -36.56 -19.43 -27.70
N THR D 142 -29.99 -10.45 -38.57
CA THR D 142 -29.27 -9.97 -39.74
C THR D 142 -27.91 -9.49 -39.33
N ASP D 143 -26.86 -10.08 -39.86
CA ASP D 143 -25.49 -9.69 -39.54
C ASP D 143 -24.71 -9.22 -40.75
N PHE D 144 -23.66 -8.42 -40.52
CA PHE D 144 -22.85 -7.90 -41.61
C PHE D 144 -21.52 -7.37 -41.09
N VAL D 145 -20.48 -7.47 -41.91
CA VAL D 145 -19.16 -6.98 -41.56
C VAL D 145 -18.99 -5.50 -41.88
N VAL D 146 -18.43 -4.74 -40.96
CA VAL D 146 -18.17 -3.32 -41.14
C VAL D 146 -16.72 -3.19 -41.63
N PRO D 147 -16.54 -2.83 -42.91
CA PRO D 147 -15.19 -2.66 -43.45
C PRO D 147 -14.79 -1.21 -43.27
N GLY D 148 -14.03 -0.94 -42.23
CA GLY D 148 -13.50 0.39 -41.95
C GLY D 148 -14.37 1.34 -41.15
N PRO D 149 -13.81 2.52 -40.80
CA PRO D 149 -14.58 3.50 -40.01
C PRO D 149 -15.88 3.92 -40.68
N GLY D 150 -16.88 4.18 -39.86
CA GLY D 150 -18.18 4.59 -40.35
C GLY D 150 -19.18 4.89 -39.24
N LYS D 151 -20.47 4.79 -39.55
CA LYS D 151 -21.52 5.04 -38.57
C LYS D 151 -22.67 4.08 -38.83
N VAL D 152 -22.84 3.10 -37.94
CA VAL D 152 -23.90 2.12 -38.06
C VAL D 152 -25.08 2.61 -37.23
N GLU D 153 -26.28 2.59 -37.80
CA GLU D 153 -27.48 3.03 -37.10
C GLU D 153 -28.68 2.20 -37.52
N ILE D 154 -29.60 1.93 -36.60
CA ILE D 154 -30.80 1.15 -36.90
C ILE D 154 -32.00 2.08 -37.03
N THR D 155 -32.80 1.94 -38.09
CA THR D 155 -33.96 2.78 -38.30
C THR D 155 -35.23 1.96 -38.38
N TYR D 156 -36.36 2.58 -38.05
CA TYR D 156 -37.67 1.93 -38.14
C TYR D 156 -38.62 2.91 -38.79
N THR D 157 -39.10 2.58 -40.01
CA THR D 157 -40.02 3.45 -40.71
C THR D 157 -41.42 2.84 -40.64
N PRO D 158 -42.33 3.47 -39.89
CA PRO D 158 -43.68 2.89 -39.76
C PRO D 158 -44.47 2.82 -41.07
N SER D 159 -45.46 1.94 -41.10
CA SER D 159 -46.33 1.74 -42.28
C SER D 159 -47.13 3.02 -42.59
N ASP D 160 -47.54 3.75 -41.54
CA ASP D 160 -48.29 5.01 -41.68
C ASP D 160 -47.38 6.08 -42.34
N GLY D 161 -46.12 6.11 -41.98
CA GLY D 161 -45.15 7.05 -42.53
C GLY D 161 -44.99 8.26 -41.64
N THR D 162 -44.57 8.06 -40.40
CA THR D 162 -44.39 9.14 -39.43
C THR D 162 -43.08 9.03 -38.64
N GLN D 163 -42.34 10.16 -38.55
CA GLN D 163 -41.09 10.33 -37.82
C GLN D 163 -39.85 9.56 -38.36
N LYS D 164 -39.97 8.23 -38.57
CA LYS D 164 -38.89 7.36 -39.04
C LYS D 164 -37.68 7.49 -38.11
N VAL D 165 -37.90 7.20 -36.82
CA VAL D 165 -36.91 7.28 -35.72
C VAL D 165 -35.64 6.50 -35.99
N THR D 166 -34.48 7.13 -35.79
CA THR D 166 -33.20 6.48 -36.00
C THR D 166 -32.45 6.37 -34.68
N TYR D 167 -31.88 5.19 -34.42
CA TYR D 167 -31.13 4.95 -33.19
C TYR D 167 -29.70 4.63 -33.62
N LEU D 168 -28.74 5.38 -33.08
CA LEU D 168 -27.33 5.28 -33.38
C LEU D 168 -26.74 4.07 -32.59
N VAL D 169 -26.42 2.91 -33.27
CA VAL D 169 -25.87 1.76 -32.52
C VAL D 169 -24.43 2.01 -32.18
N HIS D 170 -23.64 2.51 -33.12
CA HIS D 170 -22.24 2.82 -32.89
C HIS D 170 -21.59 3.54 -34.05
N ASN D 171 -20.73 4.51 -33.73
CA ASN D 171 -19.98 5.27 -34.73
C ASN D 171 -18.55 4.78 -34.64
N PHE D 172 -18.16 3.92 -35.59
CA PHE D 172 -16.83 3.33 -35.66
C PHE D 172 -15.82 4.43 -35.98
N GLU D 173 -15.10 4.91 -34.96
CA GLU D 173 -14.12 5.97 -35.15
C GLU D 173 -12.85 5.48 -35.87
N GLU D 174 -12.09 4.56 -35.24
CA GLU D 174 -10.86 4.01 -35.81
C GLU D 174 -10.97 2.49 -35.90
N GLY D 175 -10.90 1.97 -37.12
CA GLY D 175 -11.02 0.55 -37.39
C GLY D 175 -12.43 0.11 -37.67
N GLY D 176 -12.60 -1.05 -38.28
CA GLY D 176 -13.91 -1.57 -38.59
C GLY D 176 -14.38 -2.55 -37.55
N GLY D 177 -15.07 -3.58 -37.99
CA GLY D 177 -15.56 -4.61 -37.08
C GLY D 177 -16.70 -5.38 -37.69
N VAL D 178 -17.75 -5.59 -36.90
CA VAL D 178 -18.92 -6.32 -37.34
C VAL D 178 -20.17 -5.84 -36.58
N ALA D 179 -21.33 -5.87 -37.23
CA ALA D 179 -22.58 -5.43 -36.60
C ALA D 179 -23.71 -6.44 -36.87
N MET D 180 -24.71 -6.42 -36.01
CA MET D 180 -25.85 -7.34 -36.09
C MET D 180 -27.14 -6.62 -35.67
N GLY D 181 -28.26 -7.15 -36.12
CA GLY D 181 -29.57 -6.60 -35.81
C GLY D 181 -30.57 -7.72 -35.63
N MET D 182 -31.15 -7.82 -34.44
CA MET D 182 -32.11 -8.85 -34.12
C MET D 182 -33.53 -8.28 -33.94
N TYR D 183 -34.55 -9.14 -34.04
CA TYR D 183 -35.93 -8.73 -33.86
C TYR D 183 -36.75 -9.86 -33.21
N ASN D 184 -37.90 -9.53 -32.61
CA ASN D 184 -38.80 -10.52 -32.00
C ASN D 184 -40.22 -10.01 -32.09
N GLN D 185 -41.11 -10.77 -32.73
CA GLN D 185 -42.51 -10.37 -32.89
C GLN D 185 -43.28 -10.50 -31.57
N ASP D 186 -44.43 -9.81 -31.46
CA ASP D 186 -45.25 -9.85 -30.26
C ASP D 186 -45.93 -11.21 -30.08
N LYS D 187 -46.37 -11.81 -31.20
CA LYS D 187 -47.03 -13.10 -31.19
C LYS D 187 -46.13 -14.20 -30.64
N SER D 188 -44.83 -14.16 -30.96
CA SER D 188 -43.89 -15.16 -30.47
C SER D 188 -43.75 -15.07 -28.96
N ILE D 189 -43.69 -13.85 -28.42
CA ILE D 189 -43.58 -13.61 -26.98
C ILE D 189 -44.85 -14.06 -26.27
N GLU D 190 -46.01 -13.74 -26.86
CA GLU D 190 -47.30 -14.13 -26.32
C GLU D 190 -47.44 -15.65 -26.28
N ASP D 191 -47.02 -16.34 -27.35
CA ASP D 191 -47.07 -17.81 -27.41
C ASP D 191 -46.12 -18.45 -26.39
N PHE D 192 -44.94 -17.84 -26.20
CA PHE D 192 -43.94 -18.31 -25.23
C PHE D 192 -44.52 -18.16 -23.83
N ALA D 193 -45.20 -17.03 -23.54
CA ALA D 193 -45.79 -16.79 -22.26
C ALA D 193 -46.89 -17.82 -21.99
N HIS D 194 -47.80 -18.06 -22.95
CA HIS D 194 -48.87 -19.03 -22.81
C HIS D 194 -48.32 -20.44 -22.57
N SER D 195 -47.27 -20.84 -23.30
CA SER D 195 -46.66 -22.15 -23.14
C SER D 195 -46.04 -22.29 -21.76
N SER D 196 -45.38 -21.23 -21.28
CA SER D 196 -44.74 -21.23 -19.98
C SER D 196 -45.78 -21.36 -18.87
N PHE D 197 -46.89 -20.61 -18.95
CA PHE D 197 -47.91 -20.67 -17.93
C PHE D 197 -48.66 -22.00 -17.94
N GLN D 198 -48.94 -22.55 -19.14
CA GLN D 198 -49.63 -23.83 -19.26
C GLN D 198 -48.76 -24.96 -18.72
N MET D 199 -47.43 -24.87 -18.90
CA MET D 199 -46.48 -25.84 -18.38
C MET D 199 -46.51 -25.80 -16.86
N ALA D 200 -46.50 -24.57 -16.27
CA ALA D 200 -46.54 -24.39 -14.82
C ALA D 200 -47.85 -24.91 -14.21
N LEU D 201 -48.94 -24.83 -14.96
CA LEU D 201 -50.23 -25.31 -14.49
C LEU D 201 -50.28 -26.83 -14.54
N SER D 202 -49.78 -27.42 -15.64
CA SER D 202 -49.78 -28.86 -15.81
C SER D 202 -48.90 -29.53 -14.75
N LYS D 203 -47.71 -28.98 -14.51
CA LYS D 203 -46.78 -29.53 -13.52
C LYS D 203 -47.08 -29.11 -12.07
N GLY D 204 -47.83 -28.02 -11.89
CA GLY D 204 -48.17 -27.52 -10.56
C GLY D 204 -47.01 -26.89 -9.84
N TRP D 205 -46.13 -26.21 -10.59
CA TRP D 205 -44.97 -25.57 -9.98
C TRP D 205 -44.87 -24.06 -10.21
N PRO D 206 -44.24 -23.29 -9.29
CA PRO D 206 -44.13 -21.83 -9.49
C PRO D 206 -43.24 -21.49 -10.70
N LEU D 207 -43.71 -20.58 -11.57
CA LEU D 207 -42.99 -20.18 -12.77
C LEU D 207 -42.18 -18.91 -12.52
N TYR D 208 -40.98 -18.84 -13.08
CA TYR D 208 -40.10 -17.70 -12.89
C TYR D 208 -39.56 -17.22 -14.22
N LEU D 209 -39.60 -15.90 -14.46
CA LEU D 209 -39.06 -15.36 -15.69
C LEU D 209 -37.76 -14.66 -15.39
N SER D 210 -36.73 -15.01 -16.14
CA SER D 210 -35.43 -14.44 -15.95
C SER D 210 -34.96 -13.63 -17.18
N THR D 211 -35.02 -12.30 -17.08
CA THR D 211 -34.60 -11.39 -18.16
C THR D 211 -33.49 -10.40 -17.65
N LYS D 212 -32.99 -9.54 -18.54
CA LYS D 212 -32.00 -8.51 -18.22
C LYS D 212 -32.62 -7.18 -18.65
N ASN D 213 -33.54 -6.66 -17.85
CA ASN D 213 -34.18 -5.38 -18.15
C ASN D 213 -33.34 -4.18 -17.66
N THR D 214 -32.36 -4.42 -16.77
CA THR D 214 -31.47 -3.39 -16.25
C THR D 214 -30.55 -2.81 -17.36
N ILE D 215 -30.29 -3.60 -18.43
CA ILE D 215 -29.48 -3.23 -19.57
C ILE D 215 -30.36 -3.12 -20.83
N LEU D 216 -31.15 -4.16 -21.13
CA LEU D 216 -32.05 -4.15 -22.29
C LEU D 216 -33.44 -3.72 -21.80
N LYS D 217 -33.57 -2.42 -21.47
CA LYS D 217 -34.80 -1.84 -20.93
C LYS D 217 -36.04 -2.04 -21.79
N LYS D 218 -35.93 -1.85 -23.12
CA LYS D 218 -37.08 -2.01 -24.02
C LYS D 218 -37.28 -3.43 -24.47
N TYR D 219 -36.18 -4.15 -24.77
CA TYR D 219 -36.21 -5.51 -25.25
C TYR D 219 -36.71 -6.47 -24.20
N ASP D 220 -35.95 -6.66 -23.11
CA ASP D 220 -36.37 -7.57 -22.05
C ASP D 220 -37.51 -7.00 -21.19
N GLY D 221 -37.64 -5.67 -21.17
CA GLY D 221 -38.74 -5.02 -20.47
C GLY D 221 -40.06 -5.35 -21.15
N ARG D 222 -40.03 -5.52 -22.50
CA ARG D 222 -41.18 -5.88 -23.31
C ARG D 222 -41.60 -7.29 -22.85
N PHE D 223 -40.67 -8.26 -22.85
CA PHE D 223 -40.90 -9.64 -22.40
C PHE D 223 -41.58 -9.68 -21.03
N LYS D 224 -41.11 -8.88 -20.05
CA LYS D 224 -41.66 -8.81 -18.70
C LYS D 224 -43.06 -8.22 -18.71
N ASP D 225 -43.29 -7.20 -19.52
CA ASP D 225 -44.59 -6.55 -19.65
C ASP D 225 -45.65 -7.49 -20.21
N ILE D 226 -45.36 -8.19 -21.33
CA ILE D 226 -46.30 -9.14 -21.93
C ILE D 226 -46.59 -10.27 -20.96
N PHE D 227 -45.55 -10.85 -20.35
CA PHE D 227 -45.72 -11.92 -19.37
C PHE D 227 -46.62 -11.50 -18.20
N GLN D 228 -46.41 -10.28 -17.66
CA GLN D 228 -47.23 -9.79 -16.56
C GLN D 228 -48.66 -9.52 -17.01
N GLU D 229 -48.84 -9.03 -18.23
CA GLU D 229 -50.16 -8.75 -18.77
C GLU D 229 -50.99 -10.02 -18.88
N ILE D 230 -50.43 -11.10 -19.44
CA ILE D 230 -51.13 -12.36 -19.59
C ILE D 230 -51.36 -13.01 -18.24
N TYR D 231 -50.38 -12.92 -17.32
CA TYR D 231 -50.50 -13.49 -15.98
C TYR D 231 -51.66 -12.87 -15.22
N ASP D 232 -51.77 -11.55 -15.22
CA ASP D 232 -52.81 -10.85 -14.51
C ASP D 232 -54.18 -11.01 -15.15
N LYS D 233 -54.21 -11.05 -16.48
CA LYS D 233 -55.48 -11.14 -17.20
C LYS D 233 -56.06 -12.53 -17.38
N GLN D 234 -55.22 -13.57 -17.47
CA GLN D 234 -55.72 -14.92 -17.76
C GLN D 234 -55.35 -16.10 -16.79
N TYR D 235 -54.15 -16.10 -16.18
CA TYR D 235 -53.68 -17.20 -15.32
C TYR D 235 -53.54 -16.91 -13.80
N LYS D 236 -53.82 -15.70 -13.35
CA LYS D 236 -53.70 -15.35 -11.93
C LYS D 236 -54.60 -16.22 -11.04
N SER D 237 -55.87 -16.43 -11.44
CA SER D 237 -56.84 -17.25 -10.70
C SER D 237 -56.37 -18.69 -10.52
N GLN D 238 -55.91 -19.32 -11.60
CA GLN D 238 -55.43 -20.70 -11.54
C GLN D 238 -54.19 -20.83 -10.69
N PHE D 239 -53.28 -19.85 -10.78
CA PHE D 239 -52.05 -19.86 -10.01
C PHE D 239 -52.37 -19.76 -8.53
N GLU D 240 -53.31 -18.88 -8.16
CA GLU D 240 -53.72 -18.70 -6.78
C GLU D 240 -54.45 -19.92 -6.22
N ALA D 241 -55.23 -20.61 -7.07
CA ALA D 241 -55.97 -21.80 -6.68
C ALA D 241 -55.06 -22.95 -6.30
N GLN D 242 -53.93 -23.10 -7.01
CA GLN D 242 -52.99 -24.18 -6.72
C GLN D 242 -51.83 -23.75 -5.83
N LYS D 243 -51.94 -22.59 -5.15
CA LYS D 243 -50.91 -22.03 -4.26
C LYS D 243 -49.59 -21.68 -4.97
N ILE D 244 -49.58 -21.71 -6.32
CA ILE D 244 -48.39 -21.38 -7.10
C ILE D 244 -48.34 -19.87 -7.41
N TRP D 245 -47.18 -19.38 -7.82
CA TRP D 245 -47.01 -17.97 -8.11
C TRP D 245 -46.03 -17.71 -9.24
N TYR D 246 -46.15 -16.55 -9.88
CA TYR D 246 -45.23 -16.17 -10.94
C TYR D 246 -44.50 -14.91 -10.48
N GLU D 247 -43.17 -14.96 -10.48
CA GLU D 247 -42.35 -13.83 -10.10
C GLU D 247 -41.22 -13.63 -11.09
N HIS D 248 -41.06 -12.39 -11.57
CA HIS D 248 -39.96 -12.06 -12.48
C HIS D 248 -38.74 -11.89 -11.59
N ARG D 249 -37.57 -12.25 -12.10
CA ARG D 249 -36.33 -12.13 -11.37
C ARG D 249 -35.21 -11.85 -12.38
N LEU D 250 -34.31 -10.89 -12.09
CA LEU D 250 -33.20 -10.55 -12.98
C LEU D 250 -32.21 -11.74 -13.00
N ILE D 251 -31.42 -11.91 -14.07
CA ILE D 251 -30.49 -13.04 -14.16
C ILE D 251 -29.54 -13.13 -12.97
N ASP D 252 -29.02 -12.01 -12.44
CA ASP D 252 -28.08 -12.05 -11.31
C ASP D 252 -28.76 -12.50 -10.02
N ASP D 253 -30.03 -12.09 -9.83
CA ASP D 253 -30.82 -12.45 -8.65
C ASP D 253 -31.30 -13.90 -8.73
N MET D 254 -31.66 -14.33 -9.94
CA MET D 254 -32.16 -15.66 -10.23
C MET D 254 -31.15 -16.75 -9.96
N VAL D 255 -29.89 -16.57 -10.43
CA VAL D 255 -28.86 -17.58 -10.21
C VAL D 255 -28.54 -17.72 -8.72
N ALA D 256 -28.56 -16.61 -7.96
CA ALA D 256 -28.29 -16.61 -6.52
C ALA D 256 -29.39 -17.33 -5.78
N GLN D 257 -30.65 -17.09 -6.16
CA GLN D 257 -31.79 -17.73 -5.55
C GLN D 257 -31.89 -19.22 -5.94
N ALA D 258 -31.36 -19.60 -7.12
CA ALA D 258 -31.36 -20.97 -7.63
C ALA D 258 -30.32 -21.83 -6.93
N MET D 259 -29.11 -21.28 -6.70
CA MET D 259 -28.02 -22.01 -6.05
C MET D 259 -28.33 -22.32 -4.59
N LYS D 260 -29.01 -21.41 -3.90
CA LYS D 260 -29.36 -21.62 -2.50
C LYS D 260 -30.80 -22.14 -2.36
N SER D 261 -31.27 -22.93 -3.33
CA SER D 261 -32.63 -23.49 -3.31
C SER D 261 -32.59 -25.01 -3.13
N PHE D 265 -38.99 -26.08 -9.94
CA PHE D 265 -39.79 -24.94 -10.41
C PHE D 265 -39.64 -24.70 -11.92
N ILE D 266 -40.46 -23.80 -12.49
CA ILE D 266 -40.38 -23.53 -13.93
C ILE D 266 -39.49 -22.31 -14.19
N TRP D 267 -38.41 -22.45 -14.94
CA TRP D 267 -37.50 -21.34 -15.24
C TRP D 267 -37.52 -20.98 -16.71
N ALA D 268 -38.22 -19.90 -17.00
CA ALA D 268 -38.32 -19.43 -18.36
C ALA D 268 -37.25 -18.38 -18.55
N CYS D 269 -36.24 -18.66 -19.37
CA CYS D 269 -35.15 -17.73 -19.63
C CYS D 269 -35.05 -17.37 -21.13
N LYS D 270 -34.24 -16.34 -21.46
CA LYS D 270 -33.99 -15.89 -22.83
C LYS D 270 -33.01 -16.84 -23.52
N TYR D 285 -27.62 -31.27 -26.02
CA TYR D 285 -26.88 -30.23 -25.33
C TYR D 285 -26.94 -30.42 -23.81
N GLY D 286 -25.88 -30.99 -23.24
CA GLY D 286 -25.79 -31.22 -21.81
C GLY D 286 -26.48 -32.49 -21.33
N SER D 287 -26.93 -33.35 -22.25
CA SER D 287 -27.58 -34.59 -21.87
C SER D 287 -26.55 -35.64 -21.49
N LEU D 288 -26.55 -36.06 -20.22
CA LEU D 288 -25.64 -37.11 -19.76
C LEU D 288 -26.31 -38.51 -19.81
N GLY D 289 -27.39 -38.63 -20.57
CA GLY D 289 -28.18 -39.85 -20.67
C GLY D 289 -29.49 -39.79 -19.91
N MET D 290 -29.77 -38.65 -19.22
CA MET D 290 -31.03 -38.52 -18.47
C MET D 290 -31.60 -37.11 -18.37
N MET D 291 -32.36 -36.74 -19.38
CA MET D 291 -33.07 -35.47 -19.47
C MET D 291 -34.21 -35.62 -20.46
N THR D 292 -35.31 -34.88 -20.25
CA THR D 292 -36.46 -35.00 -21.12
C THR D 292 -36.81 -33.68 -21.78
N SER D 293 -37.00 -33.71 -23.10
CA SER D 293 -37.35 -32.52 -23.83
C SER D 293 -38.84 -32.59 -24.15
N VAL D 294 -39.62 -31.73 -23.52
CA VAL D 294 -41.06 -31.68 -23.74
C VAL D 294 -41.42 -30.40 -24.50
N LEU D 295 -42.00 -30.56 -25.69
CA LEU D 295 -42.43 -29.44 -26.51
C LEU D 295 -43.86 -29.12 -26.12
N VAL D 296 -44.10 -27.92 -25.57
CA VAL D 296 -45.43 -27.49 -25.16
C VAL D 296 -45.96 -26.44 -26.11
N CYS D 297 -47.10 -26.71 -26.77
CA CYS D 297 -47.67 -25.74 -27.70
C CYS D 297 -48.43 -24.64 -26.97
N PRO D 298 -48.51 -23.42 -27.54
CA PRO D 298 -49.20 -22.32 -26.84
C PRO D 298 -50.67 -22.52 -26.54
N ASP D 299 -51.39 -23.04 -27.54
CA ASP D 299 -52.83 -23.30 -27.48
C ASP D 299 -53.22 -24.26 -26.36
N GLY D 300 -52.26 -24.99 -25.80
CA GLY D 300 -52.51 -25.93 -24.72
C GLY D 300 -53.05 -27.25 -25.21
N LYS D 301 -52.99 -28.24 -24.33
CA LYS D 301 -53.46 -29.59 -24.63
C LYS D 301 -52.62 -30.32 -25.66
N THR D 302 -51.69 -29.65 -26.38
CA THR D 302 -50.86 -30.35 -27.37
C THR D 302 -49.43 -30.39 -26.84
N VAL D 303 -48.90 -31.59 -26.67
CA VAL D 303 -47.57 -31.79 -26.13
C VAL D 303 -46.81 -32.87 -26.92
N GLU D 304 -45.49 -32.66 -27.15
CA GLU D 304 -44.60 -33.59 -27.85
C GLU D 304 -43.43 -33.93 -26.92
N ALA D 305 -43.45 -35.10 -26.28
CA ALA D 305 -42.38 -35.51 -25.37
C ALA D 305 -41.32 -36.35 -26.07
N GLU D 306 -40.05 -36.09 -25.73
CA GLU D 306 -38.86 -36.71 -26.30
C GLU D 306 -37.77 -36.93 -25.26
N ALA D 307 -36.77 -37.79 -25.59
CA ALA D 307 -35.60 -38.00 -24.73
C ALA D 307 -34.52 -37.00 -25.21
N ALA D 308 -33.75 -36.39 -24.29
CA ALA D 308 -32.71 -35.44 -24.67
C ALA D 308 -31.51 -36.08 -25.38
N HIS D 309 -31.14 -37.32 -25.03
CA HIS D 309 -30.01 -38.01 -25.64
C HIS D 309 -30.24 -38.33 -27.14
N GLY D 310 -29.15 -38.67 -27.85
CA GLY D 310 -29.19 -39.04 -29.26
C GLY D 310 -29.61 -40.48 -29.47
N THR D 311 -29.32 -41.03 -30.67
CA THR D 311 -29.70 -42.42 -30.99
C THR D 311 -28.85 -43.49 -30.30
N VAL D 312 -27.77 -43.09 -29.61
CA VAL D 312 -26.85 -43.98 -28.91
C VAL D 312 -26.24 -44.96 -29.92
N THR D 313 -25.51 -44.43 -30.91
CA THR D 313 -24.85 -45.18 -31.98
C THR D 313 -23.77 -46.10 -31.44
N ARG D 314 -22.94 -45.61 -30.48
CA ARG D 314 -21.84 -46.40 -29.89
C ARG D 314 -22.32 -47.73 -29.36
N HIS D 315 -23.48 -47.75 -28.66
CA HIS D 315 -24.02 -48.98 -28.12
C HIS D 315 -24.65 -49.83 -29.20
N TYR D 316 -25.25 -49.20 -30.23
CA TYR D 316 -25.85 -49.94 -31.33
C TYR D 316 -24.82 -50.72 -32.12
N ARG D 317 -23.60 -50.15 -32.27
CA ARG D 317 -22.51 -50.83 -32.99
C ARG D 317 -22.09 -52.09 -32.22
N MET D 318 -22.10 -52.03 -30.87
CA MET D 318 -21.77 -53.17 -30.01
C MET D 318 -22.89 -54.21 -30.13
N TYR D 319 -24.15 -53.76 -30.16
CA TYR D 319 -25.31 -54.63 -30.29
C TYR D 319 -25.26 -55.40 -31.60
N GLN D 320 -24.85 -54.74 -32.69
CA GLN D 320 -24.70 -55.37 -34.01
C GLN D 320 -23.58 -56.41 -33.98
N LYS D 321 -22.50 -56.13 -33.25
CA LYS D 321 -21.39 -57.06 -33.13
C LYS D 321 -21.66 -58.21 -32.12
N GLY D 322 -22.77 -58.15 -31.40
CA GLY D 322 -23.13 -59.16 -30.41
C GLY D 322 -22.55 -58.91 -29.03
N GLN D 323 -21.95 -57.75 -28.78
CA GLN D 323 -21.36 -57.39 -27.50
C GLN D 323 -22.43 -56.95 -26.48
N GLU D 324 -22.14 -57.08 -25.19
CA GLU D 324 -23.07 -56.68 -24.13
C GLU D 324 -23.18 -55.17 -24.08
N THR D 325 -24.41 -54.64 -23.96
CA THR D 325 -24.65 -53.20 -23.93
C THR D 325 -25.34 -52.76 -22.66
N SER D 326 -24.98 -51.58 -22.15
CA SER D 326 -25.60 -51.04 -20.95
C SER D 326 -26.08 -49.65 -21.24
N THR D 327 -27.30 -49.55 -21.78
CA THR D 327 -27.87 -48.26 -22.16
C THR D 327 -28.89 -47.78 -21.12
N ASN D 328 -28.85 -46.51 -20.74
CA ASN D 328 -29.79 -45.98 -19.75
C ASN D 328 -31.11 -45.63 -20.44
N PRO D 329 -32.23 -46.29 -20.05
CA PRO D 329 -33.52 -46.02 -20.68
C PRO D 329 -34.42 -45.03 -19.92
N ILE D 330 -33.95 -44.49 -18.79
CA ILE D 330 -34.70 -43.56 -17.94
C ILE D 330 -35.23 -42.38 -18.76
N ALA D 331 -34.36 -41.78 -19.60
CA ALA D 331 -34.68 -40.66 -20.47
C ALA D 331 -35.83 -40.94 -21.46
N SER D 332 -35.99 -42.20 -21.92
CA SER D 332 -37.03 -42.68 -22.83
C SER D 332 -38.30 -43.09 -22.05
N ILE D 333 -38.13 -43.65 -20.84
CA ILE D 333 -39.25 -44.02 -19.98
C ILE D 333 -39.97 -42.76 -19.54
N PHE D 334 -39.20 -41.74 -19.10
CA PHE D 334 -39.77 -40.49 -18.65
C PHE D 334 -40.48 -39.73 -19.78
N ALA D 335 -40.07 -39.91 -21.05
CA ALA D 335 -40.76 -39.28 -22.18
C ALA D 335 -42.17 -39.89 -22.28
N TRP D 336 -42.29 -41.20 -22.08
CA TRP D 336 -43.56 -41.91 -22.09
C TRP D 336 -44.42 -41.47 -20.91
N THR D 337 -43.85 -41.44 -19.70
CA THR D 337 -44.60 -41.04 -18.52
C THR D 337 -45.14 -39.62 -18.63
N ARG D 338 -44.39 -38.67 -19.22
CA ARG D 338 -44.84 -37.30 -19.35
C ARG D 338 -45.98 -37.19 -20.35
N GLY D 339 -45.90 -37.95 -21.44
CA GLY D 339 -46.95 -37.97 -22.46
C GLY D 339 -48.22 -38.57 -21.90
N LEU D 340 -48.08 -39.66 -21.14
CA LEU D 340 -49.20 -40.35 -20.51
C LEU D 340 -49.83 -39.49 -19.40
N ALA D 341 -49.01 -38.72 -18.68
CA ALA D 341 -49.48 -37.84 -17.63
C ALA D 341 -50.27 -36.70 -18.25
N HIS D 342 -49.84 -36.18 -19.41
CA HIS D 342 -50.54 -35.10 -20.11
C HIS D 342 -51.87 -35.63 -20.65
N ARG D 343 -51.89 -36.87 -21.15
CA ARG D 343 -53.08 -37.56 -21.67
C ARG D 343 -54.11 -37.72 -20.54
N ALA D 344 -53.65 -38.02 -19.32
CA ALA D 344 -54.47 -38.20 -18.13
C ALA D 344 -54.99 -36.86 -17.61
N LYS D 345 -54.15 -35.81 -17.66
CA LYS D 345 -54.52 -34.46 -17.21
C LYS D 345 -55.61 -33.91 -18.09
N LEU D 346 -55.50 -34.15 -19.41
CA LEU D 346 -56.45 -33.68 -20.38
C LEU D 346 -57.79 -34.36 -20.28
N ASP D 347 -57.81 -35.69 -20.09
CA ASP D 347 -59.08 -36.40 -20.02
C ASP D 347 -59.53 -36.74 -18.61
N ASN D 348 -58.92 -36.11 -17.60
CA ASN D 348 -59.25 -36.27 -16.19
C ASN D 348 -59.21 -37.72 -15.73
N ASN D 349 -58.24 -38.51 -16.24
CA ASN D 349 -58.08 -39.90 -15.86
C ASN D 349 -57.20 -39.96 -14.62
N LYS D 350 -57.74 -40.46 -13.51
CA LYS D 350 -57.00 -40.55 -12.26
C LYS D 350 -56.08 -41.76 -12.23
N GLU D 351 -56.54 -42.88 -12.81
CA GLU D 351 -55.78 -44.13 -12.85
C GLU D 351 -54.53 -44.03 -13.71
N LEU D 352 -54.63 -43.38 -14.88
CA LEU D 352 -53.50 -43.21 -15.79
C LEU D 352 -52.46 -42.27 -15.20
N ALA D 353 -52.92 -41.21 -14.52
CA ALA D 353 -52.03 -40.24 -13.89
C ALA D 353 -51.25 -40.92 -12.76
N PHE D 354 -51.93 -41.78 -11.99
CA PHE D 354 -51.30 -42.53 -10.91
C PHE D 354 -50.27 -43.49 -11.50
N PHE D 355 -50.60 -44.17 -12.61
CA PHE D 355 -49.72 -45.11 -13.29
C PHE D 355 -48.44 -44.40 -13.75
N ALA D 356 -48.60 -43.19 -14.31
CA ALA D 356 -47.50 -42.39 -14.81
C ALA D 356 -46.56 -42.01 -13.68
N ASN D 357 -47.11 -41.65 -12.51
CA ASN D 357 -46.30 -41.28 -11.36
C ASN D 357 -45.65 -42.52 -10.74
N ALA D 358 -46.36 -43.66 -10.71
CA ALA D 358 -45.88 -44.90 -10.16
C ALA D 358 -44.67 -45.37 -10.95
N LEU D 359 -44.72 -45.26 -12.30
CA LEU D 359 -43.60 -45.68 -13.15
C LEU D 359 -42.37 -44.79 -12.92
N GLU D 360 -42.56 -43.48 -12.71
CA GLU D 360 -41.45 -42.58 -12.43
C GLU D 360 -40.82 -42.94 -11.10
N GLU D 361 -41.65 -43.23 -10.08
CA GLU D 361 -41.17 -43.59 -8.77
C GLU D 361 -40.43 -44.92 -8.78
N VAL D 362 -40.96 -45.94 -9.51
CA VAL D 362 -40.26 -47.23 -9.61
C VAL D 362 -38.89 -47.05 -10.26
N SER D 363 -38.81 -46.18 -11.29
CA SER D 363 -37.57 -45.90 -11.97
C SER D 363 -36.55 -45.30 -11.00
N ILE D 364 -36.90 -44.20 -10.32
CA ILE D 364 -36.03 -43.51 -9.37
C ILE D 364 -35.60 -44.43 -8.23
N GLU D 365 -36.55 -45.11 -7.57
CA GLU D 365 -36.24 -46.02 -6.46
C GLU D 365 -35.30 -47.16 -6.87
N THR D 366 -35.47 -47.70 -8.09
CA THR D 366 -34.61 -48.79 -8.55
C THR D 366 -33.16 -48.30 -8.72
N ILE D 367 -32.97 -47.07 -9.21
CA ILE D 367 -31.63 -46.49 -9.38
C ILE D 367 -31.02 -46.25 -8.00
N GLU D 368 -31.81 -45.66 -7.08
CA GLU D 368 -31.38 -45.36 -5.71
C GLU D 368 -31.05 -46.60 -4.89
N ALA D 369 -31.71 -47.73 -5.19
CA ALA D 369 -31.47 -48.98 -4.47
C ALA D 369 -30.10 -49.61 -4.77
N GLY D 370 -29.45 -49.20 -5.85
CA GLY D 370 -28.16 -49.76 -6.24
C GLY D 370 -28.14 -50.41 -7.60
N PHE D 371 -29.33 -50.61 -8.21
CA PHE D 371 -29.46 -51.23 -9.52
C PHE D 371 -29.46 -50.12 -10.55
N MET D 372 -28.36 -50.00 -11.30
CA MET D 372 -28.23 -48.97 -12.32
C MET D 372 -27.34 -49.46 -13.48
N THR D 373 -27.32 -48.68 -14.57
CA THR D 373 -26.52 -49.00 -15.75
C THR D 373 -25.04 -48.53 -15.57
N LYS D 374 -24.17 -48.90 -16.52
CA LYS D 374 -22.75 -48.53 -16.48
C LYS D 374 -22.55 -47.02 -16.48
N ASP D 375 -23.35 -46.30 -17.29
CA ASP D 375 -23.30 -44.84 -17.41
C ASP D 375 -23.47 -44.16 -16.05
N LEU D 376 -24.50 -44.54 -15.27
CA LEU D 376 -24.76 -43.93 -13.98
C LEU D 376 -23.78 -44.41 -12.90
N ALA D 377 -23.30 -45.66 -12.99
CA ALA D 377 -22.31 -46.18 -12.06
C ALA D 377 -20.93 -45.49 -12.31
N ALA D 378 -20.68 -44.94 -13.52
CA ALA D 378 -19.42 -44.27 -13.85
C ALA D 378 -19.28 -42.94 -13.14
N CYS D 379 -20.43 -42.24 -12.93
CA CYS D 379 -20.45 -40.95 -12.22
C CYS D 379 -20.29 -41.13 -10.69
N ILE D 380 -20.41 -42.37 -10.18
CA ILE D 380 -20.28 -42.66 -8.77
C ILE D 380 -18.93 -43.33 -8.43
N LYS D 381 -18.65 -44.50 -9.01
CA LYS D 381 -17.39 -45.22 -8.76
C LYS D 381 -16.19 -44.56 -9.41
N GLY D 382 -16.40 -44.05 -10.62
CA GLY D 382 -15.35 -43.43 -11.42
C GLY D 382 -15.19 -44.23 -12.70
N LEU D 383 -14.90 -43.53 -13.82
CA LEU D 383 -14.73 -44.13 -15.15
C LEU D 383 -13.96 -45.46 -15.18
N PRO D 384 -12.73 -45.61 -14.62
CA PRO D 384 -12.06 -46.92 -14.69
C PRO D 384 -12.53 -47.91 -13.62
N ASN D 385 -12.90 -47.40 -12.44
CA ASN D 385 -13.35 -48.17 -11.28
C ASN D 385 -14.58 -49.04 -11.52
N VAL D 386 -15.36 -48.74 -12.56
CA VAL D 386 -16.57 -49.52 -12.83
C VAL D 386 -16.26 -50.96 -13.20
N GLN D 387 -16.62 -51.92 -12.33
CA GLN D 387 -16.45 -53.36 -12.59
C GLN D 387 -17.79 -53.94 -13.11
N ARG D 388 -17.78 -55.16 -13.69
CA ARG D 388 -18.99 -55.78 -14.22
C ARG D 388 -20.11 -55.93 -13.20
N SER D 389 -19.80 -56.38 -11.98
CA SER D 389 -20.77 -56.63 -10.92
C SER D 389 -21.52 -55.38 -10.43
N ASP D 390 -20.91 -54.18 -10.57
CA ASP D 390 -21.50 -52.93 -10.12
C ASP D 390 -22.70 -52.44 -10.96
N TYR D 391 -22.77 -52.86 -12.23
CA TYR D 391 -23.85 -52.44 -13.11
C TYR D 391 -24.61 -53.62 -13.77
N LEU D 392 -25.76 -53.34 -14.41
CA LEU D 392 -26.58 -54.34 -15.13
C LEU D 392 -26.73 -53.91 -16.61
N ASN D 393 -26.69 -54.88 -17.55
CA ASN D 393 -26.85 -54.56 -18.96
C ASN D 393 -28.31 -54.09 -19.25
N THR D 394 -28.58 -53.59 -20.45
CA THR D 394 -29.89 -53.05 -20.81
C THR D 394 -31.08 -53.96 -20.45
N PHE D 395 -31.02 -55.23 -20.82
CA PHE D 395 -32.12 -56.18 -20.59
C PHE D 395 -32.34 -56.53 -19.11
N GLU D 396 -31.26 -56.69 -18.32
CA GLU D 396 -31.40 -56.98 -16.89
C GLU D 396 -32.04 -55.80 -16.17
N PHE D 397 -31.67 -54.57 -16.55
CA PHE D 397 -32.20 -53.36 -15.96
C PHE D 397 -33.68 -53.21 -16.24
N MET D 398 -34.08 -53.52 -17.48
CA MET D 398 -35.47 -53.45 -17.89
C MET D 398 -36.29 -54.51 -17.17
N ASP D 399 -35.73 -55.71 -16.99
CA ASP D 399 -36.41 -56.78 -16.29
C ASP D 399 -36.58 -56.43 -14.82
N LYS D 400 -35.57 -55.81 -14.20
CA LYS D 400 -35.64 -55.38 -12.79
C LYS D 400 -36.72 -54.32 -12.64
N LEU D 401 -36.76 -53.38 -13.59
CA LEU D 401 -37.74 -52.30 -13.58
C LEU D 401 -39.15 -52.85 -13.72
N GLY D 402 -39.33 -53.83 -14.59
CA GLY D 402 -40.62 -54.47 -14.81
C GLY D 402 -41.11 -55.22 -13.58
N GLU D 403 -40.19 -55.94 -12.91
CA GLU D 403 -40.48 -56.71 -11.71
C GLU D 403 -40.92 -55.77 -10.59
N ASN D 404 -40.15 -54.70 -10.37
CA ASN D 404 -40.44 -53.72 -9.34
C ASN D 404 -41.72 -52.92 -9.64
N LEU D 405 -42.03 -52.70 -10.93
CA LEU D 405 -43.23 -52.00 -11.35
C LEU D 405 -44.44 -52.86 -10.99
N LYS D 406 -44.38 -54.17 -11.27
CA LYS D 406 -45.47 -55.08 -10.98
C LYS D 406 -45.80 -55.10 -9.51
N ILE D 407 -44.77 -55.23 -8.63
CA ILE D 407 -44.93 -55.26 -7.19
C ILE D 407 -45.45 -53.93 -6.67
N LYS D 408 -45.00 -52.80 -7.27
CA LYS D 408 -45.47 -51.49 -6.85
C LYS D 408 -46.94 -51.31 -7.13
N LEU D 409 -47.42 -51.69 -8.32
CA LEU D 409 -48.83 -51.53 -8.66
C LEU D 409 -49.70 -52.52 -7.87
N ALA D 410 -49.19 -53.73 -7.58
CA ALA D 410 -49.95 -54.71 -6.82
C ALA D 410 -50.10 -54.23 -5.37
N GLN D 411 -49.02 -53.67 -4.80
CA GLN D 411 -49.04 -53.15 -3.44
C GLN D 411 -49.87 -51.88 -3.30
N ALA D 412 -50.02 -51.10 -4.40
CA ALA D 412 -50.78 -49.86 -4.46
C ALA D 412 -52.29 -50.08 -4.64
N LYS D 413 -52.67 -50.97 -5.59
CA LYS D 413 -54.04 -51.28 -5.97
C LYS D 413 -54.27 -52.79 -6.03
N ZT3 E . 12.72 29.09 17.36
C ZT3 E . 13.88 27.47 18.64
O ZT3 E . 16.75 28.23 18.92
C1 ZT3 E . 13.48 27.99 17.43
C10 ZT3 E . 15.09 24.53 14.30
C11 ZT3 E . 14.37 25.64 14.68
C12 ZT3 E . 16.33 24.66 16.32
C13 ZT3 E . 16.07 24.04 15.13
C14 ZT3 E . 16.73 27.45 17.97
C15 ZT3 E . 16.87 22.84 14.76
C16 ZT3 E . 17.40 24.09 17.19
C18 ZT3 E . 18.85 28.12 17.31
C19 ZT3 E . 19.12 29.43 17.03
C2 ZT3 E . 12.38 29.67 18.51
C20 ZT3 E . 20.32 29.97 17.42
C21 ZT3 E . 21.25 29.21 18.09
C22 ZT3 E . 20.95 27.89 18.36
C23 ZT3 E . 19.76 27.34 17.97
C24 ZT3 E . 22.57 29.77 18.54
C25 ZT3 E . 23.72 28.90 18.07
C26 ZT3 E . 22.56 29.78 20.05
C27 ZT3 E . 22.80 31.19 18.05
C3 ZT3 E . 12.73 29.23 19.76
C4 ZT3 E . 13.50 28.10 19.82
C5 ZT3 E . 14.73 26.27 18.78
C6 ZT3 E . 14.61 26.28 15.87
C7 ZT3 E . 15.60 25.77 16.67
N17 ZT3 E . 17.63 27.57 16.93
N8 ZT3 E . 15.85 26.39 17.89
N9 ZT3 E . 13.83 27.42 16.18
N ZT3 F . 24.64 21.87 30.91
C ZT3 F . 23.67 23.62 29.63
O ZT3 F . 22.40 22.97 26.82
C1 ZT3 F . 24.73 22.79 29.94
C10 ZT3 F . 28.40 24.45 27.08
C11 ZT3 F . 27.82 23.73 28.10
C12 ZT3 F . 26.24 24.96 26.23
C13 ZT3 F . 27.61 25.06 26.15
C14 ZT3 F . 23.61 23.12 26.67
C15 ZT3 F . 28.23 25.83 25.05
C16 ZT3 F . 25.42 25.63 25.21
C18 ZT3 F . 23.93 21.31 25.04
C19 ZT3 F . 22.63 21.31 24.59
C2 ZT3 F . 23.49 21.76 31.57
C20 ZT3 F . 22.16 20.29 23.81
C21 ZT3 F . 22.98 19.25 23.43
C22 ZT3 F . 24.29 19.26 23.89
C23 ZT3 F . 24.77 20.28 24.66
C24 ZT3 F . 22.45 18.13 22.59
C25 ZT3 F . 21.34 18.57 21.66
C26 ZT3 F . 21.90 17.09 23.54
C27 ZT3 F . 23.52 17.48 21.73
C3 ZT3 F . 22.39 22.54 31.33
C4 ZT3 F . 22.49 23.49 30.34
C5 ZT3 F . 23.74 24.64 28.57
C6 ZT3 F . 26.46 23.62 28.22
C7 ZT3 F . 25.68 24.23 27.26
N17 ZT3 F . 24.41 22.35 25.84
N8 ZT3 F . 24.29 24.11 27.36
N9 ZT3 F . 25.97 22.84 29.28
N ZT3 G . -12.78 -29.04 -16.41
C ZT3 G . -14.73 -28.79 -15.10
O ZT3 G . -18.31 -28.72 -15.71
C1 ZT3 G . -13.80 -28.29 -15.98
C10 ZT3 G . -14.96 -23.52 -16.42
C11 ZT3 G . -14.21 -24.65 -16.56
C12 ZT3 G . -16.81 -24.85 -15.75
C13 ZT3 G . -16.27 -23.62 -16.01
C14 ZT3 G . -17.70 -27.80 -16.22
C15 ZT3 G . -17.11 -22.41 -15.86
C16 ZT3 G . -18.23 -24.81 -15.29
C18 ZT3 G . -18.67 -27.65 -18.49
C19 ZT3 G . -18.72 -28.99 -18.66
C2 ZT3 G . -12.68 -30.29 -15.94
C20 ZT3 G . -19.29 -29.49 -19.79
C21 ZT3 G . -19.82 -28.66 -20.76
C22 ZT3 G . -19.75 -27.30 -20.58
C23 ZT3 G . -19.18 -26.78 -19.44
C24 ZT3 G . -20.41 -29.31 -21.98
C25 ZT3 G . -21.30 -28.38 -22.78
C26 ZT3 G . -21.21 -30.55 -21.65
C27 ZT3 G . -19.23 -29.71 -22.84
C3 ZT3 G . -13.57 -30.86 -15.06
C4 ZT3 G . -14.61 -30.08 -14.64
C5 ZT3 G . -15.89 -27.99 -14.61
C6 ZT3 G . -14.73 -25.90 -16.31
C7 ZT3 G . -16.05 -25.99 -15.91
N17 ZT3 G . -18.08 -27.12 -17.35
N8 ZT3 G . -16.55 -27.29 -15.66
N9 ZT3 G . -13.84 -26.99 -16.51
N ZT3 H . -32.39 -29.81 -12.24
C ZT3 H . -30.31 -30.39 -13.23
O ZT3 H . -28.03 -28.23 -13.23
C1 ZT3 H . -31.55 -29.78 -13.29
C10 ZT3 H . -31.89 -28.38 -18.01
C11 ZT3 H . -32.35 -28.63 -16.74
C12 ZT3 H . -29.65 -28.61 -17.24
C13 ZT3 H . -30.54 -28.37 -18.26
C14 ZT3 H . -28.76 -28.05 -14.18
C15 ZT3 H . -30.02 -28.09 -19.62
C16 ZT3 H . -28.19 -28.60 -17.53
C18 ZT3 H . -28.36 -25.70 -14.33
C19 ZT3 H . -28.87 -24.69 -13.54
C2 ZT3 H . -31.99 -30.43 -11.14
C20 ZT3 H . -28.08 -23.61 -13.26
C21 ZT3 H . -26.80 -23.50 -13.76
C22 ZT3 H . -26.32 -24.52 -14.55
C23 ZT3 H . -27.09 -25.61 -14.85
C24 ZT3 H . -26.01 -22.27 -13.41
C25 ZT3 H . -24.57 -22.33 -13.88
C26 ZT3 H . -26.00 -22.09 -11.91
C27 ZT3 H . -26.69 -21.08 -14.03
C3 ZT3 H . -30.77 -31.06 -11.00
C4 ZT3 H . -29.91 -31.03 -12.07
C5 ZT3 H . -29.35 -30.39 -14.36
C6 ZT3 H . -31.48 -28.88 -15.69
C7 ZT3 H . -30.13 -28.86 -15.98
N17 ZT3 H . -29.16 -26.81 -14.59
N8 ZT3 H . -29.23 -29.10 -14.94
N9 ZT3 H . -32.04 -29.11 -14.42
#